data_8WOJ
# 
_entry.id   8WOJ 
# 
_audit_conform.dict_name       mmcif_pdbx.dic 
_audit_conform.dict_version    5.398 
_audit_conform.dict_location   http://mmcif.pdb.org/dictionaries/ascii/mmcif_pdbx.dic 
# 
loop_
_database_2.database_id 
_database_2.database_code 
_database_2.pdbx_database_accession 
_database_2.pdbx_DOI 
PDB   8WOJ         pdb_00008woj 10.2210/pdb8woj/pdb 
WWPDB D_1300041659 ?            ?                   
# 
loop_
_pdbx_audit_revision_history.ordinal 
_pdbx_audit_revision_history.data_content_type 
_pdbx_audit_revision_history.major_revision 
_pdbx_audit_revision_history.minor_revision 
_pdbx_audit_revision_history.revision_date 
1 'Structure model' 1 0 2023-12-06 
2 'Structure model' 1 1 2024-11-20 
# 
_pdbx_audit_revision_details.ordinal             1 
_pdbx_audit_revision_details.revision_ordinal    1 
_pdbx_audit_revision_details.data_content_type   'Structure model' 
_pdbx_audit_revision_details.provider            repository 
_pdbx_audit_revision_details.type                'Initial release' 
_pdbx_audit_revision_details.description         ? 
_pdbx_audit_revision_details.details             ? 
# 
_pdbx_audit_revision_group.ordinal             1 
_pdbx_audit_revision_group.revision_ordinal    2 
_pdbx_audit_revision_group.data_content_type   'Structure model' 
_pdbx_audit_revision_group.group               'Structure summary' 
# 
loop_
_pdbx_audit_revision_category.ordinal 
_pdbx_audit_revision_category.revision_ordinal 
_pdbx_audit_revision_category.data_content_type 
_pdbx_audit_revision_category.category 
1 2 'Structure model' pdbx_entry_details        
2 2 'Structure model' pdbx_modification_feature 
# 
_pdbx_audit_revision_item.ordinal             1 
_pdbx_audit_revision_item.revision_ordinal    2 
_pdbx_audit_revision_item.data_content_type   'Structure model' 
_pdbx_audit_revision_item.item                '_pdbx_entry_details.has_protein_modification' 
# 
_pdbx_database_status.status_code                     REL 
_pdbx_database_status.status_code_sf                  REL 
_pdbx_database_status.status_code_mr                  ? 
_pdbx_database_status.entry_id                        8WOJ 
_pdbx_database_status.recvd_initial_deposition_date   2023-10-07 
_pdbx_database_status.SG_entry                        N 
_pdbx_database_status.deposit_site                    PDBJ 
_pdbx_database_status.process_site                    PDBC 
_pdbx_database_status.status_code_cs                  ? 
_pdbx_database_status.status_code_nmr_data            ? 
_pdbx_database_status.methods_development_category    ? 
_pdbx_database_status.pdb_format_compatible           Y 
# 
_pdbx_contact_author.id                 2 
_pdbx_contact_author.email              cancanyang@sdau.edu.cn 
_pdbx_contact_author.name_first         Cancan 
_pdbx_contact_author.name_last          Yang 
_pdbx_contact_author.name_mi            ? 
_pdbx_contact_author.role               'principal investigator/group leader' 
_pdbx_contact_author.identifier_ORCID   0000-0002-9841-3545 
# 
loop_
_audit_author.name 
_audit_author.pdbx_ordinal 
_audit_author.identifier_ORCID 
'Yang, C.C.'  1 0000-0002-9841-3545 
'Zhang, X.G.' 2 0000-0001-9733-8494 
# 
_citation.abstract                  ? 
_citation.abstract_id_CAS           ? 
_citation.book_id_ISBN              ? 
_citation.book_publisher            ? 
_citation.book_publisher_city       ? 
_citation.book_title                ? 
_citation.coordinate_linkage        ? 
_citation.country                   ? 
_citation.database_id_Medline       ? 
_citation.details                   ? 
_citation.id                        primary 
_citation.journal_abbrev            'To be published' 
_citation.journal_id_ASTM           ? 
_citation.journal_id_CSD            0353 
_citation.journal_id_ISSN           ? 
_citation.journal_full              ? 
_citation.journal_issue             ? 
_citation.journal_volume            ? 
_citation.language                  ? 
_citation.page_first                ? 
_citation.page_last                 ? 
_citation.title                     'Structure of RxLR121 effector from phytophthora capsici' 
_citation.year                      ? 
_citation.database_id_CSD           ? 
_citation.pdbx_database_id_DOI      ? 
_citation.pdbx_database_id_PubMed   ? 
_citation.pdbx_database_id_patent   ? 
_citation.unpublished_flag          ? 
# 
loop_
_citation_author.citation_id 
_citation_author.name 
_citation_author.ordinal 
_citation_author.identifier_ORCID 
primary 'Yang, C.C.'  1 0000-0002-9841-3545 
primary 'Zhang, X.G.' 2 0000-0001-9733-8494 
# 
loop_
_entity.id 
_entity.type 
_entity.src_method 
_entity.pdbx_description 
_entity.formula_weight 
_entity.pdbx_number_of_molecules 
_entity.pdbx_ec 
_entity.pdbx_mutation 
_entity.pdbx_fragment 
_entity.details 
1 polymer man 'RxLR121 effector' 9410.081 2   ? ? ? ? 
2 water   nat water              18.015   144 ? ? ? ? 
# 
_entity_poly.entity_id                      1 
_entity_poly.type                           'polypeptide(L)' 
_entity_poly.nstd_linkage                   no 
_entity_poly.nstd_monomer                   yes 
_entity_poly.pdbx_seq_one_letter_code       
;AFTYTFNFSLWDDLFNSLPEQFQR(MSE)RKEPWYLRRIFRSWRSG(MSE)GTSDEAVAY(MSE)RSQGLSQKAIDQFED
AYIKYRAH
;
_entity_poly.pdbx_seq_one_letter_code_can   AFTYTFNFSLWDDLFNSLPEQFQRMRKEPWYLRRIFRSWRSGMGTSDEAVAYMRSQGLSQKAIDQFEDAYIKYRAH 
_entity_poly.pdbx_strand_id                 A,B 
_entity_poly.pdbx_target_identifier         ? 
# 
_pdbx_entity_nonpoly.entity_id   2 
_pdbx_entity_nonpoly.name        water 
_pdbx_entity_nonpoly.comp_id     HOH 
# 
loop_
_entity_poly_seq.entity_id 
_entity_poly_seq.num 
_entity_poly_seq.mon_id 
_entity_poly_seq.hetero 
1 1  ALA n 
1 2  PHE n 
1 3  THR n 
1 4  TYR n 
1 5  THR n 
1 6  PHE n 
1 7  ASN n 
1 8  PHE n 
1 9  SER n 
1 10 LEU n 
1 11 TRP n 
1 12 ASP n 
1 13 ASP n 
1 14 LEU n 
1 15 PHE n 
1 16 ASN n 
1 17 SER n 
1 18 LEU n 
1 19 PRO n 
1 20 GLU n 
1 21 GLN n 
1 22 PHE n 
1 23 GLN n 
1 24 ARG n 
1 25 MSE n 
1 26 ARG n 
1 27 LYS n 
1 28 GLU n 
1 29 PRO n 
1 30 TRP n 
1 31 TYR n 
1 32 LEU n 
1 33 ARG n 
1 34 ARG n 
1 35 ILE n 
1 36 PHE n 
1 37 ARG n 
1 38 SER n 
1 39 TRP n 
1 40 ARG n 
1 41 SER n 
1 42 GLY n 
1 43 MSE n 
1 44 GLY n 
1 45 THR n 
1 46 SER n 
1 47 ASP n 
1 48 GLU n 
1 49 ALA n 
1 50 VAL n 
1 51 ALA n 
1 52 TYR n 
1 53 MSE n 
1 54 ARG n 
1 55 SER n 
1 56 GLN n 
1 57 GLY n 
1 58 LEU n 
1 59 SER n 
1 60 GLN n 
1 61 LYS n 
1 62 ALA n 
1 63 ILE n 
1 64 ASP n 
1 65 GLN n 
1 66 PHE n 
1 67 GLU n 
1 68 ASP n 
1 69 ALA n 
1 70 TYR n 
1 71 ILE n 
1 72 LYS n 
1 73 TYR n 
1 74 ARG n 
1 75 ALA n 
1 76 HIS n 
# 
_entity_src_gen.entity_id                          1 
_entity_src_gen.pdbx_src_id                        1 
_entity_src_gen.pdbx_alt_source_flag               sample 
_entity_src_gen.pdbx_seq_type                      'Biological sequence' 
_entity_src_gen.pdbx_beg_seq_num                   1 
_entity_src_gen.pdbx_end_seq_num                   76 
_entity_src_gen.gene_src_common_name               ? 
_entity_src_gen.gene_src_genus                     ? 
_entity_src_gen.pdbx_gene_src_gene                 ? 
_entity_src_gen.gene_src_species                   ? 
_entity_src_gen.gene_src_strain                    ? 
_entity_src_gen.gene_src_tissue                    ? 
_entity_src_gen.gene_src_tissue_fraction           ? 
_entity_src_gen.gene_src_details                   ? 
_entity_src_gen.pdbx_gene_src_fragment             ? 
_entity_src_gen.pdbx_gene_src_scientific_name      'Phytophthora capsici LT1534' 
_entity_src_gen.pdbx_gene_src_ncbi_taxonomy_id     763924 
_entity_src_gen.pdbx_gene_src_variant              ? 
_entity_src_gen.pdbx_gene_src_cell_line            ? 
_entity_src_gen.pdbx_gene_src_atcc                 ? 
_entity_src_gen.pdbx_gene_src_organ                ? 
_entity_src_gen.pdbx_gene_src_organelle            ? 
_entity_src_gen.pdbx_gene_src_cell                 ? 
_entity_src_gen.pdbx_gene_src_cellular_location    ? 
_entity_src_gen.host_org_common_name               ? 
_entity_src_gen.pdbx_host_org_scientific_name      'Escherichia coli' 
_entity_src_gen.pdbx_host_org_ncbi_taxonomy_id     562 
_entity_src_gen.host_org_genus                     ? 
_entity_src_gen.pdbx_host_org_gene                 ? 
_entity_src_gen.pdbx_host_org_organ                ? 
_entity_src_gen.host_org_species                   ? 
_entity_src_gen.pdbx_host_org_tissue               ? 
_entity_src_gen.pdbx_host_org_tissue_fraction      ? 
_entity_src_gen.pdbx_host_org_strain               ? 
_entity_src_gen.pdbx_host_org_variant              ? 
_entity_src_gen.pdbx_host_org_cell_line            ? 
_entity_src_gen.pdbx_host_org_atcc                 ? 
_entity_src_gen.pdbx_host_org_culture_collection   ? 
_entity_src_gen.pdbx_host_org_cell                 ? 
_entity_src_gen.pdbx_host_org_organelle            ? 
_entity_src_gen.pdbx_host_org_cellular_location    ? 
_entity_src_gen.pdbx_host_org_vector_type          ? 
_entity_src_gen.pdbx_host_org_vector               ? 
_entity_src_gen.host_org_details                   ? 
_entity_src_gen.expression_system_id               ? 
_entity_src_gen.plasmid_name                       ? 
_entity_src_gen.plasmid_details                    ? 
_entity_src_gen.pdbx_description                   ? 
# 
loop_
_chem_comp.id 
_chem_comp.type 
_chem_comp.mon_nstd_flag 
_chem_comp.name 
_chem_comp.pdbx_synonyms 
_chem_comp.formula 
_chem_comp.formula_weight 
ALA 'L-peptide linking' y ALANINE          ? 'C3 H7 N O2'     89.093  
ARG 'L-peptide linking' y ARGININE         ? 'C6 H15 N4 O2 1' 175.209 
ASN 'L-peptide linking' y ASPARAGINE       ? 'C4 H8 N2 O3'    132.118 
ASP 'L-peptide linking' y 'ASPARTIC ACID'  ? 'C4 H7 N O4'     133.103 
GLN 'L-peptide linking' y GLUTAMINE        ? 'C5 H10 N2 O3'   146.144 
GLU 'L-peptide linking' y 'GLUTAMIC ACID'  ? 'C5 H9 N O4'     147.129 
GLY 'peptide linking'   y GLYCINE          ? 'C2 H5 N O2'     75.067  
HIS 'L-peptide linking' y HISTIDINE        ? 'C6 H10 N3 O2 1' 156.162 
HOH non-polymer         . WATER            ? 'H2 O'           18.015  
ILE 'L-peptide linking' y ISOLEUCINE       ? 'C6 H13 N O2'    131.173 
LEU 'L-peptide linking' y LEUCINE          ? 'C6 H13 N O2'    131.173 
LYS 'L-peptide linking' y LYSINE           ? 'C6 H15 N2 O2 1' 147.195 
MSE 'L-peptide linking' n SELENOMETHIONINE ? 'C5 H11 N O2 Se' 196.106 
PHE 'L-peptide linking' y PHENYLALANINE    ? 'C9 H11 N O2'    165.189 
PRO 'L-peptide linking' y PROLINE          ? 'C5 H9 N O2'     115.130 
SER 'L-peptide linking' y SERINE           ? 'C3 H7 N O3'     105.093 
THR 'L-peptide linking' y THREONINE        ? 'C4 H9 N O3'     119.119 
TRP 'L-peptide linking' y TRYPTOPHAN       ? 'C11 H12 N2 O2'  204.225 
TYR 'L-peptide linking' y TYROSINE         ? 'C9 H11 N O3'    181.189 
VAL 'L-peptide linking' y VALINE           ? 'C5 H11 N O2'    117.146 
# 
loop_
_pdbx_poly_seq_scheme.asym_id 
_pdbx_poly_seq_scheme.entity_id 
_pdbx_poly_seq_scheme.seq_id 
_pdbx_poly_seq_scheme.mon_id 
_pdbx_poly_seq_scheme.ndb_seq_num 
_pdbx_poly_seq_scheme.pdb_seq_num 
_pdbx_poly_seq_scheme.auth_seq_num 
_pdbx_poly_seq_scheme.pdb_mon_id 
_pdbx_poly_seq_scheme.auth_mon_id 
_pdbx_poly_seq_scheme.pdb_strand_id 
_pdbx_poly_seq_scheme.pdb_ins_code 
_pdbx_poly_seq_scheme.hetero 
A 1 1  ALA 1  25  ?   ?   ?   A . n 
A 1 2  PHE 2  26  26  PHE PHE A . n 
A 1 3  THR 3  27  27  THR THR A . n 
A 1 4  TYR 4  28  28  TYR TYR A . n 
A 1 5  THR 5  29  29  THR THR A . n 
A 1 6  PHE 6  30  30  PHE PHE A . n 
A 1 7  ASN 7  31  31  ASN ASN A . n 
A 1 8  PHE 8  32  32  PHE PHE A . n 
A 1 9  SER 9  33  33  SER SER A . n 
A 1 10 LEU 10 34  34  LEU LEU A . n 
A 1 11 TRP 11 35  35  TRP TRP A . n 
A 1 12 ASP 12 36  36  ASP ASP A . n 
A 1 13 ASP 13 37  37  ASP ASP A . n 
A 1 14 LEU 14 38  38  LEU LEU A . n 
A 1 15 PHE 15 39  39  PHE PHE A . n 
A 1 16 ASN 16 40  40  ASN ASN A . n 
A 1 17 SER 17 41  41  SER SER A . n 
A 1 18 LEU 18 42  42  LEU LEU A . n 
A 1 19 PRO 19 43  43  PRO PRO A . n 
A 1 20 GLU 20 44  44  GLU GLU A . n 
A 1 21 GLN 21 45  45  GLN GLN A . n 
A 1 22 PHE 22 46  46  PHE PHE A . n 
A 1 23 GLN 23 47  47  GLN GLN A . n 
A 1 24 ARG 24 48  48  ARG ARG A . n 
A 1 25 MSE 25 49  49  MSE MSE A . n 
A 1 26 ARG 26 50  50  ARG ARG A . n 
A 1 27 LYS 27 51  51  LYS LYS A . n 
A 1 28 GLU 28 52  52  GLU GLU A . n 
A 1 29 PRO 29 53  53  PRO PRO A . n 
A 1 30 TRP 30 54  54  TRP TRP A . n 
A 1 31 TYR 31 55  55  TYR TYR A . n 
A 1 32 LEU 32 56  56  LEU LEU A . n 
A 1 33 ARG 33 57  57  ARG ARG A . n 
A 1 34 ARG 34 58  58  ARG ARG A . n 
A 1 35 ILE 35 59  59  ILE ILE A . n 
A 1 36 PHE 36 60  60  PHE PHE A . n 
A 1 37 ARG 37 61  61  ARG ARG A . n 
A 1 38 SER 38 62  62  SER SER A . n 
A 1 39 TRP 39 63  63  TRP TRP A . n 
A 1 40 ARG 40 64  64  ARG ARG A . n 
A 1 41 SER 41 65  65  SER SER A . n 
A 1 42 GLY 42 66  66  GLY GLY A . n 
A 1 43 MSE 43 67  67  MSE MSE A . n 
A 1 44 GLY 44 68  68  GLY GLY A . n 
A 1 45 THR 45 69  69  THR THR A . n 
A 1 46 SER 46 70  70  SER SER A . n 
A 1 47 ASP 47 71  71  ASP ASP A . n 
A 1 48 GLU 48 72  72  GLU GLU A . n 
A 1 49 ALA 49 73  73  ALA ALA A . n 
A 1 50 VAL 50 74  74  VAL VAL A . n 
A 1 51 ALA 51 75  75  ALA ALA A . n 
A 1 52 TYR 52 76  76  TYR TYR A . n 
A 1 53 MSE 53 77  77  MSE MSE A . n 
A 1 54 ARG 54 78  78  ARG ARG A . n 
A 1 55 SER 55 79  79  SER SER A . n 
A 1 56 GLN 56 80  80  GLN GLN A . n 
A 1 57 GLY 57 81  81  GLY GLY A . n 
A 1 58 LEU 58 82  82  LEU LEU A . n 
A 1 59 SER 59 83  83  SER SER A . n 
A 1 60 GLN 60 84  84  GLN GLN A . n 
A 1 61 LYS 61 85  85  LYS LYS A . n 
A 1 62 ALA 62 86  86  ALA ALA A . n 
A 1 63 ILE 63 87  87  ILE ILE A . n 
A 1 64 ASP 64 88  88  ASP ASP A . n 
A 1 65 GLN 65 89  89  GLN GLN A . n 
A 1 66 PHE 66 90  90  PHE PHE A . n 
A 1 67 GLU 67 91  91  GLU GLU A . n 
A 1 68 ASP 68 92  92  ASP ASP A . n 
A 1 69 ALA 69 93  93  ALA ALA A . n 
A 1 70 TYR 70 94  94  TYR TYR A . n 
A 1 71 ILE 71 95  95  ILE ILE A . n 
A 1 72 LYS 72 96  96  LYS LYS A . n 
A 1 73 TYR 73 97  97  TYR TYR A . n 
A 1 74 ARG 74 98  98  ARG ARG A . n 
A 1 75 ALA 75 99  99  ALA ALA A . n 
A 1 76 HIS 76 100 100 HIS HIS A . n 
B 1 1  ALA 1  25  25  ALA ALA B . n 
B 1 2  PHE 2  26  26  PHE PHE B . n 
B 1 3  THR 3  27  27  THR THR B . n 
B 1 4  TYR 4  28  28  TYR TYR B . n 
B 1 5  THR 5  29  29  THR THR B . n 
B 1 6  PHE 6  30  30  PHE PHE B . n 
B 1 7  ASN 7  31  31  ASN ASN B . n 
B 1 8  PHE 8  32  32  PHE PHE B . n 
B 1 9  SER 9  33  33  SER SER B . n 
B 1 10 LEU 10 34  34  LEU LEU B . n 
B 1 11 TRP 11 35  35  TRP TRP B . n 
B 1 12 ASP 12 36  36  ASP ASP B . n 
B 1 13 ASP 13 37  37  ASP ASP B . n 
B 1 14 LEU 14 38  38  LEU LEU B . n 
B 1 15 PHE 15 39  39  PHE PHE B . n 
B 1 16 ASN 16 40  40  ASN ASN B . n 
B 1 17 SER 17 41  41  SER SER B . n 
B 1 18 LEU 18 42  42  LEU LEU B . n 
B 1 19 PRO 19 43  43  PRO PRO B . n 
B 1 20 GLU 20 44  44  GLU GLU B . n 
B 1 21 GLN 21 45  45  GLN GLN B . n 
B 1 22 PHE 22 46  46  PHE PHE B . n 
B 1 23 GLN 23 47  47  GLN GLN B . n 
B 1 24 ARG 24 48  48  ARG ARG B . n 
B 1 25 MSE 25 49  49  MSE MSE B . n 
B 1 26 ARG 26 50  50  ARG ARG B . n 
B 1 27 LYS 27 51  51  LYS LYS B . n 
B 1 28 GLU 28 52  52  GLU GLU B . n 
B 1 29 PRO 29 53  53  PRO PRO B . n 
B 1 30 TRP 30 54  54  TRP TRP B . n 
B 1 31 TYR 31 55  55  TYR TYR B . n 
B 1 32 LEU 32 56  56  LEU LEU B . n 
B 1 33 ARG 33 57  57  ARG ARG B . n 
B 1 34 ARG 34 58  58  ARG ARG B . n 
B 1 35 ILE 35 59  59  ILE ILE B . n 
B 1 36 PHE 36 60  60  PHE PHE B . n 
B 1 37 ARG 37 61  61  ARG ARG B . n 
B 1 38 SER 38 62  62  SER SER B . n 
B 1 39 TRP 39 63  63  TRP TRP B . n 
B 1 40 ARG 40 64  64  ARG ARG B . n 
B 1 41 SER 41 65  65  SER SER B . n 
B 1 42 GLY 42 66  66  GLY GLY B . n 
B 1 43 MSE 43 67  67  MSE MSE B . n 
B 1 44 GLY 44 68  68  GLY GLY B . n 
B 1 45 THR 45 69  69  THR THR B . n 
B 1 46 SER 46 70  70  SER SER B . n 
B 1 47 ASP 47 71  71  ASP ASP B . n 
B 1 48 GLU 48 72  72  GLU GLU B . n 
B 1 49 ALA 49 73  73  ALA ALA B . n 
B 1 50 VAL 50 74  74  VAL VAL B . n 
B 1 51 ALA 51 75  75  ALA ALA B . n 
B 1 52 TYR 52 76  76  TYR TYR B . n 
B 1 53 MSE 53 77  77  MSE MSE B . n 
B 1 54 ARG 54 78  78  ARG ARG B . n 
B 1 55 SER 55 79  79  SER SER B . n 
B 1 56 GLN 56 80  80  GLN GLN B . n 
B 1 57 GLY 57 81  81  GLY GLY B . n 
B 1 58 LEU 58 82  82  LEU LEU B . n 
B 1 59 SER 59 83  83  SER SER B . n 
B 1 60 GLN 60 84  84  GLN GLN B . n 
B 1 61 LYS 61 85  85  LYS LYS B . n 
B 1 62 ALA 62 86  86  ALA ALA B . n 
B 1 63 ILE 63 87  87  ILE ILE B . n 
B 1 64 ASP 64 88  88  ASP ASP B . n 
B 1 65 GLN 65 89  89  GLN GLN B . n 
B 1 66 PHE 66 90  90  PHE PHE B . n 
B 1 67 GLU 67 91  91  GLU GLU B . n 
B 1 68 ASP 68 92  92  ASP ASP B . n 
B 1 69 ALA 69 93  93  ALA ALA B . n 
B 1 70 TYR 70 94  94  TYR TYR B . n 
B 1 71 ILE 71 95  95  ILE ILE B . n 
B 1 72 LYS 72 96  96  LYS LYS B . n 
B 1 73 TYR 73 97  97  TYR TYR B . n 
B 1 74 ARG 74 98  98  ARG ARG B . n 
B 1 75 ALA 75 99  99  ALA ALA B . n 
B 1 76 HIS 76 100 100 HIS HIS B . n 
# 
_pdbx_entity_instance_feature.ordinal        1 
_pdbx_entity_instance_feature.comp_id        MSE 
_pdbx_entity_instance_feature.asym_id        ? 
_pdbx_entity_instance_feature.seq_num        ? 
_pdbx_entity_instance_feature.auth_comp_id   MSE 
_pdbx_entity_instance_feature.auth_asym_id   ? 
_pdbx_entity_instance_feature.auth_seq_num   ? 
_pdbx_entity_instance_feature.feature_type   'SUBJECT OF INVESTIGATION' 
_pdbx_entity_instance_feature.details        ? 
# 
loop_
_pdbx_nonpoly_scheme.asym_id 
_pdbx_nonpoly_scheme.entity_id 
_pdbx_nonpoly_scheme.mon_id 
_pdbx_nonpoly_scheme.ndb_seq_num 
_pdbx_nonpoly_scheme.pdb_seq_num 
_pdbx_nonpoly_scheme.auth_seq_num 
_pdbx_nonpoly_scheme.pdb_mon_id 
_pdbx_nonpoly_scheme.auth_mon_id 
_pdbx_nonpoly_scheme.pdb_strand_id 
_pdbx_nonpoly_scheme.pdb_ins_code 
C 2 HOH 1  201 97  HOH HOH A . 
C 2 HOH 2  202 100 HOH HOH A . 
C 2 HOH 3  203 127 HOH HOH A . 
C 2 HOH 4  204 79  HOH HOH A . 
C 2 HOH 5  205 107 HOH HOH A . 
C 2 HOH 6  206 62  HOH HOH A . 
C 2 HOH 7  207 81  HOH HOH A . 
C 2 HOH 8  208 65  HOH HOH A . 
C 2 HOH 9  209 4   HOH HOH A . 
C 2 HOH 10 210 17  HOH HOH A . 
C 2 HOH 11 211 42  HOH HOH A . 
C 2 HOH 12 212 8   HOH HOH A . 
C 2 HOH 13 213 92  HOH HOH A . 
C 2 HOH 14 214 44  HOH HOH A . 
C 2 HOH 15 215 38  HOH HOH A . 
C 2 HOH 16 216 45  HOH HOH A . 
C 2 HOH 17 217 98  HOH HOH A . 
C 2 HOH 18 218 28  HOH HOH A . 
C 2 HOH 19 219 93  HOH HOH A . 
C 2 HOH 20 220 54  HOH HOH A . 
C 2 HOH 21 221 24  HOH HOH A . 
C 2 HOH 22 222 49  HOH HOH A . 
C 2 HOH 23 223 11  HOH HOH A . 
C 2 HOH 24 224 15  HOH HOH A . 
C 2 HOH 25 225 94  HOH HOH A . 
C 2 HOH 26 226 84  HOH HOH A . 
C 2 HOH 27 227 137 HOH HOH A . 
C 2 HOH 28 228 18  HOH HOH A . 
C 2 HOH 29 229 20  HOH HOH A . 
C 2 HOH 30 230 140 HOH HOH A . 
C 2 HOH 31 231 86  HOH HOH A . 
C 2 HOH 32 232 64  HOH HOH A . 
C 2 HOH 33 233 27  HOH HOH A . 
C 2 HOH 34 234 6   HOH HOH A . 
C 2 HOH 35 235 146 HOH HOH A . 
C 2 HOH 36 236 35  HOH HOH A . 
C 2 HOH 37 237 55  HOH HOH A . 
C 2 HOH 38 238 36  HOH HOH A . 
C 2 HOH 39 239 10  HOH HOH A . 
C 2 HOH 40 240 21  HOH HOH A . 
C 2 HOH 41 241 37  HOH HOH A . 
C 2 HOH 42 242 103 HOH HOH A . 
C 2 HOH 43 243 13  HOH HOH A . 
C 2 HOH 44 244 143 HOH HOH A . 
C 2 HOH 45 245 116 HOH HOH A . 
C 2 HOH 46 246 126 HOH HOH A . 
C 2 HOH 47 247 114 HOH HOH A . 
C 2 HOH 48 248 80  HOH HOH A . 
C 2 HOH 49 249 41  HOH HOH A . 
C 2 HOH 50 250 61  HOH HOH A . 
C 2 HOH 51 251 128 HOH HOH A . 
C 2 HOH 52 252 3   HOH HOH A . 
C 2 HOH 53 253 39  HOH HOH A . 
C 2 HOH 54 254 113 HOH HOH A . 
C 2 HOH 55 255 43  HOH HOH A . 
C 2 HOH 56 256 95  HOH HOH A . 
C 2 HOH 57 257 115 HOH HOH A . 
C 2 HOH 58 258 132 HOH HOH A . 
C 2 HOH 59 259 142 HOH HOH A . 
C 2 HOH 60 260 124 HOH HOH A . 
C 2 HOH 61 261 19  HOH HOH A . 
C 2 HOH 62 262 135 HOH HOH A . 
C 2 HOH 63 263 66  HOH HOH A . 
C 2 HOH 64 264 122 HOH HOH A . 
C 2 HOH 65 265 32  HOH HOH A . 
C 2 HOH 66 266 144 HOH HOH A . 
C 2 HOH 67 267 138 HOH HOH A . 
C 2 HOH 68 268 117 HOH HOH A . 
C 2 HOH 69 269 83  HOH HOH A . 
C 2 HOH 70 270 136 HOH HOH A . 
C 2 HOH 71 271 59  HOH HOH A . 
C 2 HOH 72 272 121 HOH HOH A . 
C 2 HOH 73 273 104 HOH HOH A . 
C 2 HOH 74 274 112 HOH HOH A . 
D 2 HOH 1  201 120 HOH HOH B . 
D 2 HOH 2  202 2   HOH HOH B . 
D 2 HOH 3  203 85  HOH HOH B . 
D 2 HOH 4  204 67  HOH HOH B . 
D 2 HOH 5  205 75  HOH HOH B . 
D 2 HOH 6  206 22  HOH HOH B . 
D 2 HOH 7  207 77  HOH HOH B . 
D 2 HOH 8  208 105 HOH HOH B . 
D 2 HOH 9  209 72  HOH HOH B . 
D 2 HOH 10 210 34  HOH HOH B . 
D 2 HOH 11 211 82  HOH HOH B . 
D 2 HOH 12 212 1   HOH HOH B . 
D 2 HOH 13 213 108 HOH HOH B . 
D 2 HOH 14 214 91  HOH HOH B . 
D 2 HOH 15 215 76  HOH HOH B . 
D 2 HOH 16 216 14  HOH HOH B . 
D 2 HOH 17 217 53  HOH HOH B . 
D 2 HOH 18 218 25  HOH HOH B . 
D 2 HOH 19 219 69  HOH HOH B . 
D 2 HOH 20 220 145 HOH HOH B . 
D 2 HOH 21 221 50  HOH HOH B . 
D 2 HOH 22 222 68  HOH HOH B . 
D 2 HOH 23 223 12  HOH HOH B . 
D 2 HOH 24 224 71  HOH HOH B . 
D 2 HOH 25 225 70  HOH HOH B . 
D 2 HOH 26 226 57  HOH HOH B . 
D 2 HOH 27 227 16  HOH HOH B . 
D 2 HOH 28 228 40  HOH HOH B . 
D 2 HOH 29 229 78  HOH HOH B . 
D 2 HOH 30 230 125 HOH HOH B . 
D 2 HOH 31 231 51  HOH HOH B . 
D 2 HOH 32 232 88  HOH HOH B . 
D 2 HOH 33 233 63  HOH HOH B . 
D 2 HOH 34 234 7   HOH HOH B . 
D 2 HOH 35 235 129 HOH HOH B . 
D 2 HOH 36 236 73  HOH HOH B . 
D 2 HOH 37 237 111 HOH HOH B . 
D 2 HOH 38 238 96  HOH HOH B . 
D 2 HOH 39 239 58  HOH HOH B . 
D 2 HOH 40 240 47  HOH HOH B . 
D 2 HOH 41 241 9   HOH HOH B . 
D 2 HOH 42 242 5   HOH HOH B . 
D 2 HOH 43 243 46  HOH HOH B . 
D 2 HOH 44 244 52  HOH HOH B . 
D 2 HOH 45 245 31  HOH HOH B . 
D 2 HOH 46 246 23  HOH HOH B . 
D 2 HOH 47 247 109 HOH HOH B . 
D 2 HOH 48 248 26  HOH HOH B . 
D 2 HOH 49 249 141 HOH HOH B . 
D 2 HOH 50 250 56  HOH HOH B . 
D 2 HOH 51 251 87  HOH HOH B . 
D 2 HOH 52 252 30  HOH HOH B . 
D 2 HOH 53 253 131 HOH HOH B . 
D 2 HOH 54 254 60  HOH HOH B . 
D 2 HOH 55 255 89  HOH HOH B . 
D 2 HOH 56 256 101 HOH HOH B . 
D 2 HOH 57 257 106 HOH HOH B . 
D 2 HOH 58 258 48  HOH HOH B . 
D 2 HOH 59 259 29  HOH HOH B . 
D 2 HOH 60 260 119 HOH HOH B . 
D 2 HOH 61 261 74  HOH HOH B . 
D 2 HOH 62 262 134 HOH HOH B . 
D 2 HOH 63 263 130 HOH HOH B . 
D 2 HOH 64 264 118 HOH HOH B . 
D 2 HOH 65 265 123 HOH HOH B . 
D 2 HOH 66 266 90  HOH HOH B . 
D 2 HOH 67 267 139 HOH HOH B . 
D 2 HOH 68 268 33  HOH HOH B . 
D 2 HOH 69 269 133 HOH HOH B . 
D 2 HOH 70 270 110 HOH HOH B . 
# 
loop_
_software.citation_id 
_software.classification 
_software.compiler_name 
_software.compiler_version 
_software.contact_author 
_software.contact_author_email 
_software.date 
_software.description 
_software.dependencies 
_software.hardware 
_software.language 
_software.location 
_software.mods 
_software.name 
_software.os 
_software.os_version 
_software.type 
_software.version 
_software.pdbx_ordinal 
? refinement       ? ? ? ? ? ? ? ? ? ? ? PHENIX   ? ? ? 1.9_1692 1 
? 'data reduction' ? ? ? ? ? ? ? ? ? ? ? HKL-3000 ? ? ? .        2 
? 'data scaling'   ? ? ? ? ? ? ? ? ? ? ? HKL-3000 ? ? ? .        3 
? phasing          ? ? ? ? ? ? ? ? ? ? ? SOLVE    ? ? ? .        4 
# 
_cell.angle_alpha                  90.00 
_cell.angle_alpha_esd              ? 
_cell.angle_beta                   89.96 
_cell.angle_beta_esd               ? 
_cell.angle_gamma                  90.00 
_cell.angle_gamma_esd              ? 
_cell.entry_id                     8WOJ 
_cell.details                      ? 
_cell.formula_units_Z              ? 
_cell.length_a                     48.383 
_cell.length_a_esd                 ? 
_cell.length_b                     34.448 
_cell.length_b_esd                 ? 
_cell.length_c                     50.388 
_cell.length_c_esd                 ? 
_cell.volume                       ? 
_cell.volume_esd                   ? 
_cell.Z_PDB                        4 
_cell.reciprocal_angle_alpha       ? 
_cell.reciprocal_angle_beta        ? 
_cell.reciprocal_angle_gamma       ? 
_cell.reciprocal_angle_alpha_esd   ? 
_cell.reciprocal_angle_beta_esd    ? 
_cell.reciprocal_angle_gamma_esd   ? 
_cell.reciprocal_length_a          ? 
_cell.reciprocal_length_b          ? 
_cell.reciprocal_length_c          ? 
_cell.reciprocal_length_a_esd      ? 
_cell.reciprocal_length_b_esd      ? 
_cell.reciprocal_length_c_esd      ? 
_cell.pdbx_unique_axis             ? 
_cell.pdbx_esd_method              ? 
# 
_symmetry.entry_id                         8WOJ 
_symmetry.cell_setting                     ? 
_symmetry.Int_Tables_number                4 
_symmetry.space_group_name_Hall            ? 
_symmetry.space_group_name_H-M             'P 1 21 1' 
_symmetry.pdbx_full_space_group_name_H-M   ? 
# 
_exptl.absorpt_coefficient_mu     ? 
_exptl.absorpt_correction_T_max   ? 
_exptl.absorpt_correction_T_min   ? 
_exptl.absorpt_correction_type    ? 
_exptl.absorpt_process_details    ? 
_exptl.entry_id                   8WOJ 
_exptl.crystals_number            1 
_exptl.details                    ? 
_exptl.method                     'X-RAY DIFFRACTION' 
_exptl.method_details             ? 
# 
_exptl_crystal.colour                       ? 
_exptl_crystal.density_diffrn               ? 
_exptl_crystal.density_Matthews             2.23 
_exptl_crystal.density_method               ? 
_exptl_crystal.density_percent_sol          44.87 
_exptl_crystal.description                  ? 
_exptl_crystal.F_000                        ? 
_exptl_crystal.id                           1 
_exptl_crystal.preparation                  ? 
_exptl_crystal.size_max                     ? 
_exptl_crystal.size_mid                     ? 
_exptl_crystal.size_min                     ? 
_exptl_crystal.size_rad                     ? 
_exptl_crystal.colour_lustre                ? 
_exptl_crystal.colour_modifier              ? 
_exptl_crystal.colour_primary               ? 
_exptl_crystal.density_meas                 ? 
_exptl_crystal.density_meas_esd             ? 
_exptl_crystal.density_meas_gt              ? 
_exptl_crystal.density_meas_lt              ? 
_exptl_crystal.density_meas_temp            ? 
_exptl_crystal.density_meas_temp_esd        ? 
_exptl_crystal.density_meas_temp_gt         ? 
_exptl_crystal.density_meas_temp_lt         ? 
_exptl_crystal.pdbx_crystal_image_url       ? 
_exptl_crystal.pdbx_crystal_image_format    ? 
_exptl_crystal.pdbx_mosaicity               ? 
_exptl_crystal.pdbx_mosaicity_esd           ? 
_exptl_crystal.pdbx_mosaic_method           ? 
_exptl_crystal.pdbx_mosaic_block_size       ? 
_exptl_crystal.pdbx_mosaic_block_size_esd   ? 
# 
_exptl_crystal_grow.apparatus       ? 
_exptl_crystal_grow.atmosphere      ? 
_exptl_crystal_grow.crystal_id      1 
_exptl_crystal_grow.details         ? 
_exptl_crystal_grow.method          'VAPOR DIFFUSION, SITTING DROP' 
_exptl_crystal_grow.method_ref      ? 
_exptl_crystal_grow.pH              ? 
_exptl_crystal_grow.pressure        ? 
_exptl_crystal_grow.pressure_esd    ? 
_exptl_crystal_grow.seeding         ? 
_exptl_crystal_grow.seeding_ref     ? 
_exptl_crystal_grow.temp_details    ? 
_exptl_crystal_grow.temp_esd        ? 
_exptl_crystal_grow.time            ? 
_exptl_crystal_grow.pdbx_details    '0.1M sodium citrate tribasic dehydrate pH5.0, 18% (w/v) PEG20000' 
_exptl_crystal_grow.pdbx_pH_range   ? 
_exptl_crystal_grow.temp            283 
# 
_diffrn.ambient_environment              ? 
_diffrn.ambient_temp                     100 
_diffrn.ambient_temp_details             ? 
_diffrn.ambient_temp_esd                 ? 
_diffrn.crystal_id                       1 
_diffrn.crystal_support                  ? 
_diffrn.crystal_treatment                ? 
_diffrn.details                          ? 
_diffrn.id                               1 
_diffrn.ambient_pressure                 ? 
_diffrn.ambient_pressure_esd             ? 
_diffrn.ambient_pressure_gt              ? 
_diffrn.ambient_pressure_lt              ? 
_diffrn.ambient_temp_gt                  ? 
_diffrn.ambient_temp_lt                  ? 
_diffrn.pdbx_serial_crystal_experiment   N 
# 
_diffrn_detector.details                      ? 
_diffrn_detector.detector                     PIXEL 
_diffrn_detector.diffrn_id                    1 
_diffrn_detector.type                         'DECTRIS PILATUS3 6M' 
_diffrn_detector.area_resol_mean              ? 
_diffrn_detector.dtime                        ? 
_diffrn_detector.pdbx_frames_total            ? 
_diffrn_detector.pdbx_collection_time_total   ? 
_diffrn_detector.pdbx_collection_date         2017-11-13 
_diffrn_detector.pdbx_frequency               ? 
_diffrn_detector.id                           ? 
_diffrn_detector.number_of_axes               ? 
# 
_diffrn_radiation.collimation                      ? 
_diffrn_radiation.diffrn_id                        1 
_diffrn_radiation.filter_edge                      ? 
_diffrn_radiation.inhomogeneity                    ? 
_diffrn_radiation.monochromator                    ? 
_diffrn_radiation.polarisn_norm                    ? 
_diffrn_radiation.polarisn_ratio                   ? 
_diffrn_radiation.probe                            ? 
_diffrn_radiation.type                             ? 
_diffrn_radiation.xray_symbol                      ? 
_diffrn_radiation.wavelength_id                    1 
_diffrn_radiation.pdbx_monochromatic_or_laue_m_l   M 
_diffrn_radiation.pdbx_wavelength_list             ? 
_diffrn_radiation.pdbx_wavelength                  ? 
_diffrn_radiation.pdbx_diffrn_protocol             'SINGLE WAVELENGTH' 
_diffrn_radiation.pdbx_analyzer                    ? 
_diffrn_radiation.pdbx_scattering_type             x-ray 
# 
_diffrn_radiation_wavelength.id           1 
_diffrn_radiation_wavelength.wavelength   0.979 
_diffrn_radiation_wavelength.wt           1.0 
# 
_diffrn_source.current                     ? 
_diffrn_source.details                     ? 
_diffrn_source.diffrn_id                   1 
_diffrn_source.power                       ? 
_diffrn_source.size                        ? 
_diffrn_source.source                      SYNCHROTRON 
_diffrn_source.target                      ? 
_diffrn_source.type                        'SSRF BEAMLINE BL19U1' 
_diffrn_source.voltage                     ? 
_diffrn_source.take-off_angle              ? 
_diffrn_source.pdbx_wavelength_list        0.979 
_diffrn_source.pdbx_wavelength             ? 
_diffrn_source.pdbx_synchrotron_beamline   BL19U1 
_diffrn_source.pdbx_synchrotron_site       SSRF 
# 
_reflns.B_iso_Wilson_estimate                          ? 
_reflns.entry_id                                       8WOJ 
_reflns.data_reduction_details                         ? 
_reflns.data_reduction_method                          ? 
_reflns.d_resolution_high                              1.768 
_reflns.d_resolution_low                               50 
_reflns.details                                        ? 
_reflns.limit_h_max                                    ? 
_reflns.limit_h_min                                    ? 
_reflns.limit_k_max                                    ? 
_reflns.limit_k_min                                    ? 
_reflns.limit_l_max                                    ? 
_reflns.limit_l_min                                    ? 
_reflns.number_all                                     ? 
_reflns.number_obs                                     16316 
_reflns.observed_criterion                             ? 
_reflns.observed_criterion_F_max                       ? 
_reflns.observed_criterion_F_min                       ? 
_reflns.observed_criterion_I_max                       ? 
_reflns.observed_criterion_I_min                       ? 
_reflns.observed_criterion_sigma_F                     ? 
_reflns.observed_criterion_sigma_I                     ? 
_reflns.percent_possible_obs                           97.3 
_reflns.R_free_details                                 ? 
_reflns.Rmerge_F_all                                   ? 
_reflns.Rmerge_F_obs                                   ? 
_reflns.Friedel_coverage                               ? 
_reflns.number_gt                                      ? 
_reflns.threshold_expression                           ? 
_reflns.pdbx_redundancy                                5.9 
_reflns.pdbx_netI_over_av_sigmaI                       ? 
_reflns.pdbx_netI_over_sigmaI                          13.82 
_reflns.pdbx_res_netI_over_av_sigmaI_2                 ? 
_reflns.pdbx_res_netI_over_sigmaI_2                    ? 
_reflns.pdbx_chi_squared                               ? 
_reflns.pdbx_scaling_rejects                           ? 
_reflns.pdbx_d_res_high_opt                            ? 
_reflns.pdbx_d_res_low_opt                             ? 
_reflns.pdbx_d_res_opt_method                          ? 
_reflns.phase_calculation_details                      ? 
_reflns.pdbx_Rrim_I_all                                ? 
_reflns.pdbx_Rpim_I_all                                0.042 
_reflns.pdbx_d_opt                                     ? 
_reflns.pdbx_number_measured_all                       ? 
_reflns.pdbx_diffrn_id                                 1 
_reflns.pdbx_ordinal                                   1 
_reflns.pdbx_CC_half                                   ? 
_reflns.pdbx_CC_star                                   ? 
_reflns.pdbx_R_split                                   ? 
_reflns.pdbx_Rmerge_I_obs                              ? 
_reflns.pdbx_Rmerge_I_all                              ? 
_reflns.pdbx_Rsym_value                                ? 
_reflns.pdbx_CC_split_method                           ? 
_reflns.pdbx_aniso_diffraction_limit_axis_1_ortho[1]   ? 
_reflns.pdbx_aniso_diffraction_limit_axis_1_ortho[2]   ? 
_reflns.pdbx_aniso_diffraction_limit_axis_1_ortho[3]   ? 
_reflns.pdbx_aniso_diffraction_limit_axis_2_ortho[1]   ? 
_reflns.pdbx_aniso_diffraction_limit_axis_2_ortho[2]   ? 
_reflns.pdbx_aniso_diffraction_limit_axis_2_ortho[3]   ? 
_reflns.pdbx_aniso_diffraction_limit_axis_3_ortho[1]   ? 
_reflns.pdbx_aniso_diffraction_limit_axis_3_ortho[2]   ? 
_reflns.pdbx_aniso_diffraction_limit_axis_3_ortho[3]   ? 
_reflns.pdbx_aniso_diffraction_limit_1                 ? 
_reflns.pdbx_aniso_diffraction_limit_2                 ? 
_reflns.pdbx_aniso_diffraction_limit_3                 ? 
_reflns.pdbx_aniso_B_tensor_eigenvector_1_ortho[1]     ? 
_reflns.pdbx_aniso_B_tensor_eigenvector_1_ortho[2]     ? 
_reflns.pdbx_aniso_B_tensor_eigenvector_1_ortho[3]     ? 
_reflns.pdbx_aniso_B_tensor_eigenvector_2_ortho[1]     ? 
_reflns.pdbx_aniso_B_tensor_eigenvector_2_ortho[2]     ? 
_reflns.pdbx_aniso_B_tensor_eigenvector_2_ortho[3]     ? 
_reflns.pdbx_aniso_B_tensor_eigenvector_3_ortho[1]     ? 
_reflns.pdbx_aniso_B_tensor_eigenvector_3_ortho[2]     ? 
_reflns.pdbx_aniso_B_tensor_eigenvector_3_ortho[3]     ? 
_reflns.pdbx_aniso_B_tensor_eigenvalue_1               ? 
_reflns.pdbx_aniso_B_tensor_eigenvalue_2               ? 
_reflns.pdbx_aniso_B_tensor_eigenvalue_3               ? 
_reflns.pdbx_orthogonalization_convention              ? 
_reflns.pdbx_percent_possible_ellipsoidal              ? 
_reflns.pdbx_percent_possible_spherical                ? 
_reflns.pdbx_percent_possible_ellipsoidal_anomalous    ? 
_reflns.pdbx_percent_possible_spherical_anomalous      ? 
_reflns.pdbx_redundancy_anomalous                      ? 
_reflns.pdbx_CC_half_anomalous                         ? 
_reflns.pdbx_absDiff_over_sigma_anomalous              ? 
_reflns.pdbx_percent_possible_anomalous                ? 
_reflns.pdbx_observed_signal_threshold                 ? 
_reflns.pdbx_signal_type                               ? 
_reflns.pdbx_signal_details                            ? 
_reflns.pdbx_signal_software_id                        ? 
# 
_reflns_shell.d_res_high                                    1.77 
_reflns_shell.d_res_low                                     1.80 
_reflns_shell.meanI_over_sigI_all                           ? 
_reflns_shell.meanI_over_sigI_obs                           ? 
_reflns_shell.number_measured_all                           ? 
_reflns_shell.number_measured_obs                           ? 
_reflns_shell.number_possible                               ? 
_reflns_shell.number_unique_all                             ? 
_reflns_shell.number_unique_obs                             528 
_reflns_shell.percent_possible_obs                          ? 
_reflns_shell.Rmerge_F_all                                  ? 
_reflns_shell.Rmerge_F_obs                                  ? 
_reflns_shell.meanI_over_sigI_gt                            ? 
_reflns_shell.meanI_over_uI_all                             ? 
_reflns_shell.meanI_over_uI_gt                              ? 
_reflns_shell.number_measured_gt                            ? 
_reflns_shell.number_unique_gt                              ? 
_reflns_shell.percent_possible_gt                           ? 
_reflns_shell.Rmerge_F_gt                                   ? 
_reflns_shell.Rmerge_I_gt                                   ? 
_reflns_shell.pdbx_redundancy                               ? 
_reflns_shell.pdbx_chi_squared                              ? 
_reflns_shell.pdbx_netI_over_sigmaI_all                     ? 
_reflns_shell.pdbx_netI_over_sigmaI_obs                     ? 
_reflns_shell.pdbx_Rrim_I_all                               ? 
_reflns_shell.pdbx_Rpim_I_all                               0.167 
_reflns_shell.pdbx_rejects                                  ? 
_reflns_shell.pdbx_ordinal                                  1 
_reflns_shell.pdbx_diffrn_id                                1 
_reflns_shell.pdbx_CC_half                                  ? 
_reflns_shell.pdbx_CC_star                                  ? 
_reflns_shell.pdbx_R_split                                  ? 
_reflns_shell.percent_possible_all                          ? 
_reflns_shell.Rmerge_I_all                                  ? 
_reflns_shell.Rmerge_I_obs                                  ? 
_reflns_shell.pdbx_Rsym_value                               ? 
_reflns_shell.pdbx_percent_possible_ellipsoidal             ? 
_reflns_shell.pdbx_percent_possible_spherical               ? 
_reflns_shell.pdbx_percent_possible_ellipsoidal_anomalous   ? 
_reflns_shell.pdbx_percent_possible_spherical_anomalous     ? 
_reflns_shell.pdbx_redundancy_anomalous                     ? 
_reflns_shell.pdbx_CC_half_anomalous                        ? 
_reflns_shell.pdbx_absDiff_over_sigma_anomalous             ? 
_reflns_shell.pdbx_percent_possible_anomalous               ? 
# 
_refine.aniso_B[1][1]                            ? 
_refine.aniso_B[1][2]                            ? 
_refine.aniso_B[1][3]                            ? 
_refine.aniso_B[2][2]                            ? 
_refine.aniso_B[2][3]                            ? 
_refine.aniso_B[3][3]                            ? 
_refine.B_iso_max                                ? 
_refine.B_iso_mean                               ? 
_refine.B_iso_min                                ? 
_refine.correlation_coeff_Fo_to_Fc               ? 
_refine.correlation_coeff_Fo_to_Fc_free          ? 
_refine.details                                  ? 
_refine.diff_density_max                         ? 
_refine.diff_density_max_esd                     ? 
_refine.diff_density_min                         ? 
_refine.diff_density_min_esd                     ? 
_refine.diff_density_rms                         ? 
_refine.diff_density_rms_esd                     ? 
_refine.entry_id                                 8WOJ 
_refine.pdbx_refine_id                           'X-RAY DIFFRACTION' 
_refine.ls_abs_structure_details                 ? 
_refine.ls_abs_structure_Flack                   ? 
_refine.ls_abs_structure_Flack_esd               ? 
_refine.ls_abs_structure_Rogers                  ? 
_refine.ls_abs_structure_Rogers_esd              ? 
_refine.ls_d_res_high                            1.768 
_refine.ls_d_res_low                             48.383 
_refine.ls_extinction_coef                       ? 
_refine.ls_extinction_coef_esd                   ? 
_refine.ls_extinction_expression                 ? 
_refine.ls_extinction_method                     ? 
_refine.ls_goodness_of_fit_all                   ? 
_refine.ls_goodness_of_fit_all_esd               ? 
_refine.ls_goodness_of_fit_obs                   ? 
_refine.ls_goodness_of_fit_obs_esd               ? 
_refine.ls_hydrogen_treatment                    ? 
_refine.ls_matrix_type                           ? 
_refine.ls_number_constraints                    ? 
_refine.ls_number_parameters                     ? 
_refine.ls_number_reflns_all                     ? 
_refine.ls_number_reflns_obs                     14427 
_refine.ls_number_reflns_R_free                  1423 
_refine.ls_number_reflns_R_work                  ? 
_refine.ls_number_restraints                     ? 
_refine.ls_percent_reflns_obs                    87.17 
_refine.ls_percent_reflns_R_free                 9.86 
_refine.ls_R_factor_all                          ? 
_refine.ls_R_factor_obs                          0.2038 
_refine.ls_R_factor_R_free                       0.2359 
_refine.ls_R_factor_R_free_error                 ? 
_refine.ls_R_factor_R_free_error_details         ? 
_refine.ls_R_factor_R_work                       0.2003 
_refine.ls_R_Fsqd_factor_obs                     ? 
_refine.ls_R_I_factor_obs                        ? 
_refine.ls_redundancy_reflns_all                 ? 
_refine.ls_redundancy_reflns_obs                 ? 
_refine.ls_restrained_S_all                      ? 
_refine.ls_restrained_S_obs                      ? 
_refine.ls_shift_over_esd_max                    ? 
_refine.ls_shift_over_esd_mean                   ? 
_refine.ls_structure_factor_coef                 ? 
_refine.ls_weighting_details                     ? 
_refine.ls_weighting_scheme                      ? 
_refine.ls_wR_factor_all                         ? 
_refine.ls_wR_factor_obs                         ? 
_refine.ls_wR_factor_R_free                      ? 
_refine.ls_wR_factor_R_work                      ? 
_refine.occupancy_max                            ? 
_refine.occupancy_min                            ? 
_refine.solvent_model_details                    'FLAT BULK SOLVENT MODEL' 
_refine.solvent_model_param_bsol                 ? 
_refine.solvent_model_param_ksol                 ? 
_refine.pdbx_R_complete                          ? 
_refine.ls_R_factor_gt                           ? 
_refine.ls_goodness_of_fit_gt                    ? 
_refine.ls_goodness_of_fit_ref                   ? 
_refine.ls_shift_over_su_max                     ? 
_refine.ls_shift_over_su_max_lt                  ? 
_refine.ls_shift_over_su_mean                    ? 
_refine.ls_shift_over_su_mean_lt                 ? 
_refine.pdbx_ls_sigma_I                          ? 
_refine.pdbx_ls_sigma_F                          0.00 
_refine.pdbx_ls_sigma_Fsqd                       ? 
_refine.pdbx_data_cutoff_high_absF               ? 
_refine.pdbx_data_cutoff_high_rms_absF           ? 
_refine.pdbx_data_cutoff_low_absF                ? 
_refine.pdbx_isotropic_thermal_model             ? 
_refine.pdbx_ls_cross_valid_method               'FREE R-VALUE' 
_refine.pdbx_method_to_determine_struct          SAD 
_refine.pdbx_starting_model                      ? 
_refine.pdbx_stereochemistry_target_values       MLHL 
_refine.pdbx_R_Free_selection_details            ? 
_refine.pdbx_stereochem_target_val_spec_case     ? 
_refine.pdbx_overall_ESU_R                       ? 
_refine.pdbx_overall_ESU_R_Free                  ? 
_refine.pdbx_solvent_vdw_probe_radii             1.11 
_refine.pdbx_solvent_ion_probe_radii             ? 
_refine.pdbx_solvent_shrinkage_radii             0.90 
_refine.pdbx_real_space_R                        ? 
_refine.pdbx_density_correlation                 ? 
_refine.pdbx_pd_number_of_powder_patterns        ? 
_refine.pdbx_pd_number_of_points                 ? 
_refine.pdbx_pd_meas_number_of_points            ? 
_refine.pdbx_pd_proc_ls_prof_R_factor            ? 
_refine.pdbx_pd_proc_ls_prof_wR_factor           ? 
_refine.pdbx_pd_Marquardt_correlation_coeff      ? 
_refine.pdbx_pd_Fsqrd_R_factor                   ? 
_refine.pdbx_pd_ls_matrix_band_width             ? 
_refine.pdbx_overall_phase_error                 23.97 
_refine.pdbx_overall_SU_R_free_Cruickshank_DPI   ? 
_refine.pdbx_overall_SU_R_free_Blow_DPI          ? 
_refine.pdbx_overall_SU_R_Blow_DPI               ? 
_refine.pdbx_TLS_residual_ADP_flag               ? 
_refine.pdbx_diffrn_id                           1 
_refine.overall_SU_B                             ? 
_refine.overall_SU_ML                            0.19 
_refine.overall_SU_R_Cruickshank_DPI             ? 
_refine.overall_SU_R_free                        ? 
_refine.overall_FOM_free_R_set                   ? 
_refine.overall_FOM_work_R_set                   ? 
_refine.pdbx_average_fsc_overall                 ? 
_refine.pdbx_average_fsc_work                    ? 
_refine.pdbx_average_fsc_free                    ? 
# 
_refine_hist.pdbx_refine_id                   'X-RAY DIFFRACTION' 
_refine_hist.cycle_id                         LAST 
_refine_hist.pdbx_number_atoms_protein        1305 
_refine_hist.pdbx_number_atoms_nucleic_acid   0 
_refine_hist.pdbx_number_atoms_ligand         0 
_refine_hist.number_atoms_solvent             144 
_refine_hist.number_atoms_total               1449 
_refine_hist.d_res_high                       1.768 
_refine_hist.d_res_low                        48.383 
# 
loop_
_refine_ls_restr.pdbx_refine_id 
_refine_ls_restr.criterion 
_refine_ls_restr.dev_ideal 
_refine_ls_restr.dev_ideal_target 
_refine_ls_restr.number 
_refine_ls_restr.rejects 
_refine_ls_restr.type 
_refine_ls_restr.weight 
_refine_ls_restr.pdbx_restraint_function 
'X-RAY DIFFRACTION' ? 0.009  ? 1345 ? f_bond_d           ? ? 
'X-RAY DIFFRACTION' ? 1.063  ? 1809 ? f_angle_d          ? ? 
'X-RAY DIFFRACTION' ? 13.637 ? 493  ? f_dihedral_angle_d ? ? 
'X-RAY DIFFRACTION' ? 0.046  ? 169  ? f_chiral_restr     ? ? 
'X-RAY DIFFRACTION' ? 0.006  ? 233  ? f_plane_restr      ? ? 
# 
loop_
_refine_ls_shell.pdbx_refine_id 
_refine_ls_shell.d_res_high 
_refine_ls_shell.d_res_low 
_refine_ls_shell.number_reflns_all 
_refine_ls_shell.number_reflns_obs 
_refine_ls_shell.number_reflns_R_free 
_refine_ls_shell.number_reflns_R_work 
_refine_ls_shell.percent_reflns_obs 
_refine_ls_shell.percent_reflns_R_free 
_refine_ls_shell.R_factor_all 
_refine_ls_shell.R_factor_obs 
_refine_ls_shell.R_factor_R_free_error 
_refine_ls_shell.R_factor_R_work 
_refine_ls_shell.redundancy_reflns_all 
_refine_ls_shell.redundancy_reflns_obs 
_refine_ls_shell.wR_factor_all 
_refine_ls_shell.wR_factor_obs 
_refine_ls_shell.wR_factor_R_free 
_refine_ls_shell.wR_factor_R_work 
_refine_ls_shell.pdbx_R_complete 
_refine_ls_shell.pdbx_total_number_of_bins_used 
_refine_ls_shell.pdbx_phase_error 
_refine_ls_shell.pdbx_fsc_work 
_refine_ls_shell.pdbx_fsc_free 
_refine_ls_shell.R_factor_R_free 
'X-RAY DIFFRACTION' 1.768  1.8309 . . 89  813  55.00  . . . . 0.2053 . . . . . . . . . . . 0.2579 
'X-RAY DIFFRACTION' 1.8309 1.9043 . . 105 992  66.00  . . . . 0.2062 . . . . . . . . . . . 0.2427 
'X-RAY DIFFRACTION' 1.9043 1.9909 . . 116 1125 77.00  . . . . 0.2164 . . . . . . . . . . . 0.2680 
'X-RAY DIFFRACTION' 1.9909 2.0959 . . 139 1235 84.00  . . . . 0.2022 . . . . . . . . . . . 0.2346 
'X-RAY DIFFRACTION' 2.0959 2.2272 . . 150 1412 95.00  . . . . 0.1866 . . . . . . . . . . . 0.2378 
'X-RAY DIFFRACTION' 2.2272 2.3992 . . 161 1459 98.00  . . . . 0.1922 . . . . . . . . . . . 0.2265 
'X-RAY DIFFRACTION' 2.3992 2.6406 . . 166 1463 99.00  . . . . 0.2066 . . . . . . . . . . . 0.2703 
'X-RAY DIFFRACTION' 2.6406 3.0226 . . 167 1485 100.00 . . . . 0.1979 . . . . . . . . . . . 0.2070 
'X-RAY DIFFRACTION' 3.0226 3.8080 . . 172 1493 99.00  . . . . 0.1886 . . . . . . . . . . . 0.2081 
'X-RAY DIFFRACTION' 3.8080 48.383 . . 158 1527 98.00  . . . . 0.2113 . . . . . . . . . . . 0.2589 
# 
_struct.entry_id                     8WOJ 
_struct.title                        'Structure of RxLR121 effector from phytophthora capsici' 
_struct.pdbx_model_details           ? 
_struct.pdbx_formula_weight          ? 
_struct.pdbx_formula_weight_method   ? 
_struct.pdbx_model_type_details      ? 
_struct.pdbx_CASP_flag               N 
# 
_struct_keywords.entry_id        8WOJ 
_struct_keywords.text            'RxLR, effector, Phytophthora capsici, IMMUNOSUPPRESSANT' 
_struct_keywords.pdbx_keywords   IMMUNOSUPPRESSANT 
# 
loop_
_struct_asym.id 
_struct_asym.pdbx_blank_PDB_chainid_flag 
_struct_asym.pdbx_modified 
_struct_asym.entity_id 
_struct_asym.details 
A N N 1 ? 
B N N 1 ? 
C N N 2 ? 
D N N 2 ? 
# 
_struct_ref.id                         1 
_struct_ref.db_name                    PDB 
_struct_ref.db_code                    8WOJ 
_struct_ref.pdbx_db_accession          8WOJ 
_struct_ref.pdbx_db_isoform            ? 
_struct_ref.entity_id                  1 
_struct_ref.pdbx_seq_one_letter_code   ? 
_struct_ref.pdbx_align_begin           1 
# 
loop_
_struct_ref_seq.align_id 
_struct_ref_seq.ref_id 
_struct_ref_seq.pdbx_PDB_id_code 
_struct_ref_seq.pdbx_strand_id 
_struct_ref_seq.seq_align_beg 
_struct_ref_seq.pdbx_seq_align_beg_ins_code 
_struct_ref_seq.seq_align_end 
_struct_ref_seq.pdbx_seq_align_end_ins_code 
_struct_ref_seq.pdbx_db_accession 
_struct_ref_seq.db_align_beg 
_struct_ref_seq.pdbx_db_align_beg_ins_code 
_struct_ref_seq.db_align_end 
_struct_ref_seq.pdbx_db_align_end_ins_code 
_struct_ref_seq.pdbx_auth_seq_align_beg 
_struct_ref_seq.pdbx_auth_seq_align_end 
1 1 8WOJ A 1 ? 76 ? 8WOJ 25 ? 100 ? 25 100 
2 1 8WOJ B 1 ? 76 ? 8WOJ 25 ? 100 ? 25 100 
# 
_pdbx_struct_assembly.id                   1 
_pdbx_struct_assembly.details              author_defined_assembly 
_pdbx_struct_assembly.method_details       ? 
_pdbx_struct_assembly.oligomeric_details   dimeric 
_pdbx_struct_assembly.oligomeric_count     2 
# 
_pdbx_struct_assembly_gen.assembly_id       1 
_pdbx_struct_assembly_gen.oper_expression   1 
_pdbx_struct_assembly_gen.asym_id_list      A,B,C,D 
# 
_pdbx_struct_assembly_auth_evidence.id                     1 
_pdbx_struct_assembly_auth_evidence.assembly_id            1 
_pdbx_struct_assembly_auth_evidence.experimental_support   'gel filtration' 
_pdbx_struct_assembly_auth_evidence.details                ? 
# 
_pdbx_struct_oper_list.id                   1 
_pdbx_struct_oper_list.type                 'identity operation' 
_pdbx_struct_oper_list.name                 1_555 
_pdbx_struct_oper_list.symmetry_operation   x,y,z 
_pdbx_struct_oper_list.matrix[1][1]         1.0000000000 
_pdbx_struct_oper_list.matrix[1][2]         0.0000000000 
_pdbx_struct_oper_list.matrix[1][3]         0.0000000000 
_pdbx_struct_oper_list.vector[1]            0.0000000000 
_pdbx_struct_oper_list.matrix[2][1]         0.0000000000 
_pdbx_struct_oper_list.matrix[2][2]         1.0000000000 
_pdbx_struct_oper_list.matrix[2][3]         0.0000000000 
_pdbx_struct_oper_list.vector[2]            0.0000000000 
_pdbx_struct_oper_list.matrix[3][1]         0.0000000000 
_pdbx_struct_oper_list.matrix[3][2]         0.0000000000 
_pdbx_struct_oper_list.matrix[3][3]         1.0000000000 
_pdbx_struct_oper_list.vector[3]            0.0000000000 
# 
loop_
_struct_conf.conf_type_id 
_struct_conf.id 
_struct_conf.pdbx_PDB_helix_id 
_struct_conf.beg_label_comp_id 
_struct_conf.beg_label_asym_id 
_struct_conf.beg_label_seq_id 
_struct_conf.pdbx_beg_PDB_ins_code 
_struct_conf.end_label_comp_id 
_struct_conf.end_label_asym_id 
_struct_conf.end_label_seq_id 
_struct_conf.pdbx_end_PDB_ins_code 
_struct_conf.beg_auth_comp_id 
_struct_conf.beg_auth_asym_id 
_struct_conf.beg_auth_seq_id 
_struct_conf.end_auth_comp_id 
_struct_conf.end_auth_asym_id 
_struct_conf.end_auth_seq_id 
_struct_conf.pdbx_PDB_helix_class 
_struct_conf.details 
_struct_conf.pdbx_PDB_helix_length 
HELX_P HELX_P1  AA1 SER A 9  ? ASN A 16 ? SER A 33 ASN A 40  1 ? 8  
HELX_P HELX_P2  AA2 PRO A 19 ? GLU A 28 ? PRO A 43 GLU A 52  1 ? 10 
HELX_P HELX_P3  AA3 GLU A 28 ? GLY A 42 ? GLU A 52 GLY A 66  1 ? 15 
HELX_P HELX_P4  AA4 THR A 45 ? GLN A 56 ? THR A 69 GLN A 80  1 ? 12 
HELX_P HELX_P5  AA5 SER A 59 ? HIS A 76 ? SER A 83 HIS A 100 1 ? 18 
HELX_P HELX_P6  AA6 SER B 9  ? ASN B 16 ? SER B 33 ASN B 40  1 ? 8  
HELX_P HELX_P7  AA7 PRO B 19 ? GLU B 28 ? PRO B 43 GLU B 52  1 ? 10 
HELX_P HELX_P8  AA8 GLU B 28 ? MSE B 43 ? GLU B 52 MSE B 67  1 ? 16 
HELX_P HELX_P9  AA9 THR B 45 ? GLN B 56 ? THR B 69 GLN B 80  1 ? 12 
HELX_P HELX_P10 AB1 SER B 59 ? HIS B 76 ? SER B 83 HIS B 100 1 ? 18 
# 
_struct_conf_type.id          HELX_P 
_struct_conf_type.criteria    ? 
_struct_conf_type.reference   ? 
# 
loop_
_struct_conn.id 
_struct_conn.conn_type_id 
_struct_conn.pdbx_leaving_atom_flag 
_struct_conn.pdbx_PDB_id 
_struct_conn.ptnr1_label_asym_id 
_struct_conn.ptnr1_label_comp_id 
_struct_conn.ptnr1_label_seq_id 
_struct_conn.ptnr1_label_atom_id 
_struct_conn.pdbx_ptnr1_label_alt_id 
_struct_conn.pdbx_ptnr1_PDB_ins_code 
_struct_conn.pdbx_ptnr1_standard_comp_id 
_struct_conn.ptnr1_symmetry 
_struct_conn.ptnr2_label_asym_id 
_struct_conn.ptnr2_label_comp_id 
_struct_conn.ptnr2_label_seq_id 
_struct_conn.ptnr2_label_atom_id 
_struct_conn.pdbx_ptnr2_label_alt_id 
_struct_conn.pdbx_ptnr2_PDB_ins_code 
_struct_conn.ptnr1_auth_asym_id 
_struct_conn.ptnr1_auth_comp_id 
_struct_conn.ptnr1_auth_seq_id 
_struct_conn.ptnr2_auth_asym_id 
_struct_conn.ptnr2_auth_comp_id 
_struct_conn.ptnr2_auth_seq_id 
_struct_conn.ptnr2_symmetry 
_struct_conn.pdbx_ptnr3_label_atom_id 
_struct_conn.pdbx_ptnr3_label_seq_id 
_struct_conn.pdbx_ptnr3_label_comp_id 
_struct_conn.pdbx_ptnr3_label_asym_id 
_struct_conn.pdbx_ptnr3_label_alt_id 
_struct_conn.pdbx_ptnr3_PDB_ins_code 
_struct_conn.details 
_struct_conn.pdbx_dist_value 
_struct_conn.pdbx_value_order 
_struct_conn.pdbx_role 
covale1  covale both ? A ARG 24 C ? ? ? 1_555 A MSE 25 N ? ? A ARG 48 A MSE 49 1_555 ? ? ? ? ? ? ? 1.334 ? ? 
covale2  covale both ? A MSE 25 C ? ? ? 1_555 A ARG 26 N ? ? A MSE 49 A ARG 50 1_555 ? ? ? ? ? ? ? 1.321 ? ? 
covale3  covale both ? A GLY 42 C ? ? ? 1_555 A MSE 43 N ? ? A GLY 66 A MSE 67 1_555 ? ? ? ? ? ? ? 1.326 ? ? 
covale4  covale both ? A MSE 43 C ? ? ? 1_555 A GLY 44 N ? ? A MSE 67 A GLY 68 1_555 ? ? ? ? ? ? ? 1.330 ? ? 
covale5  covale both ? A TYR 52 C ? ? ? 1_555 A MSE 53 N ? ? A TYR 76 A MSE 77 1_555 ? ? ? ? ? ? ? 1.333 ? ? 
covale6  covale both ? A MSE 53 C ? ? ? 1_555 A ARG 54 N ? ? A MSE 77 A ARG 78 1_555 ? ? ? ? ? ? ? 1.339 ? ? 
covale7  covale both ? B ARG 24 C ? ? ? 1_555 B MSE 25 N ? ? B ARG 48 B MSE 49 1_555 ? ? ? ? ? ? ? 1.339 ? ? 
covale8  covale both ? B MSE 25 C ? ? ? 1_555 B ARG 26 N ? ? B MSE 49 B ARG 50 1_555 ? ? ? ? ? ? ? 1.331 ? ? 
covale9  covale both ? B GLY 42 C ? ? ? 1_555 B MSE 43 N ? ? B GLY 66 B MSE 67 1_555 ? ? ? ? ? ? ? 1.328 ? ? 
covale10 covale both ? B MSE 43 C ? ? ? 1_555 B GLY 44 N ? ? B MSE 67 B GLY 68 1_555 ? ? ? ? ? ? ? 1.329 ? ? 
covale11 covale both ? B TYR 52 C ? ? ? 1_555 B MSE 53 N ? ? B TYR 76 B MSE 77 1_555 ? ? ? ? ? ? ? 1.332 ? ? 
covale12 covale both ? B MSE 53 C ? ? ? 1_555 B ARG 54 N ? ? B MSE 77 B ARG 78 1_555 ? ? ? ? ? ? ? 1.333 ? ? 
# 
_struct_conn_type.id          covale 
_struct_conn_type.criteria    ? 
_struct_conn_type.reference   ? 
# 
loop_
_pdbx_modification_feature.ordinal 
_pdbx_modification_feature.label_comp_id 
_pdbx_modification_feature.label_asym_id 
_pdbx_modification_feature.label_seq_id 
_pdbx_modification_feature.label_alt_id 
_pdbx_modification_feature.modified_residue_label_comp_id 
_pdbx_modification_feature.modified_residue_label_asym_id 
_pdbx_modification_feature.modified_residue_label_seq_id 
_pdbx_modification_feature.modified_residue_label_alt_id 
_pdbx_modification_feature.auth_comp_id 
_pdbx_modification_feature.auth_asym_id 
_pdbx_modification_feature.auth_seq_id 
_pdbx_modification_feature.PDB_ins_code 
_pdbx_modification_feature.symmetry 
_pdbx_modification_feature.modified_residue_auth_comp_id 
_pdbx_modification_feature.modified_residue_auth_asym_id 
_pdbx_modification_feature.modified_residue_auth_seq_id 
_pdbx_modification_feature.modified_residue_PDB_ins_code 
_pdbx_modification_feature.modified_residue_symmetry 
_pdbx_modification_feature.comp_id_linking_atom 
_pdbx_modification_feature.modified_residue_id_linking_atom 
_pdbx_modification_feature.modified_residue_id 
_pdbx_modification_feature.ref_pcm_id 
_pdbx_modification_feature.ref_comp_id 
_pdbx_modification_feature.type 
_pdbx_modification_feature.category 
1 MSE A 25 ? . . . . MSE A 49 ? 1_555 . . . . . . . MET 1 MSE Selenomethionine 'Named protein modification' 
2 MSE A 43 ? . . . . MSE A 67 ? 1_555 . . . . . . . MET 1 MSE Selenomethionine 'Named protein modification' 
3 MSE A 53 ? . . . . MSE A 77 ? 1_555 . . . . . . . MET 1 MSE Selenomethionine 'Named protein modification' 
4 MSE B 25 ? . . . . MSE B 49 ? 1_555 . . . . . . . MET 1 MSE Selenomethionine 'Named protein modification' 
5 MSE B 43 ? . . . . MSE B 67 ? 1_555 . . . . . . . MET 1 MSE Selenomethionine 'Named protein modification' 
6 MSE B 53 ? . . . . MSE B 77 ? 1_555 . . . . . . . MET 1 MSE Selenomethionine 'Named protein modification' 
# 
_pdbx_entry_details.entry_id                   8WOJ 
_pdbx_entry_details.has_ligand_of_interest     Y 
_pdbx_entry_details.compound_details           ? 
_pdbx_entry_details.source_details             ? 
_pdbx_entry_details.nonpolymer_details         ? 
_pdbx_entry_details.sequence_details           ? 
_pdbx_entry_details.has_protein_modification   Y 
# 
loop_
_pdbx_validate_close_contact.id 
_pdbx_validate_close_contact.PDB_model_num 
_pdbx_validate_close_contact.auth_atom_id_1 
_pdbx_validate_close_contact.auth_asym_id_1 
_pdbx_validate_close_contact.auth_comp_id_1 
_pdbx_validate_close_contact.auth_seq_id_1 
_pdbx_validate_close_contact.PDB_ins_code_1 
_pdbx_validate_close_contact.label_alt_id_1 
_pdbx_validate_close_contact.auth_atom_id_2 
_pdbx_validate_close_contact.auth_asym_id_2 
_pdbx_validate_close_contact.auth_comp_id_2 
_pdbx_validate_close_contact.auth_seq_id_2 
_pdbx_validate_close_contact.PDB_ins_code_2 
_pdbx_validate_close_contact.label_alt_id_2 
_pdbx_validate_close_contact.dist 
1 1 NH1 A ARG 61  ? ? O A HOH 201 ? ? 1.99 
2 1 O   B HOH 269 ? ? O B HOH 270 ? ? 2.03 
3 1 O   A HOH 273 ? ? O A HOH 274 ? ? 2.05 
4 1 O   B HOH 214 ? ? O B HOH 257 ? ? 2.11 
5 1 O   A HOH 202 ? ? O A HOH 206 ? ? 2.19 
# 
_pdbx_unobs_or_zero_occ_residues.id               1 
_pdbx_unobs_or_zero_occ_residues.PDB_model_num    1 
_pdbx_unobs_or_zero_occ_residues.polymer_flag     Y 
_pdbx_unobs_or_zero_occ_residues.occupancy_flag   1 
_pdbx_unobs_or_zero_occ_residues.auth_asym_id     A 
_pdbx_unobs_or_zero_occ_residues.auth_comp_id     ALA 
_pdbx_unobs_or_zero_occ_residues.auth_seq_id      25 
_pdbx_unobs_or_zero_occ_residues.PDB_ins_code     ? 
_pdbx_unobs_or_zero_occ_residues.label_asym_id    A 
_pdbx_unobs_or_zero_occ_residues.label_comp_id    ALA 
_pdbx_unobs_or_zero_occ_residues.label_seq_id     1 
# 
loop_
_chem_comp_atom.comp_id 
_chem_comp_atom.atom_id 
_chem_comp_atom.type_symbol 
_chem_comp_atom.pdbx_aromatic_flag 
_chem_comp_atom.pdbx_stereo_config 
_chem_comp_atom.pdbx_ordinal 
ALA N    N  N N 1   
ALA CA   C  N S 2   
ALA C    C  N N 3   
ALA O    O  N N 4   
ALA CB   C  N N 5   
ALA OXT  O  N N 6   
ALA H    H  N N 7   
ALA H2   H  N N 8   
ALA HA   H  N N 9   
ALA HB1  H  N N 10  
ALA HB2  H  N N 11  
ALA HB3  H  N N 12  
ALA HXT  H  N N 13  
ARG N    N  N N 14  
ARG CA   C  N S 15  
ARG C    C  N N 16  
ARG O    O  N N 17  
ARG CB   C  N N 18  
ARG CG   C  N N 19  
ARG CD   C  N N 20  
ARG NE   N  N N 21  
ARG CZ   C  N N 22  
ARG NH1  N  N N 23  
ARG NH2  N  N N 24  
ARG OXT  O  N N 25  
ARG H    H  N N 26  
ARG H2   H  N N 27  
ARG HA   H  N N 28  
ARG HB2  H  N N 29  
ARG HB3  H  N N 30  
ARG HG2  H  N N 31  
ARG HG3  H  N N 32  
ARG HD2  H  N N 33  
ARG HD3  H  N N 34  
ARG HE   H  N N 35  
ARG HH11 H  N N 36  
ARG HH12 H  N N 37  
ARG HH21 H  N N 38  
ARG HH22 H  N N 39  
ARG HXT  H  N N 40  
ASN N    N  N N 41  
ASN CA   C  N S 42  
ASN C    C  N N 43  
ASN O    O  N N 44  
ASN CB   C  N N 45  
ASN CG   C  N N 46  
ASN OD1  O  N N 47  
ASN ND2  N  N N 48  
ASN OXT  O  N N 49  
ASN H    H  N N 50  
ASN H2   H  N N 51  
ASN HA   H  N N 52  
ASN HB2  H  N N 53  
ASN HB3  H  N N 54  
ASN HD21 H  N N 55  
ASN HD22 H  N N 56  
ASN HXT  H  N N 57  
ASP N    N  N N 58  
ASP CA   C  N S 59  
ASP C    C  N N 60  
ASP O    O  N N 61  
ASP CB   C  N N 62  
ASP CG   C  N N 63  
ASP OD1  O  N N 64  
ASP OD2  O  N N 65  
ASP OXT  O  N N 66  
ASP H    H  N N 67  
ASP H2   H  N N 68  
ASP HA   H  N N 69  
ASP HB2  H  N N 70  
ASP HB3  H  N N 71  
ASP HD2  H  N N 72  
ASP HXT  H  N N 73  
GLN N    N  N N 74  
GLN CA   C  N S 75  
GLN C    C  N N 76  
GLN O    O  N N 77  
GLN CB   C  N N 78  
GLN CG   C  N N 79  
GLN CD   C  N N 80  
GLN OE1  O  N N 81  
GLN NE2  N  N N 82  
GLN OXT  O  N N 83  
GLN H    H  N N 84  
GLN H2   H  N N 85  
GLN HA   H  N N 86  
GLN HB2  H  N N 87  
GLN HB3  H  N N 88  
GLN HG2  H  N N 89  
GLN HG3  H  N N 90  
GLN HE21 H  N N 91  
GLN HE22 H  N N 92  
GLN HXT  H  N N 93  
GLU N    N  N N 94  
GLU CA   C  N S 95  
GLU C    C  N N 96  
GLU O    O  N N 97  
GLU CB   C  N N 98  
GLU CG   C  N N 99  
GLU CD   C  N N 100 
GLU OE1  O  N N 101 
GLU OE2  O  N N 102 
GLU OXT  O  N N 103 
GLU H    H  N N 104 
GLU H2   H  N N 105 
GLU HA   H  N N 106 
GLU HB2  H  N N 107 
GLU HB3  H  N N 108 
GLU HG2  H  N N 109 
GLU HG3  H  N N 110 
GLU HE2  H  N N 111 
GLU HXT  H  N N 112 
GLY N    N  N N 113 
GLY CA   C  N N 114 
GLY C    C  N N 115 
GLY O    O  N N 116 
GLY OXT  O  N N 117 
GLY H    H  N N 118 
GLY H2   H  N N 119 
GLY HA2  H  N N 120 
GLY HA3  H  N N 121 
GLY HXT  H  N N 122 
HIS N    N  N N 123 
HIS CA   C  N S 124 
HIS C    C  N N 125 
HIS O    O  N N 126 
HIS CB   C  N N 127 
HIS CG   C  Y N 128 
HIS ND1  N  Y N 129 
HIS CD2  C  Y N 130 
HIS CE1  C  Y N 131 
HIS NE2  N  Y N 132 
HIS OXT  O  N N 133 
HIS H    H  N N 134 
HIS H2   H  N N 135 
HIS HA   H  N N 136 
HIS HB2  H  N N 137 
HIS HB3  H  N N 138 
HIS HD1  H  N N 139 
HIS HD2  H  N N 140 
HIS HE1  H  N N 141 
HIS HE2  H  N N 142 
HIS HXT  H  N N 143 
HOH O    O  N N 144 
HOH H1   H  N N 145 
HOH H2   H  N N 146 
ILE N    N  N N 147 
ILE CA   C  N S 148 
ILE C    C  N N 149 
ILE O    O  N N 150 
ILE CB   C  N S 151 
ILE CG1  C  N N 152 
ILE CG2  C  N N 153 
ILE CD1  C  N N 154 
ILE OXT  O  N N 155 
ILE H    H  N N 156 
ILE H2   H  N N 157 
ILE HA   H  N N 158 
ILE HB   H  N N 159 
ILE HG12 H  N N 160 
ILE HG13 H  N N 161 
ILE HG21 H  N N 162 
ILE HG22 H  N N 163 
ILE HG23 H  N N 164 
ILE HD11 H  N N 165 
ILE HD12 H  N N 166 
ILE HD13 H  N N 167 
ILE HXT  H  N N 168 
LEU N    N  N N 169 
LEU CA   C  N S 170 
LEU C    C  N N 171 
LEU O    O  N N 172 
LEU CB   C  N N 173 
LEU CG   C  N N 174 
LEU CD1  C  N N 175 
LEU CD2  C  N N 176 
LEU OXT  O  N N 177 
LEU H    H  N N 178 
LEU H2   H  N N 179 
LEU HA   H  N N 180 
LEU HB2  H  N N 181 
LEU HB3  H  N N 182 
LEU HG   H  N N 183 
LEU HD11 H  N N 184 
LEU HD12 H  N N 185 
LEU HD13 H  N N 186 
LEU HD21 H  N N 187 
LEU HD22 H  N N 188 
LEU HD23 H  N N 189 
LEU HXT  H  N N 190 
LYS N    N  N N 191 
LYS CA   C  N S 192 
LYS C    C  N N 193 
LYS O    O  N N 194 
LYS CB   C  N N 195 
LYS CG   C  N N 196 
LYS CD   C  N N 197 
LYS CE   C  N N 198 
LYS NZ   N  N N 199 
LYS OXT  O  N N 200 
LYS H    H  N N 201 
LYS H2   H  N N 202 
LYS HA   H  N N 203 
LYS HB2  H  N N 204 
LYS HB3  H  N N 205 
LYS HG2  H  N N 206 
LYS HG3  H  N N 207 
LYS HD2  H  N N 208 
LYS HD3  H  N N 209 
LYS HE2  H  N N 210 
LYS HE3  H  N N 211 
LYS HZ1  H  N N 212 
LYS HZ2  H  N N 213 
LYS HZ3  H  N N 214 
LYS HXT  H  N N 215 
MSE N    N  N N 216 
MSE CA   C  N S 217 
MSE C    C  N N 218 
MSE O    O  N N 219 
MSE OXT  O  N N 220 
MSE CB   C  N N 221 
MSE CG   C  N N 222 
MSE SE   SE N N 223 
MSE CE   C  N N 224 
MSE H    H  N N 225 
MSE H2   H  N N 226 
MSE HA   H  N N 227 
MSE HXT  H  N N 228 
MSE HB2  H  N N 229 
MSE HB3  H  N N 230 
MSE HG2  H  N N 231 
MSE HG3  H  N N 232 
MSE HE1  H  N N 233 
MSE HE2  H  N N 234 
MSE HE3  H  N N 235 
PHE N    N  N N 236 
PHE CA   C  N S 237 
PHE C    C  N N 238 
PHE O    O  N N 239 
PHE CB   C  N N 240 
PHE CG   C  Y N 241 
PHE CD1  C  Y N 242 
PHE CD2  C  Y N 243 
PHE CE1  C  Y N 244 
PHE CE2  C  Y N 245 
PHE CZ   C  Y N 246 
PHE OXT  O  N N 247 
PHE H    H  N N 248 
PHE H2   H  N N 249 
PHE HA   H  N N 250 
PHE HB2  H  N N 251 
PHE HB3  H  N N 252 
PHE HD1  H  N N 253 
PHE HD2  H  N N 254 
PHE HE1  H  N N 255 
PHE HE2  H  N N 256 
PHE HZ   H  N N 257 
PHE HXT  H  N N 258 
PRO N    N  N N 259 
PRO CA   C  N S 260 
PRO C    C  N N 261 
PRO O    O  N N 262 
PRO CB   C  N N 263 
PRO CG   C  N N 264 
PRO CD   C  N N 265 
PRO OXT  O  N N 266 
PRO H    H  N N 267 
PRO HA   H  N N 268 
PRO HB2  H  N N 269 
PRO HB3  H  N N 270 
PRO HG2  H  N N 271 
PRO HG3  H  N N 272 
PRO HD2  H  N N 273 
PRO HD3  H  N N 274 
PRO HXT  H  N N 275 
SER N    N  N N 276 
SER CA   C  N S 277 
SER C    C  N N 278 
SER O    O  N N 279 
SER CB   C  N N 280 
SER OG   O  N N 281 
SER OXT  O  N N 282 
SER H    H  N N 283 
SER H2   H  N N 284 
SER HA   H  N N 285 
SER HB2  H  N N 286 
SER HB3  H  N N 287 
SER HG   H  N N 288 
SER HXT  H  N N 289 
THR N    N  N N 290 
THR CA   C  N S 291 
THR C    C  N N 292 
THR O    O  N N 293 
THR CB   C  N R 294 
THR OG1  O  N N 295 
THR CG2  C  N N 296 
THR OXT  O  N N 297 
THR H    H  N N 298 
THR H2   H  N N 299 
THR HA   H  N N 300 
THR HB   H  N N 301 
THR HG1  H  N N 302 
THR HG21 H  N N 303 
THR HG22 H  N N 304 
THR HG23 H  N N 305 
THR HXT  H  N N 306 
TRP N    N  N N 307 
TRP CA   C  N S 308 
TRP C    C  N N 309 
TRP O    O  N N 310 
TRP CB   C  N N 311 
TRP CG   C  Y N 312 
TRP CD1  C  Y N 313 
TRP CD2  C  Y N 314 
TRP NE1  N  Y N 315 
TRP CE2  C  Y N 316 
TRP CE3  C  Y N 317 
TRP CZ2  C  Y N 318 
TRP CZ3  C  Y N 319 
TRP CH2  C  Y N 320 
TRP OXT  O  N N 321 
TRP H    H  N N 322 
TRP H2   H  N N 323 
TRP HA   H  N N 324 
TRP HB2  H  N N 325 
TRP HB3  H  N N 326 
TRP HD1  H  N N 327 
TRP HE1  H  N N 328 
TRP HE3  H  N N 329 
TRP HZ2  H  N N 330 
TRP HZ3  H  N N 331 
TRP HH2  H  N N 332 
TRP HXT  H  N N 333 
TYR N    N  N N 334 
TYR CA   C  N S 335 
TYR C    C  N N 336 
TYR O    O  N N 337 
TYR CB   C  N N 338 
TYR CG   C  Y N 339 
TYR CD1  C  Y N 340 
TYR CD2  C  Y N 341 
TYR CE1  C  Y N 342 
TYR CE2  C  Y N 343 
TYR CZ   C  Y N 344 
TYR OH   O  N N 345 
TYR OXT  O  N N 346 
TYR H    H  N N 347 
TYR H2   H  N N 348 
TYR HA   H  N N 349 
TYR HB2  H  N N 350 
TYR HB3  H  N N 351 
TYR HD1  H  N N 352 
TYR HD2  H  N N 353 
TYR HE1  H  N N 354 
TYR HE2  H  N N 355 
TYR HH   H  N N 356 
TYR HXT  H  N N 357 
VAL N    N  N N 358 
VAL CA   C  N S 359 
VAL C    C  N N 360 
VAL O    O  N N 361 
VAL CB   C  N N 362 
VAL CG1  C  N N 363 
VAL CG2  C  N N 364 
VAL OXT  O  N N 365 
VAL H    H  N N 366 
VAL H2   H  N N 367 
VAL HA   H  N N 368 
VAL HB   H  N N 369 
VAL HG11 H  N N 370 
VAL HG12 H  N N 371 
VAL HG13 H  N N 372 
VAL HG21 H  N N 373 
VAL HG22 H  N N 374 
VAL HG23 H  N N 375 
VAL HXT  H  N N 376 
# 
loop_
_chem_comp_bond.comp_id 
_chem_comp_bond.atom_id_1 
_chem_comp_bond.atom_id_2 
_chem_comp_bond.value_order 
_chem_comp_bond.pdbx_aromatic_flag 
_chem_comp_bond.pdbx_stereo_config 
_chem_comp_bond.pdbx_ordinal 
ALA N   CA   sing N N 1   
ALA N   H    sing N N 2   
ALA N   H2   sing N N 3   
ALA CA  C    sing N N 4   
ALA CA  CB   sing N N 5   
ALA CA  HA   sing N N 6   
ALA C   O    doub N N 7   
ALA C   OXT  sing N N 8   
ALA CB  HB1  sing N N 9   
ALA CB  HB2  sing N N 10  
ALA CB  HB3  sing N N 11  
ALA OXT HXT  sing N N 12  
ARG N   CA   sing N N 13  
ARG N   H    sing N N 14  
ARG N   H2   sing N N 15  
ARG CA  C    sing N N 16  
ARG CA  CB   sing N N 17  
ARG CA  HA   sing N N 18  
ARG C   O    doub N N 19  
ARG C   OXT  sing N N 20  
ARG CB  CG   sing N N 21  
ARG CB  HB2  sing N N 22  
ARG CB  HB3  sing N N 23  
ARG CG  CD   sing N N 24  
ARG CG  HG2  sing N N 25  
ARG CG  HG3  sing N N 26  
ARG CD  NE   sing N N 27  
ARG CD  HD2  sing N N 28  
ARG CD  HD3  sing N N 29  
ARG NE  CZ   sing N N 30  
ARG NE  HE   sing N N 31  
ARG CZ  NH1  sing N N 32  
ARG CZ  NH2  doub N N 33  
ARG NH1 HH11 sing N N 34  
ARG NH1 HH12 sing N N 35  
ARG NH2 HH21 sing N N 36  
ARG NH2 HH22 sing N N 37  
ARG OXT HXT  sing N N 38  
ASN N   CA   sing N N 39  
ASN N   H    sing N N 40  
ASN N   H2   sing N N 41  
ASN CA  C    sing N N 42  
ASN CA  CB   sing N N 43  
ASN CA  HA   sing N N 44  
ASN C   O    doub N N 45  
ASN C   OXT  sing N N 46  
ASN CB  CG   sing N N 47  
ASN CB  HB2  sing N N 48  
ASN CB  HB3  sing N N 49  
ASN CG  OD1  doub N N 50  
ASN CG  ND2  sing N N 51  
ASN ND2 HD21 sing N N 52  
ASN ND2 HD22 sing N N 53  
ASN OXT HXT  sing N N 54  
ASP N   CA   sing N N 55  
ASP N   H    sing N N 56  
ASP N   H2   sing N N 57  
ASP CA  C    sing N N 58  
ASP CA  CB   sing N N 59  
ASP CA  HA   sing N N 60  
ASP C   O    doub N N 61  
ASP C   OXT  sing N N 62  
ASP CB  CG   sing N N 63  
ASP CB  HB2  sing N N 64  
ASP CB  HB3  sing N N 65  
ASP CG  OD1  doub N N 66  
ASP CG  OD2  sing N N 67  
ASP OD2 HD2  sing N N 68  
ASP OXT HXT  sing N N 69  
GLN N   CA   sing N N 70  
GLN N   H    sing N N 71  
GLN N   H2   sing N N 72  
GLN CA  C    sing N N 73  
GLN CA  CB   sing N N 74  
GLN CA  HA   sing N N 75  
GLN C   O    doub N N 76  
GLN C   OXT  sing N N 77  
GLN CB  CG   sing N N 78  
GLN CB  HB2  sing N N 79  
GLN CB  HB3  sing N N 80  
GLN CG  CD   sing N N 81  
GLN CG  HG2  sing N N 82  
GLN CG  HG3  sing N N 83  
GLN CD  OE1  doub N N 84  
GLN CD  NE2  sing N N 85  
GLN NE2 HE21 sing N N 86  
GLN NE2 HE22 sing N N 87  
GLN OXT HXT  sing N N 88  
GLU N   CA   sing N N 89  
GLU N   H    sing N N 90  
GLU N   H2   sing N N 91  
GLU CA  C    sing N N 92  
GLU CA  CB   sing N N 93  
GLU CA  HA   sing N N 94  
GLU C   O    doub N N 95  
GLU C   OXT  sing N N 96  
GLU CB  CG   sing N N 97  
GLU CB  HB2  sing N N 98  
GLU CB  HB3  sing N N 99  
GLU CG  CD   sing N N 100 
GLU CG  HG2  sing N N 101 
GLU CG  HG3  sing N N 102 
GLU CD  OE1  doub N N 103 
GLU CD  OE2  sing N N 104 
GLU OE2 HE2  sing N N 105 
GLU OXT HXT  sing N N 106 
GLY N   CA   sing N N 107 
GLY N   H    sing N N 108 
GLY N   H2   sing N N 109 
GLY CA  C    sing N N 110 
GLY CA  HA2  sing N N 111 
GLY CA  HA3  sing N N 112 
GLY C   O    doub N N 113 
GLY C   OXT  sing N N 114 
GLY OXT HXT  sing N N 115 
HIS N   CA   sing N N 116 
HIS N   H    sing N N 117 
HIS N   H2   sing N N 118 
HIS CA  C    sing N N 119 
HIS CA  CB   sing N N 120 
HIS CA  HA   sing N N 121 
HIS C   O    doub N N 122 
HIS C   OXT  sing N N 123 
HIS CB  CG   sing N N 124 
HIS CB  HB2  sing N N 125 
HIS CB  HB3  sing N N 126 
HIS CG  ND1  sing Y N 127 
HIS CG  CD2  doub Y N 128 
HIS ND1 CE1  doub Y N 129 
HIS ND1 HD1  sing N N 130 
HIS CD2 NE2  sing Y N 131 
HIS CD2 HD2  sing N N 132 
HIS CE1 NE2  sing Y N 133 
HIS CE1 HE1  sing N N 134 
HIS NE2 HE2  sing N N 135 
HIS OXT HXT  sing N N 136 
HOH O   H1   sing N N 137 
HOH O   H2   sing N N 138 
ILE N   CA   sing N N 139 
ILE N   H    sing N N 140 
ILE N   H2   sing N N 141 
ILE CA  C    sing N N 142 
ILE CA  CB   sing N N 143 
ILE CA  HA   sing N N 144 
ILE C   O    doub N N 145 
ILE C   OXT  sing N N 146 
ILE CB  CG1  sing N N 147 
ILE CB  CG2  sing N N 148 
ILE CB  HB   sing N N 149 
ILE CG1 CD1  sing N N 150 
ILE CG1 HG12 sing N N 151 
ILE CG1 HG13 sing N N 152 
ILE CG2 HG21 sing N N 153 
ILE CG2 HG22 sing N N 154 
ILE CG2 HG23 sing N N 155 
ILE CD1 HD11 sing N N 156 
ILE CD1 HD12 sing N N 157 
ILE CD1 HD13 sing N N 158 
ILE OXT HXT  sing N N 159 
LEU N   CA   sing N N 160 
LEU N   H    sing N N 161 
LEU N   H2   sing N N 162 
LEU CA  C    sing N N 163 
LEU CA  CB   sing N N 164 
LEU CA  HA   sing N N 165 
LEU C   O    doub N N 166 
LEU C   OXT  sing N N 167 
LEU CB  CG   sing N N 168 
LEU CB  HB2  sing N N 169 
LEU CB  HB3  sing N N 170 
LEU CG  CD1  sing N N 171 
LEU CG  CD2  sing N N 172 
LEU CG  HG   sing N N 173 
LEU CD1 HD11 sing N N 174 
LEU CD1 HD12 sing N N 175 
LEU CD1 HD13 sing N N 176 
LEU CD2 HD21 sing N N 177 
LEU CD2 HD22 sing N N 178 
LEU CD2 HD23 sing N N 179 
LEU OXT HXT  sing N N 180 
LYS N   CA   sing N N 181 
LYS N   H    sing N N 182 
LYS N   H2   sing N N 183 
LYS CA  C    sing N N 184 
LYS CA  CB   sing N N 185 
LYS CA  HA   sing N N 186 
LYS C   O    doub N N 187 
LYS C   OXT  sing N N 188 
LYS CB  CG   sing N N 189 
LYS CB  HB2  sing N N 190 
LYS CB  HB3  sing N N 191 
LYS CG  CD   sing N N 192 
LYS CG  HG2  sing N N 193 
LYS CG  HG3  sing N N 194 
LYS CD  CE   sing N N 195 
LYS CD  HD2  sing N N 196 
LYS CD  HD3  sing N N 197 
LYS CE  NZ   sing N N 198 
LYS CE  HE2  sing N N 199 
LYS CE  HE3  sing N N 200 
LYS NZ  HZ1  sing N N 201 
LYS NZ  HZ2  sing N N 202 
LYS NZ  HZ3  sing N N 203 
LYS OXT HXT  sing N N 204 
MSE N   CA   sing N N 205 
MSE N   H    sing N N 206 
MSE N   H2   sing N N 207 
MSE CA  C    sing N N 208 
MSE CA  CB   sing N N 209 
MSE CA  HA   sing N N 210 
MSE C   O    doub N N 211 
MSE C   OXT  sing N N 212 
MSE OXT HXT  sing N N 213 
MSE CB  CG   sing N N 214 
MSE CB  HB2  sing N N 215 
MSE CB  HB3  sing N N 216 
MSE CG  SE   sing N N 217 
MSE CG  HG2  sing N N 218 
MSE CG  HG3  sing N N 219 
MSE SE  CE   sing N N 220 
MSE CE  HE1  sing N N 221 
MSE CE  HE2  sing N N 222 
MSE CE  HE3  sing N N 223 
PHE N   CA   sing N N 224 
PHE N   H    sing N N 225 
PHE N   H2   sing N N 226 
PHE CA  C    sing N N 227 
PHE CA  CB   sing N N 228 
PHE CA  HA   sing N N 229 
PHE C   O    doub N N 230 
PHE C   OXT  sing N N 231 
PHE CB  CG   sing N N 232 
PHE CB  HB2  sing N N 233 
PHE CB  HB3  sing N N 234 
PHE CG  CD1  doub Y N 235 
PHE CG  CD2  sing Y N 236 
PHE CD1 CE1  sing Y N 237 
PHE CD1 HD1  sing N N 238 
PHE CD2 CE2  doub Y N 239 
PHE CD2 HD2  sing N N 240 
PHE CE1 CZ   doub Y N 241 
PHE CE1 HE1  sing N N 242 
PHE CE2 CZ   sing Y N 243 
PHE CE2 HE2  sing N N 244 
PHE CZ  HZ   sing N N 245 
PHE OXT HXT  sing N N 246 
PRO N   CA   sing N N 247 
PRO N   CD   sing N N 248 
PRO N   H    sing N N 249 
PRO CA  C    sing N N 250 
PRO CA  CB   sing N N 251 
PRO CA  HA   sing N N 252 
PRO C   O    doub N N 253 
PRO C   OXT  sing N N 254 
PRO CB  CG   sing N N 255 
PRO CB  HB2  sing N N 256 
PRO CB  HB3  sing N N 257 
PRO CG  CD   sing N N 258 
PRO CG  HG2  sing N N 259 
PRO CG  HG3  sing N N 260 
PRO CD  HD2  sing N N 261 
PRO CD  HD3  sing N N 262 
PRO OXT HXT  sing N N 263 
SER N   CA   sing N N 264 
SER N   H    sing N N 265 
SER N   H2   sing N N 266 
SER CA  C    sing N N 267 
SER CA  CB   sing N N 268 
SER CA  HA   sing N N 269 
SER C   O    doub N N 270 
SER C   OXT  sing N N 271 
SER CB  OG   sing N N 272 
SER CB  HB2  sing N N 273 
SER CB  HB3  sing N N 274 
SER OG  HG   sing N N 275 
SER OXT HXT  sing N N 276 
THR N   CA   sing N N 277 
THR N   H    sing N N 278 
THR N   H2   sing N N 279 
THR CA  C    sing N N 280 
THR CA  CB   sing N N 281 
THR CA  HA   sing N N 282 
THR C   O    doub N N 283 
THR C   OXT  sing N N 284 
THR CB  OG1  sing N N 285 
THR CB  CG2  sing N N 286 
THR CB  HB   sing N N 287 
THR OG1 HG1  sing N N 288 
THR CG2 HG21 sing N N 289 
THR CG2 HG22 sing N N 290 
THR CG2 HG23 sing N N 291 
THR OXT HXT  sing N N 292 
TRP N   CA   sing N N 293 
TRP N   H    sing N N 294 
TRP N   H2   sing N N 295 
TRP CA  C    sing N N 296 
TRP CA  CB   sing N N 297 
TRP CA  HA   sing N N 298 
TRP C   O    doub N N 299 
TRP C   OXT  sing N N 300 
TRP CB  CG   sing N N 301 
TRP CB  HB2  sing N N 302 
TRP CB  HB3  sing N N 303 
TRP CG  CD1  doub Y N 304 
TRP CG  CD2  sing Y N 305 
TRP CD1 NE1  sing Y N 306 
TRP CD1 HD1  sing N N 307 
TRP CD2 CE2  doub Y N 308 
TRP CD2 CE3  sing Y N 309 
TRP NE1 CE2  sing Y N 310 
TRP NE1 HE1  sing N N 311 
TRP CE2 CZ2  sing Y N 312 
TRP CE3 CZ3  doub Y N 313 
TRP CE3 HE3  sing N N 314 
TRP CZ2 CH2  doub Y N 315 
TRP CZ2 HZ2  sing N N 316 
TRP CZ3 CH2  sing Y N 317 
TRP CZ3 HZ3  sing N N 318 
TRP CH2 HH2  sing N N 319 
TRP OXT HXT  sing N N 320 
TYR N   CA   sing N N 321 
TYR N   H    sing N N 322 
TYR N   H2   sing N N 323 
TYR CA  C    sing N N 324 
TYR CA  CB   sing N N 325 
TYR CA  HA   sing N N 326 
TYR C   O    doub N N 327 
TYR C   OXT  sing N N 328 
TYR CB  CG   sing N N 329 
TYR CB  HB2  sing N N 330 
TYR CB  HB3  sing N N 331 
TYR CG  CD1  doub Y N 332 
TYR CG  CD2  sing Y N 333 
TYR CD1 CE1  sing Y N 334 
TYR CD1 HD1  sing N N 335 
TYR CD2 CE2  doub Y N 336 
TYR CD2 HD2  sing N N 337 
TYR CE1 CZ   doub Y N 338 
TYR CE1 HE1  sing N N 339 
TYR CE2 CZ   sing Y N 340 
TYR CE2 HE2  sing N N 341 
TYR CZ  OH   sing N N 342 
TYR OH  HH   sing N N 343 
TYR OXT HXT  sing N N 344 
VAL N   CA   sing N N 345 
VAL N   H    sing N N 346 
VAL N   H2   sing N N 347 
VAL CA  C    sing N N 348 
VAL CA  CB   sing N N 349 
VAL CA  HA   sing N N 350 
VAL C   O    doub N N 351 
VAL C   OXT  sing N N 352 
VAL CB  CG1  sing N N 353 
VAL CB  CG2  sing N N 354 
VAL CB  HB   sing N N 355 
VAL CG1 HG11 sing N N 356 
VAL CG1 HG12 sing N N 357 
VAL CG1 HG13 sing N N 358 
VAL CG2 HG21 sing N N 359 
VAL CG2 HG22 sing N N 360 
VAL CG2 HG23 sing N N 361 
VAL OXT HXT  sing N N 362 
# 
_pdbx_audit_support.funding_organization   'National Natural Science Foundation of China (NSFC)' 
_pdbx_audit_support.country                China 
_pdbx_audit_support.grant_number           CARS-25-03B 
_pdbx_audit_support.ordinal                1 
# 
_atom_sites.entry_id                    8WOJ 
_atom_sites.Cartn_transf_matrix[1][1]   ? 
_atom_sites.Cartn_transf_matrix[1][2]   ? 
_atom_sites.Cartn_transf_matrix[1][3]   ? 
_atom_sites.Cartn_transf_matrix[2][1]   ? 
_atom_sites.Cartn_transf_matrix[2][2]   ? 
_atom_sites.Cartn_transf_matrix[2][3]   ? 
_atom_sites.Cartn_transf_matrix[3][1]   ? 
_atom_sites.Cartn_transf_matrix[3][2]   ? 
_atom_sites.Cartn_transf_matrix[3][3]   ? 
_atom_sites.Cartn_transf_vector[1]      ? 
_atom_sites.Cartn_transf_vector[2]      ? 
_atom_sites.Cartn_transf_vector[3]      ? 
_atom_sites.Cartn_transform_axes        ? 
_atom_sites.fract_transf_matrix[1][1]   0.00678454 
_atom_sites.fract_transf_matrix[1][2]   -0.01785157 
_atom_sites.fract_transf_matrix[1][3]   0.00790303 
_atom_sites.fract_transf_matrix[2][1]   0.02601861 
_atom_sites.fract_transf_matrix[2][2]   0.01197721 
_atom_sites.fract_transf_matrix[2][3]   0.00471816 
_atom_sites.fract_transf_matrix[3][1]   -0.00592154 
_atom_sites.fract_transf_matrix[3][2]   0.00575450 
_atom_sites.fract_transf_matrix[3][3]   0.01804674 
_atom_sites.fract_transf_vector[1]      0.534367 
_atom_sites.fract_transf_vector[2]      0.567275 
_atom_sites.fract_transf_vector[3]      0.748705 
_atom_sites.solution_primary            ? 
_atom_sites.solution_secondary          ? 
_atom_sites.solution_hydrogens          ? 
_atom_sites.special_details             ? 
# 
loop_
_atom_type.symbol 
C  
N  
O  
SE 
# 
loop_
_atom_site.group_PDB 
_atom_site.id 
_atom_site.type_symbol 
_atom_site.label_atom_id 
_atom_site.label_alt_id 
_atom_site.label_comp_id 
_atom_site.label_asym_id 
_atom_site.label_entity_id 
_atom_site.label_seq_id 
_atom_site.pdbx_PDB_ins_code 
_atom_site.Cartn_x 
_atom_site.Cartn_y 
_atom_site.Cartn_z 
_atom_site.occupancy 
_atom_site.B_iso_or_equiv 
_atom_site.pdbx_formal_charge 
_atom_site.auth_seq_id 
_atom_site.auth_comp_id 
_atom_site.auth_asym_id 
_atom_site.auth_atom_id 
_atom_site.pdbx_PDB_model_num 
ATOM   1    N  N   . PHE A 1 2  ? 0.415   24.432  1.546   1.00 23.52 ? 26  PHE A N   1 
ATOM   2    C  CA  . PHE A 1 2  ? 0.755   23.223  0.790   1.00 20.42 ? 26  PHE A CA  1 
ATOM   3    C  C   . PHE A 1 2  ? -0.314  22.943  -0.262  1.00 19.08 ? 26  PHE A C   1 
ATOM   4    O  O   . PHE A 1 2  ? -1.513  22.997  0.018   1.00 21.03 ? 26  PHE A O   1 
ATOM   5    C  CB  . PHE A 1 2  ? 0.917   22.016  1.708   1.00 17.94 ? 26  PHE A CB  1 
ATOM   6    C  CG  . PHE A 1 2  ? 1.093   20.721  0.973   1.00 19.01 ? 26  PHE A CG  1 
ATOM   7    C  CD1 . PHE A 1 2  ? 2.342   20.332  0.533   1.00 19.38 ? 26  PHE A CD1 1 
ATOM   8    C  CD2 . PHE A 1 2  ? 0.008   19.881  0.744   1.00 19.16 ? 26  PHE A CD2 1 
ATOM   9    C  CE1 . PHE A 1 2  ? 2.525   19.124  -0.135  1.00 18.29 ? 26  PHE A CE1 1 
ATOM   10   C  CE2 . PHE A 1 2  ? 0.176   18.683  0.082   1.00 16.01 ? 26  PHE A CE2 1 
ATOM   11   C  CZ  . PHE A 1 2  ? 1.445   18.301  -0.365  1.00 17.79 ? 26  PHE A CZ  1 
ATOM   12   N  N   . THR A 1 3  ? 0.139   22.665  -1.478  1.00 17.80 ? 27  THR A N   1 
ATOM   13   C  CA  . THR A 1 3  ? -0.736  22.256  -2.567  1.00 15.42 ? 27  THR A CA  1 
ATOM   14   C  C   . THR A 1 3  ? -0.086  21.078  -3.260  1.00 17.98 ? 27  THR A C   1 
ATOM   15   O  O   . THR A 1 3  ? 1.141   20.981  -3.313  1.00 19.62 ? 27  THR A O   1 
ATOM   16   C  CB  . THR A 1 3  ? -0.982  23.372  -3.616  1.00 20.69 ? 27  THR A CB  1 
ATOM   17   O  OG1 . THR A 1 3  ? 0.262   23.725  -4.225  1.00 31.80 ? 27  THR A OG1 1 
ATOM   18   C  CG2 . THR A 1 3  ? -1.581  24.589  -2.957  1.00 24.92 ? 27  THR A CG2 1 
ATOM   19   N  N   . TYR A 1 4  ? -0.901  20.172  -3.787  1.00 14.23 ? 28  TYR A N   1 
ATOM   20   C  CA  . TYR A 1 4  ? -0.384  19.042  -4.537  1.00 14.29 ? 28  TYR A CA  1 
ATOM   21   C  C   . TYR A 1 4  ? -1.187  18.964  -5.827  1.00 14.75 ? 28  TYR A C   1 
ATOM   22   O  O   . TYR A 1 4  ? -2.413  18.942  -5.791  1.00 18.49 ? 28  TYR A O   1 
ATOM   23   C  CB  . TYR A 1 4  ? -0.507  17.753  -3.734  1.00 16.20 ? 28  TYR A CB  1 
ATOM   24   C  CG  . TYR A 1 4  ? 0.023   16.497  -4.386  1.00 15.23 ? 28  TYR A CG  1 
ATOM   25   C  CD1 . TYR A 1 4  ? -0.798  15.704  -5.183  1.00 13.78 ? 28  TYR A CD1 1 
ATOM   26   C  CD2 . TYR A 1 4  ? 1.338   16.075  -4.175  1.00 15.54 ? 28  TYR A CD2 1 
ATOM   27   C  CE1 . TYR A 1 4  ? -0.334  14.545  -5.759  1.00 12.31 ? 28  TYR A CE1 1 
ATOM   28   C  CE2 . TYR A 1 4  ? 1.812   14.911  -4.751  1.00 13.28 ? 28  TYR A CE2 1 
ATOM   29   C  CZ  . TYR A 1 4  ? 0.969   14.154  -5.545  1.00 15.50 ? 28  TYR A CZ  1 
ATOM   30   O  OH  . TYR A 1 4  ? 1.417   13.002  -6.114  1.00 14.04 ? 28  TYR A OH  1 
ATOM   31   N  N   . THR A 1 5  ? -0.523  18.936  -6.964  1.00 19.86 ? 29  THR A N   1 
ATOM   32   C  CA  . THR A 1 5  ? -1.323  18.804  -8.158  1.00 22.67 ? 29  THR A CA  1 
ATOM   33   C  C   . THR A 1 5  ? -1.231  17.340  -8.570  1.00 12.93 ? 29  THR A C   1 
ATOM   34   O  O   . THR A 1 5  ? -0.167  16.739  -8.712  1.00 17.62 ? 29  THR A O   1 
ATOM   35   C  CB  . THR A 1 5  ? -0.925  19.778  -9.279  1.00 25.03 ? 29  THR A CB  1 
ATOM   36   O  OG1 . THR A 1 5  ? -1.053  21.135  -8.804  1.00 26.62 ? 29  THR A OG1 1 
ATOM   37   C  CG2 . THR A 1 5  ? -1.891  19.610  -10.458 1.00 20.93 ? 29  THR A CG2 1 
ATOM   38   N  N   . PHE A 1 6  ? -2.405  16.749  -8.637  1.00 14.37 ? 30  PHE A N   1 
ATOM   39   C  CA  . PHE A 1 6  ? -2.562  15.363  -8.945  1.00 12.21 ? 30  PHE A CA  1 
ATOM   40   C  C   . PHE A 1 6  ? -2.332  15.135  -10.425 1.00 12.32 ? 30  PHE A C   1 
ATOM   41   O  O   . PHE A 1 6  ? -2.169  16.093  -11.180 1.00 14.41 ? 30  PHE A O   1 
ATOM   42   C  CB  . PHE A 1 6  ? -3.955  14.929  -8.509  1.00 10.63 ? 30  PHE A CB  1 
ATOM   43   C  CG  . PHE A 1 6  ? -4.092  14.832  -7.023  1.00 8.95  ? 30  PHE A CG  1 
ATOM   44   C  CD1 . PHE A 1 6  ? -4.406  15.954  -6.266  1.00 10.61 ? 30  PHE A CD1 1 
ATOM   45   C  CD2 . PHE A 1 6  ? -3.876  13.630  -6.391  1.00 12.43 ? 30  PHE A CD2 1 
ATOM   46   C  CE1 . PHE A 1 6  ? -4.513  15.863  -4.891  1.00 13.38 ? 30  PHE A CE1 1 
ATOM   47   C  CE2 . PHE A 1 6  ? -3.995  13.531  -5.007  1.00 13.60 ? 30  PHE A CE2 1 
ATOM   48   C  CZ  . PHE A 1 6  ? -4.320  14.651  -4.270  1.00 13.37 ? 30  PHE A CZ  1 
ATOM   49   N  N   . ASN A 1 7  ? -2.318  13.878  -10.838 1.00 11.58 ? 31  ASN A N   1 
ATOM   50   C  CA  . ASN A 1 7  ? -2.055  13.537  -12.234 1.00 14.61 ? 31  ASN A CA  1 
ATOM   51   C  C   . ASN A 1 7  ? -3.018  12.481  -12.772 1.00 13.80 ? 31  ASN A C   1 
ATOM   52   O  O   . ASN A 1 7  ? -2.605  11.370  -13.094 1.00 16.09 ? 31  ASN A O   1 
ATOM   53   C  CB  . ASN A 1 7  ? -0.607  13.049  -12.376 1.00 14.55 ? 31  ASN A CB  1 
ATOM   54   C  CG  . ASN A 1 7  ? -0.182  12.885  -13.818 1.00 24.04 ? 31  ASN A CG  1 
ATOM   55   O  OD1 . ASN A 1 7  ? -0.613  13.628  -14.694 1.00 24.51 ? 31  ASN A OD1 1 
ATOM   56   N  ND2 . ASN A 1 7  ? 0.661   11.901  -14.067 1.00 25.26 ? 31  ASN A ND2 1 
ATOM   57   N  N   . PHE A 1 8  ? -4.303  12.809  -12.845 1.00 14.72 ? 32  PHE A N   1 
ATOM   58   C  CA  . PHE A 1 8  ? -5.290  11.889  -13.395 1.00 14.69 ? 32  PHE A CA  1 
ATOM   59   C  C   . PHE A 1 8  ? -5.564  12.197  -14.858 1.00 16.33 ? 32  PHE A C   1 
ATOM   60   O  O   . PHE A 1 8  ? -5.585  13.348  -15.274 1.00 16.77 ? 32  PHE A O   1 
ATOM   61   C  CB  . PHE A 1 8  ? -6.594  11.929  -12.577 1.00 10.61 ? 32  PHE A CB  1 
ATOM   62   C  CG  . PHE A 1 8  ? -6.426  11.449  -11.148 1.00 13.04 ? 32  PHE A CG  1 
ATOM   63   C  CD1 . PHE A 1 8  ? -6.248  10.106  -10.879 1.00 11.67 ? 32  PHE A CD1 1 
ATOM   64   C  CD2 . PHE A 1 8  ? -6.419  12.349  -10.095 1.00 12.29 ? 32  PHE A CD2 1 
ATOM   65   C  CE1 . PHE A 1 8  ? -6.080  9.662   -9.562  1.00 10.45 ? 32  PHE A CE1 1 
ATOM   66   C  CE2 . PHE A 1 8  ? -6.275  11.924  -8.776  1.00 9.88  ? 32  PHE A CE2 1 
ATOM   67   C  CZ  . PHE A 1 8  ? -6.088  10.588  -8.507  1.00 11.77 ? 32  PHE A CZ  1 
ATOM   68   N  N   . SER A 1 9  ? -5.730  11.145  -15.639 1.00 16.38 ? 33  SER A N   1 
ATOM   69   C  CA  . SER A 1 9  ? -6.063  11.276  -17.055 1.00 14.92 ? 33  SER A CA  1 
ATOM   70   C  C   . SER A 1 9  ? -7.547  11.519  -17.275 1.00 14.71 ? 33  SER A C   1 
ATOM   71   O  O   . SER A 1 9  ? -8.358  11.423  -16.363 1.00 12.11 ? 33  SER A O   1 
ATOM   72   C  CB  . SER A 1 9  ? -5.643  10.018  -17.803 1.00 13.69 ? 33  SER A CB  1 
ATOM   73   O  OG  . SER A 1 9  ? -6.463  8.946   -17.393 1.00 16.29 ? 33  SER A OG  1 
ATOM   74   N  N   . LEU A 1 10 ? -7.927  11.836  -18.510 1.00 15.05 ? 34  LEU A N   1 
ATOM   75   C  CA  . LEU A 1 10 ? -9.344  11.929  -18.789 1.00 14.98 ? 34  LEU A CA  1 
ATOM   76   C  C   . LEU A 1 10 ? -10.015 10.593  -18.531 1.00 12.09 ? 34  LEU A C   1 
ATOM   77   O  O   . LEU A 1 10 ? -11.132 10.535  -18.024 1.00 13.56 ? 34  LEU A O   1 
ATOM   78   C  CB  . LEU A 1 10 ? -9.603  12.378  -20.228 1.00 18.50 ? 34  LEU A CB  1 
ATOM   79   C  CG  . LEU A 1 10 ? -11.116 12.484  -20.429 1.00 19.24 ? 34  LEU A CG  1 
ATOM   80   C  CD1 . LEU A 1 10 ? -11.764 13.600  -19.590 1.00 27.67 ? 34  LEU A CD1 1 
ATOM   81   C  CD2 . LEU A 1 10 ? -11.449 12.658  -21.882 1.00 27.60 ? 34  LEU A CD2 1 
ATOM   82   N  N   . TRP A 1 11 ? -9.332  9.505   -18.880 1.00 14.14 ? 35  TRP A N   1 
ATOM   83   C  CA  . TRP A 1 11 ? -9.878  8.177   -18.617 1.00 13.72 ? 35  TRP A CA  1 
ATOM   84   C  C   . TRP A 1 11 ? -10.201 8.007   -17.136 1.00 12.22 ? 35  TRP A C   1 
ATOM   85   O  O   . TRP A 1 11 ? -11.278 7.519   -16.770 1.00 12.41 ? 35  TRP A O   1 
ATOM   86   C  CB  . TRP A 1 11 ? -8.891  7.096   -19.050 1.00 14.02 ? 35  TRP A CB  1 
ATOM   87   C  CG  . TRP A 1 11 ? -9.493  5.727   -19.176 1.00 13.96 ? 35  TRP A CG  1 
ATOM   88   C  CD1 . TRP A 1 11 ? -9.492  4.714   -18.245 1.00 14.78 ? 35  TRP A CD1 1 
ATOM   89   C  CD2 . TRP A 1 11 ? -10.184 5.220   -20.324 1.00 13.90 ? 35  TRP A CD2 1 
ATOM   90   N  NE1 . TRP A 1 11 ? -10.143 3.604   -18.762 1.00 14.78 ? 35  TRP A NE1 1 
ATOM   91   C  CE2 . TRP A 1 11 ? -10.581 3.897   -20.032 1.00 17.66 ? 35  TRP A CE2 1 
ATOM   92   C  CE3 . TRP A 1 11 ? -10.508 5.760   -21.577 1.00 17.42 ? 35  TRP A CE3 1 
ATOM   93   C  CZ2 . TRP A 1 11 ? -11.286 3.108   -20.940 1.00 16.69 ? 35  TRP A CZ2 1 
ATOM   94   C  CZ3 . TRP A 1 11 ? -11.215 4.975   -22.484 1.00 19.57 ? 35  TRP A CZ3 1 
ATOM   95   C  CH2 . TRP A 1 11 ? -11.583 3.662   -22.162 1.00 17.62 ? 35  TRP A CH2 1 
ATOM   96   N  N   . ASP A 1 12 ? -9.248  8.398   -16.290 1.00 14.17 ? 36  ASP A N   1 
ATOM   97   C  CA  . ASP A 1 12 ? -9.462  8.331   -14.851 1.00 11.28 ? 36  ASP A CA  1 
ATOM   98   C  C   . ASP A 1 12 ? -10.702 9.106   -14.439 1.00 11.28 ? 36  ASP A C   1 
ATOM   99   O  O   . ASP A 1 12 ? -11.517 8.612   -13.678 1.00 15.22 ? 36  ASP A O   1 
ATOM   100  C  CB  . ASP A 1 12 ? -8.251  8.876   -14.082 1.00 14.40 ? 36  ASP A CB  1 
ATOM   101  C  CG  . ASP A 1 12 ? -7.045  7.960   -14.165 1.00 14.41 ? 36  ASP A CG  1 
ATOM   102  O  OD1 . ASP A 1 12 ? -7.200  6.720   -13.999 1.00 15.20 ? 36  ASP A OD1 1 
ATOM   103  O  OD2 . ASP A 1 12 ? -5.938  8.482   -14.404 1.00 14.99 ? 36  ASP A OD2 1 
ATOM   104  N  N   . ASP A 1 13 ? -10.836 10.327  -14.942 1.00 12.88 ? 37  ASP A N   1 
ATOM   105  C  CA  . ASP A 1 13 ? -11.921 11.194  -14.492 1.00 13.05 ? 37  ASP A CA  1 
ATOM   106  C  C   . ASP A 1 13 ? -13.289 10.657  -14.916 1.00 15.26 ? 37  ASP A C   1 
ATOM   107  O  O   . ASP A 1 13 ? -14.279 10.852  -14.213 1.00 17.74 ? 37  ASP A O   1 
ATOM   108  C  CB  . ASP A 1 13 ? -11.724 12.621  -15.020 1.00 15.34 ? 37  ASP A CB  1 
ATOM   109  C  CG  . ASP A 1 13 ? -10.521 13.331  -14.390 1.00 21.90 ? 37  ASP A CG  1 
ATOM   110  O  OD1 . ASP A 1 13 ? -10.094 12.924  -13.290 1.00 16.97 ? 37  ASP A OD1 1 
ATOM   111  O  OD2 . ASP A 1 13 ? -10.016 14.314  -14.996 1.00 20.76 ? 37  ASP A OD2 1 
ATOM   112  N  N   . LEU A 1 14 ? -13.334 9.962   -16.053 1.00 15.39 ? 38  LEU A N   1 
ATOM   113  C  CA  . LEU A 1 14 ? -14.586 9.429   -16.587 1.00 14.33 ? 38  LEU A CA  1 
ATOM   114  C  C   . LEU A 1 14 ? -14.980 8.104   -15.983 1.00 14.77 ? 38  LEU A C   1 
ATOM   115  O  O   . LEU A 1 14 ? -16.144 7.893   -15.599 1.00 18.13 ? 38  LEU A O   1 
ATOM   116  C  CB  . LEU A 1 14 ? -14.470 9.254   -18.092 1.00 17.26 ? 38  LEU A CB  1 
ATOM   117  C  CG  . LEU A 1 14 ? -14.281 10.528  -18.902 1.00 24.36 ? 38  LEU A CG  1 
ATOM   118  C  CD1 . LEU A 1 14 ? -13.937 10.205  -20.358 1.00 22.91 ? 38  LEU A CD1 1 
ATOM   119  C  CD2 . LEU A 1 14 ? -15.557 11.340  -18.792 1.00 28.77 ? 38  LEU A CD2 1 
ATOM   120  N  N   . PHE A 1 15 ? -13.998 7.206   -15.915 1.00 17.49 ? 39  PHE A N   1 
ATOM   121  C  CA  . PHE A 1 15 ? -14.253 5.807   -15.631 1.00 15.12 ? 39  PHE A CA  1 
ATOM   122  C  C   . PHE A 1 15 ? -13.693 5.350   -14.289 1.00 18.63 ? 39  PHE A C   1 
ATOM   123  O  O   . PHE A 1 15 ? -14.095 4.316   -13.798 1.00 17.94 ? 39  PHE A O   1 
ATOM   124  C  CB  . PHE A 1 15 ? -13.691 4.923   -16.764 1.00 15.02 ? 39  PHE A CB  1 
ATOM   125  C  CG  . PHE A 1 15 ? -14.283 5.234   -18.111 1.00 14.26 ? 39  PHE A CG  1 
ATOM   126  C  CD1 . PHE A 1 15 ? -15.638 5.006   -18.358 1.00 15.80 ? 39  PHE A CD1 1 
ATOM   127  C  CD2 . PHE A 1 15 ? -13.497 5.765   -19.122 1.00 16.06 ? 39  PHE A CD2 1 
ATOM   128  C  CE1 . PHE A 1 15 ? -16.199 5.303   -19.605 1.00 14.08 ? 39  PHE A CE1 1 
ATOM   129  C  CE2 . PHE A 1 15 ? -14.050 6.068   -20.368 1.00 16.28 ? 39  PHE A CE2 1 
ATOM   130  C  CZ  . PHE A 1 15 ? -15.400 5.832   -20.606 1.00 16.82 ? 39  PHE A CZ  1 
ATOM   131  N  N   . ASN A 1 16 ? -12.773 6.112   -13.702 1.00 15.74 ? 40  ASN A N   1 
ATOM   132  C  CA  . ASN A 1 16 ? -12.271 5.815   -12.359 1.00 16.27 ? 40  ASN A CA  1 
ATOM   133  C  C   . ASN A 1 16 ? -12.578 6.962   -11.402 1.00 17.70 ? 40  ASN A C   1 
ATOM   134  O  O   . ASN A 1 16 ? -11.703 7.360   -10.607 1.00 13.06 ? 40  ASN A O   1 
ATOM   135  C  CB  . ASN A 1 16 ? -10.753 5.586   -12.353 1.00 16.97 ? 40  ASN A CB  1 
ATOM   136  C  CG  . ASN A 1 16 ? -10.299 4.471   -13.282 1.00 21.72 ? 40  ASN A CG  1 
ATOM   137  O  OD1 . ASN A 1 16 ? -9.281  4.601   -13.977 1.00 22.76 ? 40  ASN A OD1 1 
ATOM   138  N  ND2 . ASN A 1 16 ? -11.031 3.379   -13.296 1.00 20.11 ? 40  ASN A ND2 1 
ATOM   139  N  N   . SER A 1 17 ? -13.786 7.525   -11.482 1.00 13.99 ? 41  SER A N   1 
ATOM   140  C  CA  . SER A 1 17 ? -14.042 8.767   -10.754 1.00 16.53 ? 41  SER A CA  1 
ATOM   141  C  C   . SER A 1 17 ? -13.903 8.569   -9.240  1.00 14.87 ? 41  SER A C   1 
ATOM   142  O  O   . SER A 1 17 ? -14.266 7.520   -8.691  1.00 14.14 ? 41  SER A O   1 
ATOM   143  C  CB  . SER A 1 17 ? -15.421 9.340   -11.106 1.00 17.60 ? 41  SER A CB  1 
ATOM   144  O  OG  . SER A 1 17 ? -16.479 8.463   -10.748 1.00 26.71 ? 41  SER A OG  1 
ATOM   145  N  N   . LEU A 1 18 ? -13.337 9.576   -8.576  1.00 12.94 ? 42  LEU A N   1 
ATOM   146  C  CA  . LEU A 1 18 ? -13.081 9.503   -7.154  1.00 12.82 ? 42  LEU A CA  1 
ATOM   147  C  C   . LEU A 1 18 ? -14.371 9.623   -6.382  1.00 10.96 ? 42  LEU A C   1 
ATOM   148  O  O   . LEU A 1 18 ? -15.252 10.406  -6.772  1.00 14.72 ? 42  LEU A O   1 
ATOM   149  C  CB  . LEU A 1 18 ? -12.118 10.615  -6.716  1.00 10.84 ? 42  LEU A CB  1 
ATOM   150  C  CG  . LEU A 1 18 ? -10.706 10.494  -7.311  1.00 8.68  ? 42  LEU A CG  1 
ATOM   151  C  CD1 . LEU A 1 18 ? -9.907  11.713  -6.944  1.00 10.20 ? 42  LEU A CD1 1 
ATOM   152  C  CD2 . LEU A 1 18 ? -10.024 9.205   -6.796  1.00 10.92 ? 42  LEU A CD2 1 
ATOM   153  N  N   . PRO A 1 19 ? -14.471 8.924   -5.246  1.00 12.14 ? 43  PRO A N   1 
ATOM   154  C  CA  . PRO A 1 19 ? -15.578 9.192   -4.329  1.00 15.69 ? 43  PRO A CA  1 
ATOM   155  C  C   . PRO A 1 19 ? -15.554 10.660  -3.930  1.00 14.87 ? 43  PRO A C   1 
ATOM   156  O  O   . PRO A 1 19 ? -14.489 11.284  -3.949  1.00 13.84 ? 43  PRO A O   1 
ATOM   157  C  CB  . PRO A 1 19 ? -15.290 8.279   -3.129  1.00 14.42 ? 43  PRO A CB  1 
ATOM   158  C  CG  . PRO A 1 19 ? -14.355 7.249   -3.635  1.00 13.69 ? 43  PRO A CG  1 
ATOM   159  C  CD  . PRO A 1 19 ? -13.540 7.919   -4.708  1.00 11.28 ? 43  PRO A CD  1 
ATOM   160  N  N   . GLU A 1 20 ? -16.704 11.195  -3.556  1.00 16.25 ? 44  GLU A N   1 
ATOM   161  C  CA  . GLU A 1 20 ? -16.825 12.625  -3.293  1.00 19.27 ? 44  GLU A CA  1 
ATOM   162  C  C   . GLU A 1 20 ? -15.745 13.189  -2.357  1.00 14.17 ? 44  GLU A C   1 
ATOM   163  O  O   . GLU A 1 20 ? -15.209 14.254  -2.642  1.00 13.42 ? 44  GLU A O   1 
ATOM   164  C  CB  . GLU A 1 20 ? -18.206 12.949  -2.728  1.00 22.57 ? 44  GLU A CB  1 
ATOM   165  C  CG  . GLU A 1 20 ? -18.424 14.451  -2.541  1.00 28.96 ? 44  GLU A CG  1 
ATOM   166  C  CD  . GLU A 1 20 ? -19.850 14.814  -2.145  1.00 44.18 ? 44  GLU A CD  1 
ATOM   167  O  OE1 . GLU A 1 20 ? -20.453 14.090  -1.322  1.00 43.24 ? 44  GLU A OE1 1 
ATOM   168  O  OE2 . GLU A 1 20 ? -20.369 15.827  -2.669  1.00 46.69 ? 44  GLU A OE2 1 
ATOM   169  N  N   . GLN A 1 21 ? -15.397 12.485  -1.274  1.00 13.98 ? 45  GLN A N   1 
ATOM   170  C  CA  . GLN A 1 21 ? -14.468 13.094  -0.334  1.00 12.30 ? 45  GLN A CA  1 
ATOM   171  C  C   . GLN A 1 21 ? -13.065 13.155  -0.918  1.00 13.52 ? 45  GLN A C   1 
ATOM   172  O  O   . GLN A 1 21 ? -12.323 14.097  -0.635  1.00 13.35 ? 45  GLN A O   1 
ATOM   173  C  CB  . GLN A 1 21 ? -14.445 12.376  1.043   1.00 15.48 ? 45  GLN A CB  1 
ATOM   174  C  CG  . GLN A 1 21 ? -13.795 10.982  1.109   1.00 15.90 ? 45  GLN A CG  1 
ATOM   175  C  CD  . GLN A 1 21 ? -14.735 9.867   0.690   1.00 19.40 ? 45  GLN A CD  1 
ATOM   176  O  OE1 . GLN A 1 21 ? -15.598 10.050  -0.176  1.00 20.84 ? 45  GLN A OE1 1 
ATOM   177  N  NE2 . GLN A 1 21 ? -14.575 8.696   1.312   1.00 16.83 ? 45  GLN A NE2 1 
ATOM   178  N  N   . PHE A 1 22 ? -12.685 12.161  -1.723  1.00 12.45 ? 46  PHE A N   1 
ATOM   179  C  CA  . PHE A 1 22 ? -11.369 12.220  -2.354  1.00 13.00 ? 46  PHE A CA  1 
ATOM   180  C  C   . PHE A 1 22 ? -11.346 13.256  -3.473  1.00 12.65 ? 46  PHE A C   1 
ATOM   181  O  O   . PHE A 1 22 ? -10.346 13.938  -3.671  1.00 11.97 ? 46  PHE A O   1 
ATOM   182  C  CB  . PHE A 1 22 ? -10.956 10.845  -2.868  1.00 9.16  ? 46  PHE A CB  1 
ATOM   183  C  CG  . PHE A 1 22 ? -10.680 9.867   -1.755  1.00 11.81 ? 46  PHE A CG  1 
ATOM   184  C  CD1 . PHE A 1 22 ? -9.443  9.838   -1.140  1.00 10.24 ? 46  PHE A CD1 1 
ATOM   185  C  CD2 . PHE A 1 22 ? -11.682 9.036   -1.286  1.00 11.79 ? 46  PHE A CD2 1 
ATOM   186  C  CE1 . PHE A 1 22 ? -9.174  8.946   -0.098  1.00 11.83 ? 46  PHE A CE1 1 
ATOM   187  C  CE2 . PHE A 1 22 ? -11.439 8.137   -0.235  1.00 13.57 ? 46  PHE A CE2 1 
ATOM   188  C  CZ  . PHE A 1 22 ? -10.197 8.094   0.366   1.00 12.79 ? 46  PHE A CZ  1 
ATOM   189  N  N   . GLN A 1 23 ? -12.447 13.371  -4.195  1.00 12.22 ? 47  GLN A N   1 
ATOM   190  C  CA  . GLN A 1 23 ? -12.546 14.400  -5.225  1.00 16.57 ? 47  GLN A CA  1 
ATOM   191  C  C   . GLN A 1 23 ? -12.394 15.775  -4.600  1.00 13.47 ? 47  GLN A C   1 
ATOM   192  O  O   . GLN A 1 23 ? -11.736 16.644  -5.158  1.00 13.15 ? 47  GLN A O   1 
ATOM   193  C  CB  . GLN A 1 23 ? -13.870 14.310  -5.981  1.00 16.38 ? 47  GLN A CB  1 
ATOM   194  C  CG  . GLN A 1 23 ? -14.003 15.347  -7.102  1.00 13.69 ? 47  GLN A CG  1 
ATOM   195  C  CD  . GLN A 1 23 ? -13.140 15.054  -8.320  1.00 13.79 ? 47  GLN A CD  1 
ATOM   196  O  OE1 . GLN A 1 23 ? -12.308 14.141  -8.334  1.00 14.31 ? 47  GLN A OE1 1 
ATOM   197  N  NE2 . GLN A 1 23 ? -13.363 15.823  -9.374  1.00 19.28 ? 47  GLN A NE2 1 
ATOM   198  N  N   . ARG A 1 24 ? -12.980 15.953  -3.415  1.00 12.51 ? 48  ARG A N   1 
ATOM   199  C  CA  . ARG A 1 24 ? -12.891 17.227  -2.749  1.00 15.66 ? 48  ARG A CA  1 
ATOM   200  C  C   . ARG A 1 24 ? -11.442 17.522  -2.335  1.00 13.66 ? 48  ARG A C   1 
ATOM   201  O  O   . ARG A 1 24 ? -10.992 18.650  -2.474  1.00 14.82 ? 48  ARG A O   1 
ATOM   202  C  CB  . ARG A 1 24 ? -13.826 17.274  -1.547  1.00 17.74 ? 48  ARG A CB  1 
ATOM   203  C  CG  . ARG A 1 24 ? -14.029 18.666  -1.008  1.00 23.31 ? 48  ARG A CG  1 
ATOM   204  C  CD  . ARG A 1 24 ? -15.241 18.735  -0.099  1.00 22.68 ? 48  ARG A CD  1 
ATOM   205  N  NE  . ARG A 1 24 ? -15.304 20.035  0.548   1.00 31.69 ? 48  ARG A NE  1 
ATOM   206  C  CZ  . ARG A 1 24 ? -15.838 20.235  1.743   1.00 31.99 ? 48  ARG A CZ  1 
ATOM   207  N  NH1 . ARG A 1 24 ? -16.364 19.213  2.405   1.00 31.18 ? 48  ARG A NH1 1 
ATOM   208  N  NH2 . ARG A 1 24 ? -15.854 21.450  2.268   1.00 37.52 ? 48  ARG A NH2 1 
HETATM 209  N  N   . MSE A 1 25 ? -10.700 16.521  -1.857  1.00 11.91 ? 49  MSE A N   1 
HETATM 210  C  CA  . MSE A 1 25 ? -9.289  16.740  -1.546  1.00 11.89 ? 49  MSE A CA  1 
HETATM 211  C  C   . MSE A 1 25 ? -8.471  17.070  -2.786  1.00 12.13 ? 49  MSE A C   1 
HETATM 212  O  O   . MSE A 1 25 ? -7.554  17.855  -2.734  1.00 12.43 ? 49  MSE A O   1 
HETATM 213  C  CB  . MSE A 1 25 ? -8.686  15.517  -0.828  1.00 14.23 ? 49  MSE A CB  1 
HETATM 214  C  CG  . MSE A 1 25 ? -9.411  15.139  0.451   1.00 15.56 ? 49  MSE A CG  1 
HETATM 215  SE SE  . MSE A 1 25 ? -8.716  13.384  1.104   1.00 25.57 ? 49  MSE A SE  1 
HETATM 216  C  CE  . MSE A 1 25 ? -6.909  13.945  1.422   1.00 23.01 ? 49  MSE A CE  1 
ATOM   217  N  N   . ARG A 1 26 ? -8.796  16.426  -3.893  1.00 12.39 ? 50  ARG A N   1 
ATOM   218  C  CA  . ARG A 1 26 ? -8.068  16.675  -5.133  1.00 12.06 ? 50  ARG A CA  1 
ATOM   219  C  C   . ARG A 1 26 ? -8.315  18.084  -5.645  1.00 14.29 ? 50  ARG A C   1 
ATOM   220  O  O   . ARG A 1 26 ? -7.417  18.714  -6.194  1.00 15.43 ? 50  ARG A O   1 
ATOM   221  C  CB  . ARG A 1 26 ? -8.467  15.671  -6.204  1.00 12.11 ? 50  ARG A CB  1 
ATOM   222  C  CG  . ARG A 1 26 ? -7.818  15.925  -7.558  1.00 16.60 ? 50  ARG A CG  1 
ATOM   223  C  CD  . ARG A 1 26 ? -8.844  15.786  -8.596  1.00 17.80 ? 50  ARG A CD  1 
ATOM   224  N  NE  . ARG A 1 26 ? -8.327  15.666  -9.951  1.00 13.62 ? 50  ARG A NE  1 
ATOM   225  C  CZ  . ARG A 1 26 ? -8.988  15.002  -10.883 1.00 15.92 ? 50  ARG A CZ  1 
ATOM   226  N  NH1 . ARG A 1 26 ? -10.143 14.411  -10.566 1.00 14.10 ? 50  ARG A NH1 1 
ATOM   227  N  NH2 . ARG A 1 26 ? -8.494  14.907  -12.100 1.00 15.13 ? 50  ARG A NH2 1 
ATOM   228  N  N   . LYS A 1 27 ? -9.529  18.584  -5.452  1.00 10.37 ? 51  LYS A N   1 
ATOM   229  C  CA  . LYS A 1 27 ? -9.948  19.859  -6.040  1.00 14.58 ? 51  LYS A CA  1 
ATOM   230  C  C   . LYS A 1 27 ? -9.805  21.076  -5.116  1.00 15.50 ? 51  LYS A C   1 
ATOM   231  O  O   . LYS A 1 27 ? -9.764  22.207  -5.595  1.00 16.59 ? 51  LYS A O   1 
ATOM   232  C  CB  . LYS A 1 27 ? -11.418 19.770  -6.496  1.00 16.92 ? 51  LYS A CB  1 
ATOM   233  C  CG  . LYS A 1 27 ? -11.671 18.781  -7.630  1.00 16.42 ? 51  LYS A CG  1 
ATOM   234  C  CD  . LYS A 1 27 ? -10.937 19.206  -8.916  1.00 19.43 ? 51  LYS A CD  1 
ATOM   235  C  CE  . LYS A 1 27 ? -11.366 18.353  -10.099 1.00 28.56 ? 51  LYS A CE  1 
ATOM   236  N  NZ  . LYS A 1 27 ? -10.756 18.799  -11.390 1.00 28.09 ? 51  LYS A NZ  1 
ATOM   237  N  N   . GLU A 1 28 ? -9.765  20.851  -3.802  1.00 14.61 ? 52  GLU A N   1 
ATOM   238  C  CA  . GLU A 1 28 ? -9.742  21.939  -2.826  1.00 15.10 ? 52  GLU A CA  1 
ATOM   239  C  C   . GLU A 1 28 ? -8.569  21.803  -1.878  1.00 12.95 ? 52  GLU A C   1 
ATOM   240  O  O   . GLU A 1 28 ? -8.630  20.998  -0.952  1.00 13.55 ? 52  GLU A O   1 
ATOM   241  C  CB  . GLU A 1 28 ? -11.037 21.961  -2.006  1.00 15.61 ? 52  GLU A CB  1 
ATOM   242  C  CG  . GLU A 1 28 ? -12.304 21.888  -2.830  1.00 19.61 ? 52  GLU A CG  1 
ATOM   243  C  CD  . GLU A 1 28 ? -13.562 21.963  -1.979  1.00 25.56 ? 52  GLU A CD  1 
ATOM   244  O  OE1 . GLU A 1 28 ? -13.478 22.399  -0.813  1.00 26.15 ? 52  GLU A OE1 1 
ATOM   245  O  OE2 . GLU A 1 28 ? -14.641 21.590  -2.484  1.00 31.60 ? 52  GLU A OE2 1 
ATOM   246  N  N   . PRO A 1 29 ? -7.506  22.586  -2.091  1.00 15.29 ? 53  PRO A N   1 
ATOM   247  C  CA  . PRO A 1 29 ? -6.304  22.448  -1.255  1.00 12.99 ? 53  PRO A CA  1 
ATOM   248  C  C   . PRO A 1 29 ? -6.568  22.581  0.248   1.00 15.61 ? 53  PRO A C   1 
ATOM   249  O  O   . PRO A 1 29 ? -5.971  21.842  1.039   1.00 13.79 ? 53  PRO A O   1 
ATOM   250  C  CB  . PRO A 1 29 ? -5.407  23.579  -1.763  1.00 16.05 ? 53  PRO A CB  1 
ATOM   251  C  CG  . PRO A 1 29 ? -5.735  23.634  -3.220  1.00 16.94 ? 53  PRO A CG  1 
ATOM   252  C  CD  . PRO A 1 29 ? -7.238  23.384  -3.302  1.00 18.67 ? 53  PRO A CD  1 
ATOM   253  N  N   . TRP A 1 30 ? -7.464  23.474  0.651   1.00 13.41 ? 54  TRP A N   1 
ATOM   254  C  CA  . TRP A 1 30 ? -7.713  23.621  2.087   1.00 16.95 ? 54  TRP A CA  1 
ATOM   255  C  C   . TRP A 1 30 ? -8.266  22.312  2.676   1.00 15.49 ? 54  TRP A C   1 
ATOM   256  O  O   . TRP A 1 30 ? -8.012  21.994  3.831   1.00 16.47 ? 54  TRP A O   1 
ATOM   257  C  CB  . TRP A 1 30 ? -8.682  24.780  2.369   1.00 16.87 ? 54  TRP A CB  1 
ATOM   258  C  CG  . TRP A 1 30 ? -10.094 24.385  2.139   1.00 20.24 ? 54  TRP A CG  1 
ATOM   259  C  CD1 . TRP A 1 30 ? -10.783 24.441  0.959   1.00 21.29 ? 54  TRP A CD1 1 
ATOM   260  C  CD2 . TRP A 1 30 ? -10.987 23.824  3.101   1.00 19.91 ? 54  TRP A CD2 1 
ATOM   261  N  NE1 . TRP A 1 30 ? -12.056 23.956  1.138   1.00 26.75 ? 54  TRP A NE1 1 
ATOM   262  C  CE2 . TRP A 1 30 ? -12.201 23.564  2.445   1.00 26.47 ? 54  TRP A CE2 1 
ATOM   263  C  CE3 . TRP A 1 30 ? -10.871 23.503  4.454   1.00 22.81 ? 54  TRP A CE3 1 
ATOM   264  C  CZ2 . TRP A 1 30 ? -13.297 23.012  3.103   1.00 27.66 ? 54  TRP A CZ2 1 
ATOM   265  C  CZ3 . TRP A 1 30 ? -11.957 22.958  5.101   1.00 26.07 ? 54  TRP A CZ3 1 
ATOM   266  C  CH2 . TRP A 1 30 ? -13.149 22.713  4.427   1.00 23.74 ? 54  TRP A CH2 1 
ATOM   267  N  N   . TYR A 1 31 ? -9.013  21.546  1.880   1.00 16.27 ? 55  TYR A N   1 
ATOM   268  C  CA  . TYR A 1 31 ? -9.629  20.328  2.380   1.00 15.31 ? 55  TYR A CA  1 
ATOM   269  C  C   . TYR A 1 31 ? -8.597  19.200  2.437   1.00 14.46 ? 55  TYR A C   1 
ATOM   270  O  O   . TYR A 1 31 ? -8.565  18.416  3.383   1.00 13.47 ? 55  TYR A O   1 
ATOM   271  C  CB  . TYR A 1 31 ? -10.833 19.922  1.514   1.00 14.18 ? 55  TYR A CB  1 
ATOM   272  C  CG  . TYR A 1 31 ? -11.669 18.817  2.121   1.00 17.34 ? 55  TYR A CG  1 
ATOM   273  C  CD1 . TYR A 1 31 ? -12.428 19.046  3.263   1.00 18.82 ? 55  TYR A CD1 1 
ATOM   274  C  CD2 . TYR A 1 31 ? -11.699 17.549  1.556   1.00 18.15 ? 55  TYR A CD2 1 
ATOM   275  C  CE1 . TYR A 1 31 ? -13.193 18.039  3.833   1.00 19.96 ? 55  TYR A CE1 1 
ATOM   276  C  CE2 . TYR A 1 31 ? -12.468 16.535  2.108   1.00 16.26 ? 55  TYR A CE2 1 
ATOM   277  C  CZ  . TYR A 1 31 ? -13.211 16.782  3.246   1.00 20.28 ? 55  TYR A CZ  1 
ATOM   278  O  OH  . TYR A 1 31 ? -13.976 15.772  3.793   1.00 22.06 ? 55  TYR A OH  1 
ATOM   279  N  N   . LEU A 1 32 ? -7.761  19.135  1.410   1.00 15.37 ? 56  LEU A N   1 
ATOM   280  C  CA  . LEU A 1 32 ? -6.609  18.245  1.399   1.00 13.00 ? 56  LEU A CA  1 
ATOM   281  C  C   . LEU A 1 32 ? -5.800  18.457  2.679   1.00 16.02 ? 56  LEU A C   1 
ATOM   282  O  O   . LEU A 1 32 ? -5.373  17.501  3.334   1.00 14.83 ? 56  LEU A O   1 
ATOM   283  C  CB  . LEU A 1 32 ? -5.724  18.513  0.179   1.00 13.87 ? 56  LEU A CB  1 
ATOM   284  C  CG  . LEU A 1 32 ? -4.520  17.597  -0.051  1.00 18.87 ? 56  LEU A CG  1 
ATOM   285  C  CD1 . LEU A 1 32 ? -4.985  16.239  -0.459  1.00 19.18 ? 56  LEU A CD1 1 
ATOM   286  C  CD2 . LEU A 1 32 ? -3.604  18.134  -1.148  1.00 19.26 ? 56  LEU A CD2 1 
ATOM   287  N  N   . ARG A 1 33 ? -5.599  19.723  3.032   1.00 14.61 ? 57  ARG A N   1 
ATOM   288  C  CA  . ARG A 1 33 ? -4.782  20.038  4.198   1.00 14.61 ? 57  ARG A CA  1 
ATOM   289  C  C   . ARG A 1 33 ? -5.512  19.683  5.486   1.00 14.81 ? 57  ARG A C   1 
ATOM   290  O  O   . ARG A 1 33 ? -4.913  19.098  6.393   1.00 17.43 ? 57  ARG A O   1 
ATOM   291  C  CB  . ARG A 1 33 ? -4.373  21.510  4.204   1.00 18.53 ? 57  ARG A CB  1 
ATOM   292  C  CG  . ARG A 1 33 ? -3.359  21.844  3.116   1.00 16.31 ? 57  ARG A CG  1 
ATOM   293  C  CD  . ARG A 1 33 ? -2.813  23.266  3.262   1.00 23.25 ? 57  ARG A CD  1 
ATOM   294  N  NE  . ARG A 1 33 ? -3.854  24.289  3.202   1.00 22.54 ? 57  ARG A NE  1 
ATOM   295  C  CZ  . ARG A 1 33 ? -4.181  24.986  2.114   1.00 16.67 ? 57  ARG A CZ  1 
ATOM   296  N  NH1 . ARG A 1 33 ? -3.571  24.775  0.957   1.00 20.44 ? 57  ARG A NH1 1 
ATOM   297  N  NH2 . ARG A 1 33 ? -5.136  25.902  2.193   1.00 21.32 ? 57  ARG A NH2 1 
ATOM   298  N  N   . ARG A 1 34 ? -6.800  20.019  5.555   1.00 15.48 ? 58  ARG A N   1 
ATOM   299  C  CA  . ARG A 1 34 ? -7.619  19.676  6.720   1.00 18.46 ? 58  ARG A CA  1 
ATOM   300  C  C   . ARG A 1 34 ? -7.566  18.180  7.001   1.00 17.76 ? 58  ARG A C   1 
ATOM   301  O  O   . ARG A 1 34 ? -7.335  17.752  8.135   1.00 16.22 ? 58  ARG A O   1 
ATOM   302  C  CB  . ARG A 1 34 ? -9.081  20.102  6.525   1.00 21.84 ? 58  ARG A CB  1 
ATOM   303  C  CG  . ARG A 1 34 ? -10.007 19.720  7.704   1.00 25.09 ? 58  ARG A CG  1 
ATOM   304  C  CD  . ARG A 1 34 ? -11.488 20.004  7.393   1.00 26.73 ? 58  ARG A CD  1 
ATOM   305  N  NE  . ARG A 1 34 ? -12.404 19.632  8.477   1.00 35.50 ? 58  ARG A NE  1 
ATOM   306  C  CZ  . ARG A 1 34 ? -13.169 18.540  8.491   1.00 35.17 ? 58  ARG A CZ  1 
ATOM   307  N  NH1 . ARG A 1 34 ? -13.132 17.690  7.482   1.00 31.98 ? 58  ARG A NH1 1 
ATOM   308  N  NH2 . ARG A 1 34 ? -13.973 18.290  9.523   1.00 35.81 ? 58  ARG A NH2 1 
ATOM   309  N  N   . ILE A 1 35 ? -7.779  17.380  5.966   1.00 16.25 ? 59  ILE A N   1 
ATOM   310  C  CA  . ILE A 1 35 ? -7.795  15.932  6.140   1.00 15.44 ? 59  ILE A CA  1 
ATOM   311  C  C   . ILE A 1 35 ? -6.409  15.384  6.494   1.00 16.24 ? 59  ILE A C   1 
ATOM   312  O  O   . ILE A 1 35 ? -6.265  14.560  7.404   1.00 17.80 ? 59  ILE A O   1 
ATOM   313  C  CB  . ILE A 1 35 ? -8.321  15.225  4.878   1.00 13.03 ? 59  ILE A CB  1 
ATOM   314  C  CG1 . ILE A 1 35 ? -9.778  15.593  4.613   1.00 15.61 ? 59  ILE A CG1 1 
ATOM   315  C  CG2 . ILE A 1 35 ? -8.210  13.711  5.038   1.00 13.88 ? 59  ILE A CG2 1 
ATOM   316  C  CD1 . ILE A 1 35 ? -10.701 15.393  5.834   1.00 14.60 ? 59  ILE A CD1 1 
ATOM   317  N  N   . PHE A 1 36 ? -5.386  15.868  5.802   1.00 15.70 ? 60  PHE A N   1 
ATOM   318  C  CA  . PHE A 1 36 ? -4.023  15.431  6.088   1.00 16.19 ? 60  PHE A CA  1 
ATOM   319  C  C   . PHE A 1 36 ? -3.616  15.787  7.524   1.00 16.49 ? 60  PHE A C   1 
ATOM   320  O  O   . PHE A 1 36 ? -2.943  15.016  8.206   1.00 16.08 ? 60  PHE A O   1 
ATOM   321  C  CB  . PHE A 1 36 ? -3.045  16.046  5.086   1.00 15.47 ? 60  PHE A CB  1 
ATOM   322  C  CG  . PHE A 1 36 ? -2.979  15.316  3.770   1.00 16.44 ? 60  PHE A CG  1 
ATOM   323  C  CD1 . PHE A 1 36 ? -3.740  14.191  3.541   1.00 17.40 ? 60  PHE A CD1 1 
ATOM   324  C  CD2 . PHE A 1 36 ? -2.129  15.757  2.767   1.00 15.19 ? 60  PHE A CD2 1 
ATOM   325  C  CE1 . PHE A 1 36 ? -3.668  13.524  2.322   1.00 18.35 ? 60  PHE A CE1 1 
ATOM   326  C  CE2 . PHE A 1 36 ? -2.048  15.099  1.554   1.00 15.89 ? 60  PHE A CE2 1 
ATOM   327  C  CZ  . PHE A 1 36 ? -2.814  13.971  1.335   1.00 14.42 ? 60  PHE A CZ  1 
ATOM   328  N  N   . ARG A 1 37 ? -4.048  16.944  7.989   1.00 14.23 ? 61  ARG A N   1 
ATOM   329  C  CA  . ARG A 1 37 ? -3.717  17.364  9.350   1.00 16.81 ? 61  ARG A CA  1 
ATOM   330  C  C   . ARG A 1 37 ? -4.374  16.463  10.385  1.00 18.01 ? 61  ARG A C   1 
ATOM   331  O  O   . ARG A 1 37 ? -3.782  16.151  11.414  1.00 17.40 ? 61  ARG A O   1 
ATOM   332  C  CB  . ARG A 1 37 ? -4.146  18.811  9.576   1.00 23.49 ? 61  ARG A CB  1 
ATOM   333  C  CG  . ARG A 1 37 ? -3.780  19.351  10.939  1.00 23.40 ? 61  ARG A CG  1 
ATOM   334  C  CD  . ARG A 1 37 ? -4.230  20.795  11.106  1.00 29.89 ? 61  ARG A CD  1 
ATOM   335  N  NE  . ARG A 1 37 ? -5.690  20.937  11.119  1.00 42.99 ? 61  ARG A NE  1 
ATOM   336  C  CZ  . ARG A 1 37 ? -6.412  21.480  10.138  1.00 36.53 ? 61  ARG A CZ  1 
ATOM   337  N  NH1 . ARG A 1 37 ? -5.818  21.961  9.055   1.00 34.39 ? 61  ARG A NH1 1 
ATOM   338  N  NH2 . ARG A 1 37 ? -7.733  21.562  10.250  1.00 38.47 ? 61  ARG A NH2 1 
ATOM   339  N  N   . SER A 1 38 ? -5.610  16.062  10.118  1.00 16.67 ? 62  SER A N   1 
ATOM   340  C  CA  . SER A 1 38 ? -6.326  15.187  11.032  1.00 18.56 ? 62  SER A CA  1 
ATOM   341  C  C   . SER A 1 38 ? -5.702  13.809  11.023  1.00 20.76 ? 62  SER A C   1 
ATOM   342  O  O   . SER A 1 38 ? -5.472  13.217  12.079  1.00 20.07 ? 62  SER A O   1 
ATOM   343  C  CB  . SER A 1 38 ? -7.805  15.101  10.658  1.00 19.97 ? 62  SER A CB  1 
ATOM   344  O  OG  . SER A 1 38 ? -8.407  16.384  10.683  1.00 30.46 ? 62  SER A OG  1 
ATOM   345  N  N   . TRP A 1 39 ? -5.425  13.304  9.824   1.00 16.72 ? 63  TRP A N   1 
ATOM   346  C  CA  . TRP A 1 39 ? -4.769  12.010  9.683   1.00 17.40 ? 63  TRP A CA  1 
ATOM   347  C  C   . TRP A 1 39 ? -3.445  11.966  10.425  1.00 20.01 ? 63  TRP A C   1 
ATOM   348  O  O   . TRP A 1 39 ? -3.159  10.997  11.134  1.00 26.20 ? 63  TRP A O   1 
ATOM   349  C  CB  . TRP A 1 39 ? -4.531  11.692  8.216   1.00 16.81 ? 63  TRP A CB  1 
ATOM   350  C  CG  . TRP A 1 39 ? -3.948  10.335  8.023   1.00 18.05 ? 63  TRP A CG  1 
ATOM   351  C  CD1 . TRP A 1 39 ? -2.684  10.028  7.613   1.00 19.77 ? 63  TRP A CD1 1 
ATOM   352  C  CD2 . TRP A 1 39 ? -4.616  9.098   8.246   1.00 16.25 ? 63  TRP A CD2 1 
ATOM   353  N  NE1 . TRP A 1 39 ? -2.532  8.664   7.551   1.00 23.63 ? 63  TRP A NE1 1 
ATOM   354  C  CE2 . TRP A 1 39 ? -3.705  8.071   7.943   1.00 18.85 ? 63  TRP A CE2 1 
ATOM   355  C  CE3 . TRP A 1 39 ? -5.906  8.756   8.663   1.00 14.99 ? 63  TRP A CE3 1 
ATOM   356  C  CZ2 . TRP A 1 39 ? -4.039  6.725   8.047   1.00 17.12 ? 63  TRP A CZ2 1 
ATOM   357  C  CZ3 . TRP A 1 39 ? -6.232  7.427   8.768   1.00 21.42 ? 63  TRP A CZ3 1 
ATOM   358  C  CH2 . TRP A 1 39 ? -5.300  6.423   8.458   1.00 21.71 ? 63  TRP A CH2 1 
ATOM   359  N  N   . ARG A 1 40 ? -2.631  13.006  10.253  1.00 20.55 ? 64  ARG A N   1 
ATOM   360  C  CA  . ARG A 1 40 ? -1.340  13.093  10.943  1.00 22.39 ? 64  ARG A CA  1 
ATOM   361  C  C   . ARG A 1 40 ? -1.481  13.128  12.469  1.00 27.42 ? 64  ARG A C   1 
ATOM   362  O  O   . ARG A 1 40 ? -0.646  12.556  13.177  1.00 27.33 ? 64  ARG A O   1 
ATOM   363  C  CB  . ARG A 1 40 ? -0.564  14.322  10.495  1.00 21.59 ? 64  ARG A CB  1 
ATOM   364  C  CG  . ARG A 1 40 ? 0.867   14.360  11.029  1.00 27.05 ? 64  ARG A CG  1 
ATOM   365  C  CD  . ARG A 1 40 ? 1.585   15.680  10.713  1.00 33.37 ? 64  ARG A CD  1 
ATOM   366  N  NE  . ARG A 1 40 ? 1.830   16.424  11.945  1.00 39.39 ? 64  ARG A NE  1 
ATOM   367  C  CZ  . ARG A 1 40 ? 1.592   17.724  12.103  1.00 38.37 ? 64  ARG A CZ  1 
ATOM   368  N  NH1 . ARG A 1 40 ? 1.110   18.449  11.095  1.00 40.65 ? 64  ARG A NH1 1 
ATOM   369  N  NH2 . ARG A 1 40 ? 1.835   18.300  13.275  1.00 42.10 ? 64  ARG A NH2 1 
ATOM   370  N  N   . SER A 1 41 ? -2.519  13.803  12.965  1.00 26.56 ? 65  SER A N   1 
ATOM   371  C  CA  . SER A 1 41 ? -2.814  13.837  14.407  1.00 23.94 ? 65  SER A CA  1 
ATOM   372  C  C   . SER A 1 41 ? -3.170  12.472  14.965  1.00 26.15 ? 65  SER A C   1 
ATOM   373  O  O   . SER A 1 41 ? -2.739  12.111  16.056  1.00 27.21 ? 65  SER A O   1 
ATOM   374  C  CB  . SER A 1 41 ? -3.973  14.793  14.709  1.00 26.31 ? 65  SER A CB  1 
ATOM   375  O  OG  . SER A 1 41 ? -3.686  16.090  14.232  1.00 37.00 ? 65  SER A OG  1 
ATOM   376  N  N   . GLY A 1 42 ? -3.983  11.730  14.223  1.00 26.66 ? 66  GLY A N   1 
ATOM   377  C  CA  . GLY A 1 42 ? -4.538  10.486  14.712  1.00 25.25 ? 66  GLY A CA  1 
ATOM   378  C  C   . GLY A 1 42 ? -3.602  9.296   14.620  1.00 23.23 ? 66  GLY A C   1 
ATOM   379  O  O   . GLY A 1 42 ? -3.976  8.185   14.982  1.00 27.21 ? 66  GLY A O   1 
HETATM 380  N  N   . MSE A 1 43 ? -2.388  9.534   14.140  1.00 26.28 ? 67  MSE A N   1 
HETATM 381  C  CA  . MSE A 1 43 ? -1.370  8.484   14.024  1.00 29.47 ? 67  MSE A CA  1 
HETATM 382  C  C   . MSE A 1 43 ? -1.866  7.272   13.234  1.00 27.33 ? 67  MSE A C   1 
HETATM 383  O  O   . MSE A 1 43 ? -1.577  6.125   13.584  1.00 26.45 ? 67  MSE A O   1 
HETATM 384  C  CB  . MSE A 1 43 ? -0.893  8.029   15.415  1.00 27.04 ? 67  MSE A CB  1 
HETATM 385  C  CG  . MSE A 1 43 ? 0.631   7.966   15.541  1.00 34.70 ? 67  MSE A CG  1 
HETATM 386  SE SE  . MSE A 1 43 ? 1.373   9.731   15.159  1.00 55.99 ? 67  MSE A SE  1 
HETATM 387  C  CE  . MSE A 1 43 ? 3.279   9.422   15.071  1.00 31.54 ? 67  MSE A CE  1 
ATOM   388  N  N   . GLY A 1 44 ? -2.619  7.526   12.168  1.00 28.44 ? 68  GLY A N   1 
ATOM   389  C  CA  . GLY A 1 44 ? -3.130  6.443   11.345  1.00 30.08 ? 68  GLY A CA  1 
ATOM   390  C  C   . GLY A 1 44 ? -2.013  5.814   10.537  1.00 21.44 ? 68  GLY A C   1 
ATOM   391  O  O   . GLY A 1 44 ? -1.075  6.508   10.156  1.00 24.71 ? 68  GLY A O   1 
ATOM   392  N  N   . THR A 1 45 ? -2.111  4.514   10.266  1.00 21.88 ? 69  THR A N   1 
ATOM   393  C  CA  . THR A 1 45 ? -1.045  3.825   9.531   1.00 22.57 ? 69  THR A CA  1 
ATOM   394  C  C   . THR A 1 45 ? -1.306  3.768   8.028   1.00 21.16 ? 69  THR A C   1 
ATOM   395  O  O   . THR A 1 45 ? -2.441  3.831   7.570   1.00 20.18 ? 69  THR A O   1 
ATOM   396  C  CB  . THR A 1 45 ? -0.831  2.384   10.000  1.00 19.73 ? 69  THR A CB  1 
ATOM   397  O  OG1 . THR A 1 45 ? -1.885  1.561   9.501   1.00 20.98 ? 69  THR A OG1 1 
ATOM   398  C  CG2 . THR A 1 45 ? -0.771  2.284   11.518  1.00 25.54 ? 69  THR A CG2 1 
ATOM   399  N  N   . SER A 1 46 ? -0.224  3.645   7.276   1.00 19.52 ? 70  SER A N   1 
ATOM   400  C  CA  . SER A 1 46 ? -0.304  3.568   5.839   1.00 17.14 ? 70  SER A CA  1 
ATOM   401  C  C   . SER A 1 46 ? -1.176  2.393   5.390   1.00 15.68 ? 70  SER A C   1 
ATOM   402  O  O   . SER A 1 46 ? -1.979  2.540   4.486   1.00 13.40 ? 70  SER A O   1 
ATOM   403  C  CB  . SER A 1 46 ? 1.099   3.462   5.250   1.00 20.25 ? 70  SER A CB  1 
ATOM   404  O  OG  . SER A 1 46 ? 1.068   3.395   3.835   1.00 26.78 ? 70  SER A OG  1 
ATOM   405  N  N   . ASP A 1 47 ? -1.037  1.233   6.026   1.00 14.56 ? 71  ASP A N   1 
ATOM   406  C  CA  . ASP A 1 47 ? -1.789  0.077   5.574   1.00 12.55 ? 71  ASP A CA  1 
ATOM   407  C  C   . ASP A 1 47 ? -3.285  0.252   5.842   1.00 13.09 ? 71  ASP A C   1 
ATOM   408  O  O   . ASP A 1 47 ? -4.119  -0.206  5.067   1.00 10.73 ? 71  ASP A O   1 
ATOM   409  C  CB  . ASP A 1 47 ? -1.270  -1.212  6.228   1.00 13.78 ? 71  ASP A CB  1 
ATOM   410  C  CG  . ASP A 1 47 ? 0.050   -1.679  5.641   1.00 14.15 ? 71  ASP A CG  1 
ATOM   411  O  OD1 . ASP A 1 47 ? 0.346   -1.390  4.467   1.00 15.39 ? 71  ASP A OD1 1 
ATOM   412  O  OD2 . ASP A 1 47 ? 0.807   -2.351  6.356   1.00 12.48 ? 71  ASP A OD2 1 
ATOM   413  N  N   . GLU A 1 48 ? -3.616  0.946   6.922   1.00 15.00 ? 72  GLU A N   1 
ATOM   414  C  CA  . GLU A 1 48 ? -5.007  1.237   7.227   1.00 17.99 ? 72  GLU A CA  1 
ATOM   415  C  C   . GLU A 1 48 ? -5.590  2.178   6.177   1.00 11.89 ? 72  GLU A C   1 
ATOM   416  O  O   . GLU A 1 48 ? -6.728  2.004   5.725   1.00 14.12 ? 72  GLU A O   1 
ATOM   417  C  CB  . GLU A 1 48 ? -5.138  1.853   8.618   1.00 18.00 ? 72  GLU A CB  1 
ATOM   418  C  CG  . GLU A 1 48 ? -4.852  0.846   9.733   1.00 22.30 ? 72  GLU A CG  1 
ATOM   419  C  CD  . GLU A 1 48 ? -4.932  1.461   11.117  1.00 28.18 ? 72  GLU A CD  1 
ATOM   420  O  OE1 . GLU A 1 48 ? -4.609  2.663   11.274  1.00 25.97 ? 72  GLU A OE1 1 
ATOM   421  O  OE2 . GLU A 1 48 ? -5.304  0.723   12.051  1.00 35.02 ? 72  GLU A OE2 1 
ATOM   422  N  N   . ALA A 1 49 ? -4.809  3.183   5.812   1.00 13.19 ? 73  ALA A N   1 
ATOM   423  C  CA  . ALA A 1 49 ? -5.226  4.141   4.783   1.00 13.59 ? 73  ALA A CA  1 
ATOM   424  C  C   . ALA A 1 49 ? -5.475  3.448   3.443   1.00 12.73 ? 73  ALA A C   1 
ATOM   425  O  O   . ALA A 1 49 ? -6.490  3.667   2.784   1.00 11.62 ? 73  ALA A O   1 
ATOM   426  C  CB  . ALA A 1 49 ? -4.177  5.229   4.618   1.00 14.11 ? 73  ALA A CB  1 
ATOM   427  N  N   . VAL A 1 50 ? -4.521  2.608   3.052   1.00 11.51 ? 74  VAL A N   1 
ATOM   428  C  CA  . VAL A 1 50 ? -4.621  1.871   1.813   1.00 12.85 ? 74  VAL A CA  1 
ATOM   429  C  C   . VAL A 1 50 ? -5.828  0.927   1.846   1.00 13.42 ? 74  VAL A C   1 
ATOM   430  O  O   . VAL A 1 50 ? -6.568  0.846   0.875   1.00 10.92 ? 74  VAL A O   1 
ATOM   431  C  CB  . VAL A 1 50 ? -3.334  1.085   1.528   1.00 14.40 ? 74  VAL A CB  1 
ATOM   432  C  CG1 . VAL A 1 50 ? -3.549  0.124   0.370   1.00 14.86 ? 74  VAL A CG1 1 
ATOM   433  C  CG2 . VAL A 1 50 ? -2.199  2.043   1.228   1.00 14.77 ? 74  VAL A CG2 1 
ATOM   434  N  N   . ALA A 1 51 ? -6.019  0.220   2.959   1.00 14.98 ? 75  ALA A N   1 
ATOM   435  C  CA  . ALA A 1 51 ? -7.174  -0.670  3.082   1.00 13.95 ? 75  ALA A CA  1 
ATOM   436  C  C   . ALA A 1 51 ? -8.463  0.117   2.918   1.00 12.95 ? 75  ALA A C   1 
ATOM   437  O  O   . ALA A 1 51 ? -9.369  -0.322  2.218   1.00 15.58 ? 75  ALA A O   1 
ATOM   438  C  CB  . ALA A 1 51 ? -7.163  -1.394  4.414   1.00 17.58 ? 75  ALA A CB  1 
ATOM   439  N  N   . TYR A 1 52 ? -8.544  1.277   3.546   1.00 11.44 ? 76  TYR A N   1 
ATOM   440  C  CA  . TYR A 1 52 ? -9.739  2.101   3.398   1.00 16.02 ? 76  TYR A CA  1 
ATOM   441  C  C   . TYR A 1 52 ? -9.951  2.545   1.959   1.00 14.78 ? 76  TYR A C   1 
ATOM   442  O  O   . TYR A 1 52 ? -11.041 2.372   1.387   1.00 11.53 ? 76  TYR A O   1 
ATOM   443  C  CB  . TYR A 1 52 ? -9.669  3.329   4.288   1.00 14.07 ? 76  TYR A CB  1 
ATOM   444  C  CG  . TYR A 1 52 ? -10.854 4.246   4.114   1.00 13.33 ? 76  TYR A CG  1 
ATOM   445  C  CD1 . TYR A 1 52 ? -12.120 3.899   4.592   1.00 17.35 ? 76  TYR A CD1 1 
ATOM   446  C  CD2 . TYR A 1 52 ? -10.717 5.450   3.450   1.00 14.05 ? 76  TYR A CD2 1 
ATOM   447  C  CE1 . TYR A 1 52 ? -13.212 4.749   4.409   1.00 15.90 ? 76  TYR A CE1 1 
ATOM   448  C  CE2 . TYR A 1 52 ? -11.787 6.297   3.273   1.00 15.78 ? 76  TYR A CE2 1 
ATOM   449  C  CZ  . TYR A 1 52 ? -13.030 5.947   3.750   1.00 17.72 ? 76  TYR A CZ  1 
ATOM   450  O  OH  . TYR A 1 52 ? -14.074 6.833   3.544   1.00 14.58 ? 76  TYR A OH  1 
HETATM 451  N  N   . MSE A 1 53 ? -8.910  3.127   1.363   1.00 10.54 ? 77  MSE A N   1 
HETATM 452  C  CA  . MSE A 1 53 ? -9.054  3.582   -0.031  1.00 12.13 ? 77  MSE A CA  1 
HETATM 453  C  C   . MSE A 1 53 ? -9.443  2.463   -1.002  1.00 11.01 ? 77  MSE A C   1 
HETATM 454  O  O   . MSE A 1 53 ? -10.207 2.708   -1.927  1.00 13.76 ? 77  MSE A O   1 
HETATM 455  C  CB  . MSE A 1 53 ? -7.772  4.264   -0.513  1.00 9.67  ? 77  MSE A CB  1 
HETATM 456  C  CG  . MSE A 1 53 ? -7.478  5.550   0.238   1.00 12.16 ? 77  MSE A CG  1 
HETATM 457  SE SE  . MSE A 1 53 ? -5.959  6.613   -0.481  1.00 21.68 ? 77  MSE A SE  1 
HETATM 458  C  CE  . MSE A 1 53 ? -4.529  5.776   0.570   1.00 15.46 ? 77  MSE A CE  1 
ATOM   459  N  N   . ARG A 1 54 ? -8.914  1.247   -0.814  1.00 10.68 ? 78  ARG A N   1 
ATOM   460  C  CA  . ARG A 1 54 ? -9.301  0.114   -1.649  1.00 11.55 ? 78  ARG A CA  1 
ATOM   461  C  C   . ARG A 1 54 ? -10.787 -0.198  -1.470  1.00 13.17 ? 78  ARG A C   1 
ATOM   462  O  O   . ARG A 1 54 ? -11.493 -0.441  -2.444  1.00 14.72 ? 78  ARG A O   1 
ATOM   463  C  CB  . ARG A 1 54 ? -8.451  -1.133  -1.324  1.00 14.31 ? 78  ARG A CB  1 
ATOM   464  C  CG  . ARG A 1 54 ? -7.002  -0.987  -1.733  1.00 14.47 ? 78  ARG A CG  1 
ATOM   465  C  CD  . ARG A 1 54 ? -6.190  -2.290  -1.654  1.00 15.94 ? 78  ARG A CD  1 
ATOM   466  N  NE  . ARG A 1 54 ? -4.889  -2.036  -2.275  1.00 19.61 ? 78  ARG A NE  1 
ATOM   467  C  CZ  . ARG A 1 54 ? -3.717  -2.456  -1.821  1.00 20.05 ? 78  ARG A CZ  1 
ATOM   468  N  NH1 . ARG A 1 54 ? -3.635  -3.216  -0.718  1.00 17.21 ? 78  ARG A NH1 1 
ATOM   469  N  NH2 . ARG A 1 54 ? -2.617  -2.129  -2.502  1.00 19.08 ? 78  ARG A NH2 1 
ATOM   470  N  N   . SER A 1 55 ? -11.264 -0.135  -0.231  1.00 14.50 ? 79  SER A N   1 
ATOM   471  C  CA  . SER A 1 55 ? -12.665 -0.440  0.061   1.00 16.46 ? 79  SER A CA  1 
ATOM   472  C  C   . SER A 1 55 ? -13.593 0.609   -0.570  1.00 16.97 ? 79  SER A C   1 
ATOM   473  O  O   . SER A 1 55 ? -14.755 0.325   -0.866  1.00 17.30 ? 79  SER A O   1 
ATOM   474  C  CB  . SER A 1 55 ? -12.900 -0.525  1.576   1.00 16.93 ? 79  SER A CB  1 
ATOM   475  O  OG  . SER A 1 55 ? -12.945 0.766   2.176   1.00 17.82 ? 79  SER A OG  1 
ATOM   476  N  N   . GLN A 1 56 ? -13.065 1.809   -0.792  1.00 16.68 ? 80  GLN A N   1 
ATOM   477  C  CA  . GLN A 1 56 ? -13.827 2.907   -1.382  1.00 14.48 ? 80  GLN A CA  1 
ATOM   478  C  C   . GLN A 1 56 ? -13.735 2.870   -2.898  1.00 14.49 ? 80  GLN A C   1 
ATOM   479  O  O   . GLN A 1 56 ? -14.273 3.735   -3.582  1.00 17.36 ? 80  GLN A O   1 
ATOM   480  C  CB  . GLN A 1 56 ? -13.314 4.247   -0.849  1.00 13.01 ? 80  GLN A CB  1 
ATOM   481  C  CG  . GLN A 1 56 ? -13.683 4.499   0.588   1.00 15.99 ? 80  GLN A CG  1 
ATOM   482  C  CD  . GLN A 1 56 ? -15.101 4.962   0.725   1.00 19.44 ? 80  GLN A CD  1 
ATOM   483  O  OE1 . GLN A 1 56 ? -15.496 5.987   0.141   1.00 19.39 ? 80  GLN A OE1 1 
ATOM   484  N  NE2 . GLN A 1 56 ? -15.892 4.223   1.503   1.00 17.19 ? 80  GLN A NE2 1 
ATOM   485  N  N   . GLY A 1 57 ? -13.038 1.867   -3.417  1.00 15.01 ? 81  GLY A N   1 
ATOM   486  C  CA  . GLY A 1 57 ? -12.952 1.658   -4.850  1.00 15.51 ? 81  GLY A CA  1 
ATOM   487  C  C   . GLY A 1 57 ? -11.938 2.531   -5.575  1.00 17.42 ? 81  GLY A C   1 
ATOM   488  O  O   . GLY A 1 57 ? -12.048 2.732   -6.785  1.00 18.17 ? 81  GLY A O   1 
ATOM   489  N  N   . LEU A 1 58 ? -10.950 3.058   -4.857  1.00 13.16 ? 82  LEU A N   1 
ATOM   490  C  CA  . LEU A 1 58 ? -9.896  3.835   -5.523  1.00 11.88 ? 82  LEU A CA  1 
ATOM   491  C  C   . LEU A 1 58 ? -8.989  2.924   -6.338  1.00 12.80 ? 82  LEU A C   1 
ATOM   492  O  O   . LEU A 1 58 ? -8.695  1.803   -5.929  1.00 13.87 ? 82  LEU A O   1 
ATOM   493  C  CB  . LEU A 1 58 ? -9.036  4.612   -4.515  1.00 11.09 ? 82  LEU A CB  1 
ATOM   494  C  CG  . LEU A 1 58 ? -9.510  6.039   -4.225  1.00 11.55 ? 82  LEU A CG  1 
ATOM   495  C  CD1 . LEU A 1 58 ? -10.803 6.011   -3.427  1.00 13.06 ? 82  LEU A CD1 1 
ATOM   496  C  CD2 . LEU A 1 58 ? -8.429  6.829   -3.481  1.00 14.20 ? 82  LEU A CD2 1 
ATOM   497  N  N   . SER A 1 59 ? -8.541  3.418   -7.484  1.00 11.06 ? 83  SER A N   1 
ATOM   498  C  CA  . SER A 1 59 ? -7.522  2.734   -8.275  1.00 14.58 ? 83  SER A CA  1 
ATOM   499  C  C   . SER A 1 59 ? -6.179  2.737   -7.549  1.00 14.89 ? 83  SER A C   1 
ATOM   500  O  O   . SER A 1 59 ? -5.952  3.596   -6.701  1.00 13.55 ? 83  SER A O   1 
ATOM   501  C  CB  . SER A 1 59 ? -7.347  3.426   -9.621  1.00 13.13 ? 83  SER A CB  1 
ATOM   502  O  OG  . SER A 1 59 ? -6.685  4.659   -9.413  1.00 13.70 ? 83  SER A OG  1 
ATOM   503  N  N   . GLN A 1 60 ? -5.283  1.800   -7.880  1.00 12.34 ? 84  GLN A N   1 
ATOM   504  C  CA  . GLN A 1 60 ? -3.938  1.829   -7.289  1.00 13.48 ? 84  GLN A CA  1 
ATOM   505  C  C   . GLN A 1 60 ? -3.213  3.136   -7.640  1.00 11.93 ? 84  GLN A C   1 
ATOM   506  O  O   . GLN A 1 60 ? -2.452  3.681   -6.833  1.00 13.76 ? 84  GLN A O   1 
ATOM   507  C  CB  . GLN A 1 60 ? -3.100  0.625   -7.746  1.00 17.21 ? 84  GLN A CB  1 
ATOM   508  C  CG  . GLN A 1 60 ? -1.749  0.526   -6.997  1.00 15.27 ? 84  GLN A CG  1 
ATOM   509  C  CD  . GLN A 1 60 ? -1.933  0.346   -5.499  1.00 16.16 ? 84  GLN A CD  1 
ATOM   510  O  OE1 . GLN A 1 60 ? -2.715  -0.506  -5.064  1.00 16.65 ? 84  GLN A OE1 1 
ATOM   511  N  NE2 . GLN A 1 60 ? -1.246  1.177   -4.698  1.00 15.50 ? 84  GLN A NE2 1 
ATOM   512  N  N   . LYS A 1 61 ? -3.465  3.642   -8.842  1.00 12.90 ? 85  LYS A N   1 
ATOM   513  C  CA  . LYS A 1 61 ? -2.913  4.929   -9.265  1.00 13.51 ? 85  LYS A CA  1 
ATOM   514  C  C   . LYS A 1 61 ? -3.317  6.051   -8.302  1.00 13.74 ? 85  LYS A C   1 
ATOM   515  O  O   . LYS A 1 61 ? -2.482  6.835   -7.849  1.00 10.86 ? 85  LYS A O   1 
ATOM   516  C  CB  . LYS A 1 61 ? -3.391  5.261   -10.674 1.00 12.41 ? 85  LYS A CB  1 
ATOM   517  C  CG  . LYS A 1 61 ? -2.907  6.586   -11.223 1.00 16.74 ? 85  LYS A CG  1 
ATOM   518  C  CD  . LYS A 1 61 ? -2.814  6.475   -12.741 1.00 25.15 ? 85  LYS A CD  1 
ATOM   519  C  CE  . LYS A 1 61 ? -2.825  7.812   -13.434 1.00 23.63 ? 85  LYS A CE  1 
ATOM   520  N  NZ  . LYS A 1 61 ? -3.464  7.669   -14.784 1.00 15.76 ? 85  LYS A NZ  1 
ATOM   521  N  N   . ALA A 1 62 ? -4.611  6.114   -8.014  1.00 10.41 ? 86  ALA A N   1 
ATOM   522  C  CA  . ALA A 1 62 ? -5.134  7.089   -7.048  1.00 13.80 ? 86  ALA A CA  1 
ATOM   523  C  C   . ALA A 1 62 ? -4.528  6.904   -5.670  1.00 10.98 ? 86  ALA A C   1 
ATOM   524  O  O   . ALA A 1 62 ? -4.113  7.870   -5.024  1.00 10.64 ? 86  ALA A O   1 
ATOM   525  C  CB  . ALA A 1 62 ? -6.655  7.001   -6.968  1.00 11.48 ? 86  ALA A CB  1 
ATOM   526  N  N   . ILE A 1 63 ? -4.494  5.667   -5.199  1.00 10.69 ? 87  ILE A N   1 
ATOM   527  C  CA  . ILE A 1 63 ? -3.890  5.387   -3.892  1.00 9.98  ? 87  ILE A CA  1 
ATOM   528  C  C   . ILE A 1 63 ? -2.440  5.884   -3.836  1.00 10.06 ? 87  ILE A C   1 
ATOM   529  O  O   . ILE A 1 63 ? -2.037  6.554   -2.878  1.00 12.30 ? 87  ILE A O   1 
ATOM   530  C  CB  . ILE A 1 63 ? -3.967  3.878   -3.565  1.00 12.50 ? 87  ILE A CB  1 
ATOM   531  C  CG1 . ILE A 1 63 ? -5.437  3.466   -3.344  1.00 12.39 ? 87  ILE A CG1 1 
ATOM   532  C  CG2 . ILE A 1 63 ? -3.121  3.546   -2.347  1.00 11.66 ? 87  ILE A CG2 1 
ATOM   533  C  CD1 . ILE A 1 63 ? -5.696  1.962   -3.439  1.00 14.36 ? 87  ILE A CD1 1 
ATOM   534  N  N   . ASP A 1 64 ? -1.673  5.589   -4.879  1.00 11.05 ? 88  ASP A N   1 
ATOM   535  C  CA  . ASP A 1 64 ? -0.285  6.031   -4.950  1.00 12.75 ? 88  ASP A CA  1 
ATOM   536  C  C   . ASP A 1 64 ? -0.170  7.547   -4.904  1.00 13.61 ? 88  ASP A C   1 
ATOM   537  O  O   . ASP A 1 64 ? 0.705   8.094   -4.235  1.00 13.71 ? 88  ASP A O   1 
ATOM   538  C  CB  . ASP A 1 64 ? 0.385   5.532   -6.223  1.00 13.82 ? 88  ASP A CB  1 
ATOM   539  C  CG  . ASP A 1 64 ? 0.571   4.030   -6.249  1.00 17.82 ? 88  ASP A CG  1 
ATOM   540  O  OD1 . ASP A 1 64 ? 0.518   3.377   -5.186  1.00 17.50 ? 88  ASP A OD1 1 
ATOM   541  O  OD2 . ASP A 1 64 ? 0.775   3.504   -7.355  1.00 23.65 ? 88  ASP A OD2 1 
ATOM   542  N  N   . GLN A 1 65 ? -1.056  8.239   -5.610  1.00 12.75 ? 89  GLN A N   1 
ATOM   543  C  CA  . GLN A 1 65 ? -0.972  9.694   -5.606  1.00 11.93 ? 89  GLN A CA  1 
ATOM   544  C  C   . GLN A 1 65 ? -1.372  10.309  -4.272  1.00 13.40 ? 89  GLN A C   1 
ATOM   545  O  O   . GLN A 1 65 ? -0.737  11.276  -3.816  1.00 13.08 ? 89  GLN A O   1 
ATOM   546  C  CB  . GLN A 1 65 ? -1.809  10.273  -6.743  1.00 12.82 ? 89  GLN A CB  1 
ATOM   547  C  CG  . GLN A 1 65 ? -1.156  10.008  -8.097  1.00 13.15 ? 89  GLN A CG  1 
ATOM   548  C  CD  . GLN A 1 65 ? -1.844  10.707  -9.255  1.00 13.96 ? 89  GLN A CD  1 
ATOM   549  O  OE1 . GLN A 1 65 ? -2.446  11.765  -9.092  1.00 12.01 ? 89  GLN A OE1 1 
ATOM   550  N  NE2 . GLN A 1 65 ? -1.742  10.111  -10.445 1.00 15.73 ? 89  GLN A NE2 1 
ATOM   551  N  N   . PHE A 1 66 ? -2.384  9.748   -3.615  1.00 11.73 ? 90  PHE A N   1 
ATOM   552  C  CA  . PHE A 1 66 ? -2.757  10.281  -2.297  1.00 13.81 ? 90  PHE A CA  1 
ATOM   553  C  C   . PHE A 1 66 ? -1.682  9.975   -1.268  1.00 13.34 ? 90  PHE A C   1 
ATOM   554  O  O   . PHE A 1 66 ? -1.370  10.827  -0.450  1.00 14.03 ? 90  PHE A O   1 
ATOM   555  C  CB  . PHE A 1 66 ? -4.140  9.765   -1.857  1.00 12.01 ? 90  PHE A CB  1 
ATOM   556  C  CG  . PHE A 1 66 ? -5.264  10.584  -2.423  1.00 10.72 ? 90  PHE A CG  1 
ATOM   557  C  CD1 . PHE A 1 66 ? -5.526  11.851  -1.922  1.00 12.11 ? 90  PHE A CD1 1 
ATOM   558  C  CD2 . PHE A 1 66 ? -6.013  10.125  -3.495  1.00 12.30 ? 90  PHE A CD2 1 
ATOM   559  C  CE1 . PHE A 1 66 ? -6.513  12.638  -2.468  1.00 14.04 ? 90  PHE A CE1 1 
ATOM   560  C  CE2 . PHE A 1 66 ? -7.006  10.902  -4.049  1.00 12.79 ? 90  PHE A CE2 1 
ATOM   561  C  CZ  . PHE A 1 66 ? -7.263  12.172  -3.529  1.00 12.05 ? 90  PHE A CZ  1 
ATOM   562  N  N   . GLU A 1 67 ? -1.055  8.806   -1.346  1.00 13.72 ? 91  GLU A N   1 
ATOM   563  C  CA  . GLU A 1 67 ? 0.058   8.521   -0.439  1.00 13.67 ? 91  GLU A CA  1 
ATOM   564  C  C   . GLU A 1 67 ? 1.235   9.474   -0.698  1.00 13.82 ? 91  GLU A C   1 
ATOM   565  O  O   . GLU A 1 67 ? 1.849   9.993   0.231   1.00 15.67 ? 91  GLU A O   1 
ATOM   566  C  CB  . GLU A 1 67 ? 0.509   7.058   -0.575  1.00 18.30 ? 91  GLU A CB  1 
ATOM   567  C  CG  . GLU A 1 67 ? 1.747   6.750   0.234   1.00 22.23 ? 91  GLU A CG  1 
ATOM   568  C  CD  . GLU A 1 67 ? 2.265   5.342   0.024   1.00 30.12 ? 91  GLU A CD  1 
ATOM   569  O  OE1 . GLU A 1 67 ? 2.596   4.989   -1.132  1.00 34.00 ? 91  GLU A OE1 1 
ATOM   570  O  OE2 . GLU A 1 67 ? 2.363   4.595   1.024   1.00 33.25 ? 91  GLU A OE2 1 
ATOM   571  N  N   . ASP A 1 68 ? 1.545   9.709   -1.970  1.00 15.22 ? 92  ASP A N   1 
ATOM   572  C  CA  . ASP A 1 68 ? 2.579   10.660  -2.350  1.00 15.03 ? 92  ASP A CA  1 
ATOM   573  C  C   . ASP A 1 68 ? 2.247   12.063  -1.842  1.00 14.99 ? 92  ASP A C   1 
ATOM   574  O  O   . ASP A 1 68 ? 3.105   12.753  -1.321  1.00 15.09 ? 92  ASP A O   1 
ATOM   575  C  CB  . ASP A 1 68 ? 2.754   10.683  -3.867  1.00 14.80 ? 92  ASP A CB  1 
ATOM   576  C  CG  . ASP A 1 68 ? 3.988   11.466  -4.309  1.00 17.61 ? 92  ASP A CG  1 
ATOM   577  O  OD1 . ASP A 1 68 ? 5.084   11.114  -3.849  1.00 20.66 ? 92  ASP A OD1 1 
ATOM   578  O  OD2 . ASP A 1 68 ? 3.863   12.414  -5.113  1.00 18.74 ? 92  ASP A OD2 1 
ATOM   579  N  N   . ALA A 1 69 ? 1.000   12.492  -2.000  1.00 12.39 ? 93  ALA A N   1 
ATOM   580  C  CA  . ALA A 1 69 ? 0.633   13.831  -1.547  1.00 13.16 ? 93  ALA A CA  1 
ATOM   581  C  C   . ALA A 1 69 ? 0.831   13.942  -0.041  1.00 14.45 ? 93  ALA A C   1 
ATOM   582  O  O   . ALA A 1 69 ? 1.282   14.977  0.455   1.00 17.47 ? 93  ALA A O   1 
ATOM   583  C  CB  . ALA A 1 69 ? -0.791  14.151  -1.919  1.00 13.75 ? 93  ALA A CB  1 
ATOM   584  N  N   . TYR A 1 70 ? 0.490   12.878  0.689   1.00 11.64 ? 94  TYR A N   1 
ATOM   585  C  CA  . TYR A 1 70 ? 0.632   12.910  2.144   1.00 14.82 ? 94  TYR A CA  1 
ATOM   586  C  C   . TYR A 1 70 ? 2.090   12.979  2.558   1.00 17.39 ? 94  TYR A C   1 
ATOM   587  O  O   . TYR A 1 70 ? 2.427   13.684  3.496   1.00 18.32 ? 94  TYR A O   1 
ATOM   588  C  CB  . TYR A 1 70 ? -0.016  11.701  2.810   1.00 16.13 ? 94  TYR A CB  1 
ATOM   589  C  CG  . TYR A 1 70 ? 0.112   11.752  4.316   1.00 18.47 ? 94  TYR A CG  1 
ATOM   590  C  CD1 . TYR A 1 70 ? -0.525  12.747  5.045   1.00 17.06 ? 94  TYR A CD1 1 
ATOM   591  C  CD2 . TYR A 1 70 ? 0.867   10.814  5.005   1.00 22.67 ? 94  TYR A CD2 1 
ATOM   592  C  CE1 . TYR A 1 70 ? -0.415  12.812  6.429   1.00 21.83 ? 94  TYR A CE1 1 
ATOM   593  C  CE2 . TYR A 1 70 ? 0.984   10.869  6.399   1.00 24.19 ? 94  TYR A CE2 1 
ATOM   594  C  CZ  . TYR A 1 70 ? 0.341   11.872  7.096   1.00 21.59 ? 94  TYR A CZ  1 
ATOM   595  O  OH  . TYR A 1 70 ? 0.447   11.944  8.465   1.00 24.83 ? 94  TYR A OH  1 
ATOM   596  N  N   . ILE A 1 71 ? 2.945   12.228  1.874   1.00 17.32 ? 95  ILE A N   1 
ATOM   597  C  CA  . ILE A 1 71 ? 4.376   12.261  2.150   1.00 20.91 ? 95  ILE A CA  1 
ATOM   598  C  C   . ILE A 1 71 ? 4.930   13.668  1.931   1.00 20.13 ? 95  ILE A C   1 
ATOM   599  O  O   . ILE A 1 71 ? 5.671   14.186  2.759   1.00 18.55 ? 95  ILE A O   1 
ATOM   600  C  CB  . ILE A 1 71 ? 5.140   11.246  1.274   1.00 20.22 ? 95  ILE A CB  1 
ATOM   601  C  CG1 . ILE A 1 71 ? 4.810   9.822   1.725   1.00 21.88 ? 95  ILE A CG1 1 
ATOM   602  C  CG2 . ILE A 1 71 ? 6.649   11.483  1.359   1.00 26.26 ? 95  ILE A CG2 1 
ATOM   603  C  CD1 . ILE A 1 71 ? 5.376   8.756   0.825   1.00 25.61 ? 95  ILE A CD1 1 
ATOM   604  N  N   . LYS A 1 72 ? 4.543   14.304  0.834   1.00 18.11 ? 96  LYS A N   1 
ATOM   605  C  CA  . LYS A 1 72 ? 5.013   15.652  0.571   1.00 19.04 ? 96  LYS A CA  1 
ATOM   606  C  C   . LYS A 1 72 ? 4.441   16.651  1.574   1.00 17.85 ? 96  LYS A C   1 
ATOM   607  O  O   . LYS A 1 72 ? 5.117   17.614  1.942   1.00 21.36 ? 96  LYS A O   1 
ATOM   608  C  CB  . LYS A 1 72 ? 4.678   16.068  -0.861  1.00 18.48 ? 96  LYS A CB  1 
ATOM   609  C  CG  . LYS A 1 72 ? 5.527   15.322  -1.858  1.00 20.16 ? 96  LYS A CG  1 
ATOM   610  C  CD  . LYS A 1 72 ? 5.116   15.593  -3.282  1.00 22.90 ? 96  LYS A CD  1 
ATOM   611  C  CE  . LYS A 1 72 ? 6.219   15.169  -4.255  1.00 26.32 ? 96  LYS A CE  1 
ATOM   612  N  NZ  . LYS A 1 72 ? 6.773   13.826  -3.951  1.00 30.77 ? 96  LYS A NZ  1 
ATOM   613  N  N   . TYR A 1 73 ? 3.223   16.390  2.041   1.00 15.40 ? 97  TYR A N   1 
ATOM   614  C  CA  . TYR A 1 73 ? 2.592   17.231  3.039   1.00 16.63 ? 97  TYR A CA  1 
ATOM   615  C  C   . TYR A 1 73 ? 3.343   17.199  4.383   1.00 19.27 ? 97  TYR A C   1 
ATOM   616  O  O   . TYR A 1 73 ? 3.517   18.244  4.989   1.00 19.25 ? 97  TYR A O   1 
ATOM   617  C  CB  . TYR A 1 73 ? 1.133   16.811  3.252   1.00 17.63 ? 97  TYR A CB  1 
ATOM   618  C  CG  . TYR A 1 73 ? 0.490   17.468  4.457   1.00 17.22 ? 97  TYR A CG  1 
ATOM   619  C  CD1 . TYR A 1 73 ? -0.051  18.734  4.371   1.00 12.37 ? 97  TYR A CD1 1 
ATOM   620  C  CD2 . TYR A 1 73 ? 0.431   16.815  5.679   1.00 19.08 ? 97  TYR A CD2 1 
ATOM   621  C  CE1 . TYR A 1 73 ? -0.639  19.328  5.458   1.00 17.48 ? 97  TYR A CE1 1 
ATOM   622  C  CE2 . TYR A 1 73 ? -0.138  17.411  6.776   1.00 18.65 ? 97  TYR A CE2 1 
ATOM   623  C  CZ  . TYR A 1 73 ? -0.671  18.667  6.661   1.00 19.11 ? 97  TYR A CZ  1 
ATOM   624  O  OH  . TYR A 1 73 ? -1.257  19.258  7.761   1.00 20.30 ? 97  TYR A OH  1 
ATOM   625  N  N   . ARG A 1 74 ? 3.746   16.006  4.844   1.00 22.80 ? 98  ARG A N   1 
ATOM   626  C  CA  . ARG A 1 74 ? 4.490   15.871  6.105   1.00 24.21 ? 98  ARG A CA  1 
ATOM   627  C  C   . ARG A 1 74 ? 5.752   16.694  6.033   1.00 24.86 ? 98  ARG A C   1 
ATOM   628  O  O   . ARG A 1 74 ? 6.065   17.440  6.955   1.00 29.10 ? 98  ARG A O   1 
ATOM   629  C  CB  . ARG A 1 74 ? 4.873   14.417  6.425   1.00 28.68 ? 98  ARG A CB  1 
ATOM   630  C  CG  . ARG A 1 74 ? 4.036   13.346  5.787   1.00 29.24 ? 98  ARG A CG  1 
ATOM   631  C  CD  . ARG A 1 74 ? 4.257   11.961  6.418   1.00 34.38 ? 98  ARG A CD  1 
ATOM   632  N  NE  . ARG A 1 74 ? 5.323   11.206  5.762   1.00 41.99 ? 98  ARG A NE  1 
ATOM   633  C  CZ  . ARG A 1 74 ? 5.458   9.883   5.820   1.00 42.63 ? 98  ARG A CZ  1 
ATOM   634  N  NH1 . ARG A 1 74 ? 4.578   9.145   6.488   1.00 42.85 ? 98  ARG A NH1 1 
ATOM   635  N  NH2 . ARG A 1 74 ? 6.466   9.293   5.190   1.00 42.87 ? 98  ARG A NH2 1 
ATOM   636  N  N   . ALA A 1 75 ? 6.469   16.564  4.922   1.00 22.17 ? 99  ALA A N   1 
ATOM   637  C  CA  . ALA A 1 75 ? 7.708   17.306  4.731   1.00 27.61 ? 99  ALA A CA  1 
ATOM   638  C  C   . ALA A 1 75 ? 7.449   18.805  4.730   1.00 29.29 ? 99  ALA A C   1 
ATOM   639  O  O   . ALA A 1 75 ? 8.251   19.578  5.246   1.00 32.84 ? 99  ALA A O   1 
ATOM   640  C  CB  . ALA A 1 75 ? 8.390   16.887  3.444   1.00 28.39 ? 99  ALA A CB  1 
ATOM   641  N  N   . HIS A 1 76 ? 6.326   19.214  4.151   1.00 25.34 ? 100 HIS A N   1 
ATOM   642  C  CA  . HIS A 1 76 ? 5.984   20.624  4.068   1.00 26.96 ? 100 HIS A CA  1 
ATOM   643  C  C   . HIS A 1 76 ? 5.485   21.133  5.415   1.00 29.11 ? 100 HIS A C   1 
ATOM   644  O  O   . HIS A 1 76 ? 6.277   21.494  6.278   1.00 34.03 ? 100 HIS A O   1 
ATOM   645  C  CB  . HIS A 1 76 ? 4.928   20.856  2.989   1.00 26.61 ? 100 HIS A CB  1 
ATOM   646  C  CG  . HIS A 1 76 ? 4.577   22.302  2.782   1.00 28.99 ? 100 HIS A CG  1 
ATOM   647  N  ND1 . HIS A 1 76 ? 3.734   22.989  3.622   1.00 31.34 ? 100 HIS A ND1 1 
ATOM   648  C  CD2 . HIS A 1 76 ? 4.953   23.172  1.816   1.00 25.43 ? 100 HIS A CD2 1 
ATOM   649  C  CE1 . HIS A 1 76 ? 3.601   24.234  3.182   1.00 27.86 ? 100 HIS A CE1 1 
ATOM   650  N  NE2 . HIS A 1 76 ? 4.328   24.367  2.095   1.00 26.90 ? 100 HIS A NE2 1 
ATOM   651  N  N   . ALA B 1 1  ? -8.380  -8.675  -9.728  1.00 25.62 ? 25  ALA B N   1 
ATOM   652  C  CA  . ALA B 1 1  ? -6.995  -9.107  -9.563  1.00 29.46 ? 25  ALA B CA  1 
ATOM   653  C  C   . ALA B 1 1  ? -6.619  -9.119  -8.088  1.00 24.67 ? 25  ALA B C   1 
ATOM   654  O  O   . ALA B 1 1  ? -6.951  -8.191  -7.357  1.00 22.62 ? 25  ALA B O   1 
ATOM   655  C  CB  . ALA B 1 1  ? -6.056  -8.205  -10.337 1.00 28.71 ? 25  ALA B CB  1 
ATOM   656  N  N   . PHE B 1 2  ? -5.915  -10.164 -7.669  1.00 21.96 ? 26  PHE B N   1 
ATOM   657  C  CA  . PHE B 1 2  ? -5.610  -10.371 -6.262  1.00 24.73 ? 26  PHE B CA  1 
ATOM   658  C  C   . PHE B 1 2  ? -4.835  -9.212  -5.650  1.00 18.69 ? 26  PHE B C   1 
ATOM   659  O  O   . PHE B 1 2  ? -3.855  -8.719  -6.216  1.00 16.24 ? 26  PHE B O   1 
ATOM   660  C  CB  . PHE B 1 2  ? -4.820  -11.660 -6.078  1.00 21.05 ? 26  PHE B CB  1 
ATOM   661  C  CG  . PHE B 1 2  ? -4.336  -11.879 -4.676  1.00 17.13 ? 26  PHE B CG  1 
ATOM   662  C  CD1 . PHE B 1 2  ? -5.159  -12.470 -3.736  1.00 21.21 ? 26  PHE B CD1 1 
ATOM   663  C  CD2 . PHE B 1 2  ? -3.054  -11.507 -4.299  1.00 19.57 ? 26  PHE B CD2 1 
ATOM   664  C  CE1 . PHE B 1 2  ? -4.717  -12.696 -2.441  1.00 15.91 ? 26  PHE B CE1 1 
ATOM   665  C  CE2 . PHE B 1 2  ? -2.612  -11.715 -2.998  1.00 16.33 ? 26  PHE B CE2 1 
ATOM   666  C  CZ  . PHE B 1 2  ? -3.445  -12.313 -2.072  1.00 17.71 ? 26  PHE B CZ  1 
ATOM   667  N  N   . THR B 1 3  ? -5.298  -8.789  -4.483  1.00 19.43 ? 27  THR B N   1 
ATOM   668  C  CA  . THR B 1 3  ? -4.619  -7.778  -3.687  1.00 16.67 ? 27  THR B CA  1 
ATOM   669  C  C   . THR B 1 3  ? -4.669  -8.227  -2.243  1.00 17.59 ? 27  THR B C   1 
ATOM   670  O  O   . THR B 1 3  ? -5.622  -8.885  -1.818  1.00 20.73 ? 27  THR B O   1 
ATOM   671  C  CB  . THR B 1 3  ? -5.256  -6.370  -3.827  1.00 23.67 ? 27  THR B CB  1 
ATOM   672  O  OG1 . THR B 1 3  ? -6.592  -6.389  -3.311  1.00 33.44 ? 27  THR B OG1 1 
ATOM   673  C  CG2 . THR B 1 3  ? -5.273  -5.934  -5.268  1.00 24.08 ? 27  THR B CG2 1 
ATOM   674  N  N   . TYR B 1 4  ? -3.625  -7.891  -1.489  1.00 17.67 ? 28  TYR B N   1 
ATOM   675  C  CA  . TYR B 1 4  ? -3.569  -8.189  -0.070  1.00 18.98 ? 28  TYR B CA  1 
ATOM   676  C  C   . TYR B 1 4  ? -3.216  -6.905  0.663   1.00 16.08 ? 28  TYR B C   1 
ATOM   677  O  O   . TYR B 1 4  ? -2.228  -6.246  0.317   1.00 20.08 ? 28  TYR B O   1 
ATOM   678  C  CB  . TYR B 1 4  ? -2.523  -9.263  0.210   1.00 16.31 ? 28  TYR B CB  1 
ATOM   679  C  CG  . TYR B 1 4  ? -2.418  -9.755  1.634   1.00 13.50 ? 28  TYR B CG  1 
ATOM   680  C  CD1 . TYR B 1 4  ? -3.176  -10.835 2.072   1.00 16.67 ? 28  TYR B CD1 1 
ATOM   681  C  CD2 . TYR B 1 4  ? -1.515  -9.185  2.522   1.00 12.77 ? 28  TYR B CD2 1 
ATOM   682  C  CE1 . TYR B 1 4  ? -3.054  -11.310 3.363   1.00 14.87 ? 28  TYR B CE1 1 
ATOM   683  C  CE2 . TYR B 1 4  ? -1.391  -9.646  3.796   1.00 16.08 ? 28  TYR B CE2 1 
ATOM   684  C  CZ  . TYR B 1 4  ? -2.160  -10.710 4.217   1.00 14.61 ? 28  TYR B CZ  1 
ATOM   685  O  OH  . TYR B 1 4  ? -2.028  -11.168 5.493   1.00 13.97 ? 28  TYR B OH  1 
ATOM   686  N  N   . THR B 1 5  ? -3.991  -6.532  1.662   1.00 23.30 ? 29  THR B N   1 
ATOM   687  C  CA  . THR B 1 5  ? -3.567  -5.370  2.425   1.00 19.81 ? 29  THR B CA  1 
ATOM   688  C  C   . THR B 1 5  ? -2.924  -5.906  3.697   1.00 14.07 ? 29  THR B C   1 
ATOM   689  O  O   . THR B 1 5  ? -3.467  -6.716  4.445   1.00 16.59 ? 29  THR B O   1 
ATOM   690  C  CB  . THR B 1 5  ? -4.707  -4.336  2.690   1.00 22.29 ? 29  THR B CB  1 
ATOM   691  O  OG1 . THR B 1 5  ? -5.266  -3.905  1.434   1.00 27.65 ? 29  THR B OG1 1 
ATOM   692  C  CG2 . THR B 1 5  ? -4.144  -3.091  3.373   1.00 19.81 ? 29  THR B CG2 1 
ATOM   693  N  N   . PHE B 1 6  ? -1.684  -5.491  3.850   1.00 15.16 ? 30  PHE B N   1 
ATOM   694  C  CA  . PHE B 1 6  ? -0.859  -5.875  4.950   1.00 14.11 ? 30  PHE B CA  1 
ATOM   695  C  C   . PHE B 1 6  ? -1.299  -5.139  6.184   1.00 13.92 ? 30  PHE B C   1 
ATOM   696  O  O   . PHE B 1 6  ? -2.128  -4.233  6.109   1.00 14.50 ? 30  PHE B O   1 
ATOM   697  C  CB  . PHE B 1 6  ? 0.602   -5.592  4.593   1.00 12.74 ? 30  PHE B CB  1 
ATOM   698  C  CG  . PHE B 1 6  ? 1.118   -6.544  3.557   1.00 12.27 ? 30  PHE B CG  1 
ATOM   699  C  CD1 . PHE B 1 6  ? 0.900   -6.309  2.196   1.00 11.59 ? 30  PHE B CD1 1 
ATOM   700  C  CD2 . PHE B 1 6  ? 1.726   -7.711  3.947   1.00 13.05 ? 30  PHE B CD2 1 
ATOM   701  C  CE1 . PHE B 1 6  ? 1.341   -7.200  1.254   1.00 12.92 ? 30  PHE B CE1 1 
ATOM   702  C  CE2 . PHE B 1 6  ? 2.184   -8.624  3.009   1.00 12.32 ? 30  PHE B CE2 1 
ATOM   703  C  CZ  . PHE B 1 6  ? 1.986   -8.370  1.659   1.00 13.63 ? 30  PHE B CZ  1 
ATOM   704  N  N   . ASN B 1 7  ? -0.746  -5.530  7.320   1.00 11.21 ? 31  ASN B N   1 
ATOM   705  C  CA  . ASN B 1 7  ? -1.107  -4.889  8.569   1.00 15.79 ? 31  ASN B CA  1 
ATOM   706  C  C   . ASN B 1 7  ? 0.131   -4.551  9.386   1.00 11.09 ? 31  ASN B C   1 
ATOM   707  O  O   . ASN B 1 7  ? 0.365   -5.136  10.436  1.00 15.09 ? 31  ASN B O   1 
ATOM   708  C  CB  . ASN B 1 7  ? -2.060  -5.786  9.366   1.00 13.92 ? 31  ASN B CB  1 
ATOM   709  C  CG  . ASN B 1 7  ? -2.559  -5.120  10.634  1.00 20.53 ? 31  ASN B CG  1 
ATOM   710  O  OD1 . ASN B 1 7  ? -2.666  -3.899  10.697  1.00 22.84 ? 31  ASN B OD1 1 
ATOM   711  N  ND2 . ASN B 1 7  ? -2.869  -5.918  11.645  1.00 24.54 ? 31  ASN B ND2 1 
ATOM   712  N  N   . PHE B 1 8  ? 0.937   -3.618  8.890   1.00 13.08 ? 32  PHE B N   1 
ATOM   713  C  CA  . PHE B 1 8  ? 2.093   -3.141  9.637   1.00 13.30 ? 32  PHE B CA  1 
ATOM   714  C  C   . PHE B 1 8  ? 1.768   -1.858  10.401  1.00 14.34 ? 32  PHE B C   1 
ATOM   715  O  O   . PHE B 1 8  ? 0.991   -1.024  9.944   1.00 17.05 ? 32  PHE B O   1 
ATOM   716  C  CB  . PHE B 1 8  ? 3.290   -2.922  8.705   1.00 12.64 ? 32  PHE B CB  1 
ATOM   717  C  CG  . PHE B 1 8  ? 3.797   -4.199  8.083   1.00 12.53 ? 32  PHE B CG  1 
ATOM   718  C  CD1 . PHE B 1 8  ? 4.488   -5.121  8.851   1.00 12.62 ? 32  PHE B CD1 1 
ATOM   719  C  CD2 . PHE B 1 8  ? 3.530   -4.492  6.754   1.00 13.14 ? 32  PHE B CD2 1 
ATOM   720  C  CE1 . PHE B 1 8  ? 4.944   -6.309  8.295   1.00 11.07 ? 32  PHE B CE1 1 
ATOM   721  C  CE2 . PHE B 1 8  ? 3.966   -5.670  6.172   1.00 12.28 ? 32  PHE B CE2 1 
ATOM   722  C  CZ  . PHE B 1 8  ? 4.674   -6.596  6.934   1.00 13.15 ? 32  PHE B CZ  1 
ATOM   723  N  N   . SER B 1 9  ? 2.369   -1.719  11.575  1.00 15.66 ? 33  SER B N   1 
ATOM   724  C  CA  . SER B 1 9  ? 2.176   -0.537  12.405  1.00 14.75 ? 33  SER B CA  1 
ATOM   725  C  C   . SER B 1 9  ? 3.149   0.558   12.025  1.00 16.94 ? 33  SER B C   1 
ATOM   726  O  O   . SER B 1 9  ? 4.066   0.350   11.240  1.00 13.91 ? 33  SER B O   1 
ATOM   727  C  CB  . SER B 1 9  ? 2.341   -0.899  13.886  1.00 15.22 ? 33  SER B CB  1 
ATOM   728  O  OG  . SER B 1 9  ? 3.680   -1.262  14.164  1.00 16.83 ? 33  SER B OG  1 
ATOM   729  N  N   . LEU B 1 10 ? 2.948   1.744   12.587  1.00 15.43 ? 34  LEU B N   1 
ATOM   730  C  CA  . LEU B 1 10 ? 3.915   2.802   12.421  1.00 18.89 ? 34  LEU B CA  1 
ATOM   731  C  C   . LEU B 1 10 ? 5.274   2.379   12.974  1.00 12.51 ? 34  LEU B C   1 
ATOM   732  O  O   . LEU B 1 10 ? 6.311   2.660   12.369  1.00 14.01 ? 34  LEU B O   1 
ATOM   733  C  CB  . LEU B 1 10 ? 3.412   4.074   13.102  1.00 20.12 ? 34  LEU B CB  1 
ATOM   734  C  CG  . LEU B 1 10 ? 4.325   5.286   13.020  1.00 26.24 ? 34  LEU B CG  1 
ATOM   735  C  CD1 . LEU B 1 10 ? 4.819   5.541   11.605  1.00 32.00 ? 34  LEU B CD1 1 
ATOM   736  C  CD2 . LEU B 1 10 ? 3.515   6.445   13.492  1.00 23.80 ? 34  LEU B CD2 1 
ATOM   737  N  N   . TRP B 1 11 ? 5.267   1.691   14.113  1.00 14.39 ? 35  TRP B N   1 
ATOM   738  C  CA  . TRP B 1 11 ? 6.505   1.174   14.683  1.00 14.57 ? 35  TRP B CA  1 
ATOM   739  C  C   . TRP B 1 11 ? 7.221   0.277   13.674  1.00 13.32 ? 35  TRP B C   1 
ATOM   740  O  O   . TRP B 1 11 ? 8.419   0.412   13.470  1.00 13.26 ? 35  TRP B O   1 
ATOM   741  C  CB  . TRP B 1 11 ? 6.232   0.391   15.955  1.00 13.48 ? 35  TRP B CB  1 
ATOM   742  C  CG  . TRP B 1 11 ? 7.449   0.127   16.800  1.00 14.85 ? 35  TRP B CG  1 
ATOM   743  C  CD1 . TRP B 1 11 ? 8.221   -1.004  16.829  1.00 15.69 ? 35  TRP B CD1 1 
ATOM   744  C  CD2 . TRP B 1 11 ? 8.023   1.031   17.758  1.00 12.80 ? 35  TRP B CD2 1 
ATOM   745  N  NE1 . TRP B 1 11 ? 9.237   -0.858  17.761  1.00 16.16 ? 35  TRP B NE1 1 
ATOM   746  C  CE2 . TRP B 1 11 ? 9.132   0.379   18.341  1.00 18.35 ? 35  TRP B CE2 1 
ATOM   747  C  CE3 . TRP B 1 11 ? 7.698   2.329   18.180  1.00 14.99 ? 35  TRP B CE3 1 
ATOM   748  C  CZ2 . TRP B 1 11 ? 9.928   0.988   19.311  1.00 13.95 ? 35  TRP B CZ2 1 
ATOM   749  C  CZ3 . TRP B 1 11 ? 8.490   2.931   19.150  1.00 17.46 ? 35  TRP B CZ3 1 
ATOM   750  C  CH2 . TRP B 1 11 ? 9.585   2.257   19.701  1.00 16.42 ? 35  TRP B CH2 1 
ATOM   751  N  N   . ASP B 1 12 ? 6.473   -0.632  13.060  1.00 13.86 ? 36  ASP B N   1 
ATOM   752  C  CA  . ASP B 1 12 ? 7.032   -1.502  12.020  1.00 12.14 ? 36  ASP B CA  1 
ATOM   753  C  C   . ASP B 1 12 ? 7.658   -0.700  10.894  1.00 12.09 ? 36  ASP B C   1 
ATOM   754  O  O   . ASP B 1 12 ? 8.734   -1.022  10.431  1.00 14.78 ? 36  ASP B O   1 
ATOM   755  C  CB  . ASP B 1 12 ? 5.960   -2.412  11.414  1.00 13.61 ? 36  ASP B CB  1 
ATOM   756  C  CG  . ASP B 1 12 ? 5.506   -3.503  12.353  1.00 16.01 ? 36  ASP B CG  1 
ATOM   757  O  OD1 . ASP B 1 12 ? 6.352   -4.117  13.049  1.00 17.21 ? 36  ASP B OD1 1 
ATOM   758  O  OD2 . ASP B 1 12 ? 4.285   -3.758  12.378  1.00 15.61 ? 36  ASP B OD2 1 
ATOM   759  N  N   . ASP B 1 13 ? 6.960   0.327   10.428  1.00 13.47 ? 37  ASP B N   1 
ATOM   760  C  CA  . ASP B 1 13 ? 7.427   1.057   9.248   1.00 14.84 ? 37  ASP B CA  1 
ATOM   761  C  C   . ASP B 1 13 ? 8.692   1.854   9.558   1.00 15.33 ? 37  ASP B C   1 
ATOM   762  O  O   . ASP B 1 13 ? 9.539   2.062   8.685   1.00 18.87 ? 37  ASP B O   1 
ATOM   763  C  CB  . ASP B 1 13 ? 6.329   1.988   8.721   1.00 16.38 ? 37  ASP B CB  1 
ATOM   764  C  CG  . ASP B 1 13 ? 5.170   1.235   8.055   1.00 21.24 ? 37  ASP B CG  1 
ATOM   765  O  OD1 . ASP B 1 13 ? 5.334   0.056   7.690   1.00 18.40 ? 37  ASP B OD1 1 
ATOM   766  O  OD2 . ASP B 1 13 ? 4.095   1.845   7.882   1.00 20.39 ? 37  ASP B OD2 1 
ATOM   767  N  N   . LEU B 1 14 ? 8.827   2.272   10.814  1.00 16.66 ? 38  LEU B N   1 
ATOM   768  C  CA  . LEU B 1 14 ? 9.969   3.070   11.244  1.00 16.83 ? 38  LEU B CA  1 
ATOM   769  C  C   . LEU B 1 14 ? 11.172  2.221   11.608  1.00 17.36 ? 38  LEU B C   1 
ATOM   770  O  O   . LEU B 1 14 ? 12.280  2.486   11.159  1.00 18.36 ? 38  LEU B O   1 
ATOM   771  C  CB  . LEU B 1 14 ? 9.586   3.936   12.441  1.00 16.86 ? 38  LEU B CB  1 
ATOM   772  C  CG  . LEU B 1 14 ? 8.608   5.078   12.188  1.00 24.55 ? 38  LEU B CG  1 
ATOM   773  C  CD1 . LEU B 1 14 ? 8.211   5.747   13.502  1.00 25.79 ? 38  LEU B CD1 1 
ATOM   774  C  CD2 . LEU B 1 14 ? 9.245   6.075   11.229  1.00 28.47 ? 38  LEU B CD2 1 
ATOM   775  N  N   . PHE B 1 15 ? 10.942  1.179   12.402  1.00 15.35 ? 39  PHE B N   1 
ATOM   776  C  CA  . PHE B 1 15 ? 12.044  0.468   13.043  1.00 13.18 ? 39  PHE B CA  1 
ATOM   777  C  C   . PHE B 1 15 ? 12.221  -0.952  12.532  1.00 16.48 ? 39  PHE B C   1 
ATOM   778  O  O   . PHE B 1 15 ? 13.242  -1.569  12.786  1.00 20.84 ? 39  PHE B O   1 
ATOM   779  C  CB  . PHE B 1 15 ? 11.853  0.458   14.578  1.00 15.59 ? 39  PHE B CB  1 
ATOM   780  C  CG  . PHE B 1 15 ? 11.745  1.845   15.172  1.00 17.28 ? 39  PHE B CG  1 
ATOM   781  C  CD1 . PHE B 1 15 ? 12.820  2.729   15.110  1.00 15.33 ? 39  PHE B CD1 1 
ATOM   782  C  CD2 . PHE B 1 15 ? 10.572  2.268   15.770  1.00 16.58 ? 39  PHE B CD2 1 
ATOM   783  C  CE1 . PHE B 1 15 ? 12.728  4.016   15.649  1.00 14.99 ? 39  PHE B CE1 1 
ATOM   784  C  CE2 . PHE B 1 15 ? 10.469  3.546   16.298  1.00 16.01 ? 39  PHE B CE2 1 
ATOM   785  C  CZ  . PHE B 1 15 ? 11.554  4.419   16.239  1.00 17.27 ? 39  PHE B CZ  1 
ATOM   786  N  N   . ASN B 1 16 ? 11.227  -1.452  11.805  1.00 16.15 ? 40  ASN B N   1 
ATOM   787  C  CA  . ASN B 1 16 ? 11.290  -2.783  11.216  1.00 15.35 ? 40  ASN B CA  1 
ATOM   788  C  C   . ASN B 1 16 ? 11.115  -2.678  9.690   1.00 17.76 ? 40  ASN B C   1 
ATOM   789  O  O   . ASN B 1 16 ? 10.412  -3.504  9.104   1.00 15.26 ? 40  ASN B O   1 
ATOM   790  C  CB  . ASN B 1 16 ? 10.192  -3.714  11.788  1.00 18.97 ? 40  ASN B CB  1 
ATOM   791  C  CG  . ASN B 1 16 ? 10.310  -3.959  13.306  1.00 22.27 ? 40  ASN B CG  1 
ATOM   792  O  OD1 . ASN B 1 16 ? 11.399  -3.986  13.859  1.00 24.31 ? 40  ASN B OD1 1 
ATOM   793  N  ND2 . ASN B 1 16 ? 9.160   -4.145  13.976  1.00 21.29 ? 40  ASN B ND2 1 
ATOM   794  N  N   . SER B 1 17 ? 11.701  -1.663  9.045   1.00 14.32 ? 41  SER B N   1 
ATOM   795  C  CA  . SER B 1 17 ? 11.337  -1.385  7.647   1.00 14.81 ? 41  SER B CA  1 
ATOM   796  C  C   . SER B 1 17 ? 11.732  -2.553  6.751   1.00 15.75 ? 41  SER B C   1 
ATOM   797  O  O   . SER B 1 17 ? 12.751  -3.196  6.967   1.00 14.71 ? 41  SER B O   1 
ATOM   798  C  CB  . SER B 1 17 ? 11.962  -0.082  7.129   1.00 20.12 ? 41  SER B CB  1 
ATOM   799  O  OG  . SER B 1 17 ? 13.367  -0.058  7.285   1.00 24.16 ? 41  SER B OG  1 
ATOM   800  N  N   . LEU B 1 18 ? 10.882  -2.845  5.773   1.00 14.07 ? 42  LEU B N   1 
ATOM   801  C  CA  . LEU B 1 18 ? 11.110  -3.966  4.867   1.00 13.60 ? 42  LEU B CA  1 
ATOM   802  C  C   . LEU B 1 18 ? 12.226  -3.672  3.891   1.00 12.51 ? 42  LEU B C   1 
ATOM   803  O  O   . LEU B 1 18 ? 12.327  -2.534  3.416   1.00 12.60 ? 42  LEU B O   1 
ATOM   804  C  CB  . LEU B 1 18 ? 9.845   -4.285  4.077   1.00 10.98 ? 42  LEU B CB  1 
ATOM   805  C  CG  . LEU B 1 18 ? 8.642   -4.729  4.933   1.00 10.75 ? 42  LEU B CG  1 
ATOM   806  C  CD1 . LEU B 1 18 ? 7.393   -4.808  4.066   1.00 9.23  ? 42  LEU B CD1 1 
ATOM   807  C  CD2 . LEU B 1 18 ? 8.957   -6.062  5.627   1.00 9.45  ? 42  LEU B CD2 1 
ATOM   808  N  N   . PRO B 1 19 ? 13.014  -4.698  3.538   1.00 12.17 ? 43  PRO B N   1 
ATOM   809  C  CA  . PRO B 1 19 ? 13.934  -4.573  2.407   1.00 13.54 ? 43  PRO B CA  1 
ATOM   810  C  C   . PRO B 1 19 ? 13.159  -4.138  1.174   1.00 13.05 ? 43  PRO B C   1 
ATOM   811  O  O   . PRO B 1 19 ? 11.969  -4.451  1.045   1.00 13.10 ? 43  PRO B O   1 
ATOM   812  C  CB  . PRO B 1 19 ? 14.507  -5.989  2.237   1.00 11.57 ? 43  PRO B CB  1 
ATOM   813  C  CG  . PRO B 1 19 ? 14.324  -6.633  3.546   1.00 11.64 ? 43  PRO B CG  1 
ATOM   814  C  CD  . PRO B 1 19 ? 13.057  -6.040  4.131   1.00 12.69 ? 43  PRO B CD  1 
ATOM   815  N  N   . GLU B 1 20 ? 13.849  -3.466  0.269   1.00 14.28 ? 44  GLU B N   1 
ATOM   816  C  CA  . GLU B 1 20 ? 13.228  -2.875  -0.903  1.00 14.92 ? 44  GLU B CA  1 
ATOM   817  C  C   . GLU B 1 20 ? 12.298  -3.815  -1.655  1.00 13.54 ? 44  GLU B C   1 
ATOM   818  O  O   . GLU B 1 20 ? 11.208  -3.396  -2.039  1.00 14.02 ? 44  GLU B O   1 
ATOM   819  C  CB  . GLU B 1 20 ? 14.296  -2.366  -1.863  1.00 19.76 ? 44  GLU B CB  1 
ATOM   820  C  CG  . GLU B 1 20 ? 13.759  -1.311  -2.813  1.00 32.84 ? 44  GLU B CG  1 
ATOM   821  C  CD  . GLU B 1 20 ? 14.843  -0.669  -3.663  1.00 44.61 ? 44  GLU B CD  1 
ATOM   822  O  OE1 . GLU B 1 20 ? 15.870  -1.334  -3.932  1.00 44.43 ? 44  GLU B OE1 1 
ATOM   823  O  OE2 . GLU B 1 20 ? 14.669  0.507   -4.049  1.00 49.18 ? 44  GLU B OE2 1 
ATOM   824  N  N   . GLN B 1 21 ? 12.722  -5.059  -1.888  1.00 13.23 ? 45  GLN B N   1 
ATOM   825  C  CA  . GLN B 1 21 ? 11.910  -5.933  -2.726  1.00 11.51 ? 45  GLN B CA  1 
ATOM   826  C  C   . GLN B 1 21 ? 10.640  -6.321  -1.966  1.00 14.45 ? 45  GLN B C   1 
ATOM   827  O  O   . GLN B 1 21 ? 9.580   -6.464  -2.568  1.00 12.53 ? 45  GLN B O   1 
ATOM   828  C  CB  . GLN B 1 21 ? 12.680  -7.186  -3.205  1.00 14.22 ? 45  GLN B CB  1 
ATOM   829  C  CG  . GLN B 1 21 ? 13.007  -8.276  -2.143  1.00 16.49 ? 45  GLN B CG  1 
ATOM   830  C  CD  . GLN B 1 21 ? 14.252  -7.952  -1.342  1.00 18.58 ? 45  GLN B CD  1 
ATOM   831  O  OE1 . GLN B 1 21 ? 14.566  -6.781  -1.123  1.00 20.52 ? 45  GLN B OE1 1 
ATOM   832  N  NE2 . GLN B 1 21 ? 14.979  -8.993  -0.910  1.00 18.32 ? 45  GLN B NE2 1 
ATOM   833  N  N   . PHE B 1 22 ? 10.732  -6.473  -0.647  1.00 10.92 ? 46  PHE B N   1 
ATOM   834  C  CA  . PHE B 1 22 ? 9.526   -6.739  0.124   1.00 11.93 ? 46  PHE B CA  1 
ATOM   835  C  C   . PHE B 1 22 ? 8.627   -5.515  0.256   1.00 12.30 ? 46  PHE B C   1 
ATOM   836  O  O   . PHE B 1 22 ? 7.406   -5.636  0.197   1.00 10.71 ? 46  PHE B O   1 
ATOM   837  C  CB  . PHE B 1 22 ? 9.855   -7.309  1.502   1.00 11.06 ? 46  PHE B CB  1 
ATOM   838  C  CG  . PHE B 1 22 ? 10.482  -8.669  1.433   1.00 11.29 ? 46  PHE B CG  1 
ATOM   839  C  CD1 . PHE B 1 22 ? 9.709   -9.810  1.463   1.00 12.36 ? 46  PHE B CD1 1 
ATOM   840  C  CD2 . PHE B 1 22 ? 11.842  -8.800  1.300   1.00 11.18 ? 46  PHE B CD2 1 
ATOM   841  C  CE1 . PHE B 1 22 ? 10.277  -11.084 1.362   1.00 12.86 ? 46  PHE B CE1 1 
ATOM   842  C  CE2 . PHE B 1 22 ? 12.426  -10.062 1.211   1.00 12.84 ? 46  PHE B CE2 1 
ATOM   843  C  CZ  . PHE B 1 22 ? 11.647  -11.203 1.233   1.00 10.67 ? 46  PHE B CZ  1 
ATOM   844  N  N   . GLN B 1 23 ? 9.215   -4.339  0.418   1.00 11.31 ? 47  GLN B N   1 
ATOM   845  C  CA  . GLN B 1 23 ? 8.418   -3.107  0.415   1.00 13.37 ? 47  GLN B CA  1 
ATOM   846  C  C   . GLN B 1 23 ? 7.652   -2.961  -0.900  1.00 13.90 ? 47  GLN B C   1 
ATOM   847  O  O   . GLN B 1 23 ? 6.501   -2.559  -0.915  1.00 11.76 ? 47  GLN B O   1 
ATOM   848  C  CB  . GLN B 1 23 ? 9.298   -1.881  0.631   1.00 13.11 ? 47  GLN B CB  1 
ATOM   849  C  CG  . GLN B 1 23 ? 8.525   -0.541  0.733   1.00 12.09 ? 47  GLN B CG  1 
ATOM   850  C  CD  . GLN B 1 23 ? 7.757   -0.369  2.041   1.00 17.79 ? 47  GLN B CD  1 
ATOM   851  O  OE1 . GLN B 1 23 ? 7.615   -1.293  2.838   1.00 13.42 ? 47  GLN B OE1 1 
ATOM   852  N  NE2 . GLN B 1 23 ? 7.267   0.840   2.266   1.00 17.84 ? 47  GLN B NE2 1 
ATOM   853  N  N   . ARG B 1 24 ? 8.322   -3.288  -2.000  1.00 12.42 ? 48  ARG B N   1 
ATOM   854  C  CA  . ARG B 1 24 ? 7.696   -3.188  -3.295  1.00 15.00 ? 48  ARG B CA  1 
ATOM   855  C  C   . ARG B 1 24 ? 6.477   -4.109  -3.395  1.00 13.65 ? 48  ARG B C   1 
ATOM   856  O  O   . ARG B 1 24 ? 5.446   -3.687  -3.908  1.00 15.84 ? 48  ARG B O   1 
ATOM   857  C  CB  . ARG B 1 24 ? 8.695   -3.512  -4.395  1.00 17.87 ? 48  ARG B CB  1 
ATOM   858  C  CG  . ARG B 1 24 ? 8.128   -3.236  -5.755  1.00 21.82 ? 48  ARG B CG  1 
ATOM   859  C  CD  . ARG B 1 24 ? 9.233   -3.224  -6.791  1.00 22.29 ? 48  ARG B CD  1 
ATOM   860  N  NE  . ARG B 1 24 ? 8.666   -2.813  -8.061  1.00 30.77 ? 48  ARG B NE  1 
ATOM   861  C  CZ  . ARG B 1 24 ? 9.312   -2.846  -9.212  1.00 33.11 ? 48  ARG B CZ  1 
ATOM   862  N  NH1 . ARG B 1 24 ? 10.559  -3.299  -9.255  1.00 31.48 ? 48  ARG B NH1 1 
ATOM   863  N  NH2 . ARG B 1 24 ? 8.697   -2.429  -10.309 1.00 36.78 ? 48  ARG B NH2 1 
HETATM 864  N  N   . MSE B 1 25 ? 6.596   -5.354  -2.919  1.00 10.94 ? 49  MSE B N   1 
HETATM 865  C  CA  . MSE B 1 25 ? 5.472   -6.285  -2.947  1.00 13.03 ? 49  MSE B CA  1 
HETATM 866  C  C   . MSE B 1 25 ? 4.335   -5.760  -2.074  1.00 12.75 ? 49  MSE B C   1 
HETATM 867  O  O   . MSE B 1 25 ? 3.164   -5.965  -2.377  1.00 12.29 ? 49  MSE B O   1 
HETATM 868  C  CB  . MSE B 1 25 ? 5.895   -7.674  -2.457  1.00 12.87 ? 49  MSE B CB  1 
HETATM 869  C  CG  . MSE B 1 25 ? 6.918   -8.314  -3.329  1.00 11.53 ? 49  MSE B CG  1 
HETATM 870  SE SE  . MSE B 1 25 ? 7.518   -10.030 -2.534  1.00 25.52 ? 49  MSE B SE  1 
HETATM 871  C  CE  . MSE B 1 25 ? 7.832   -9.403  -0.830  1.00 23.94 ? 49  MSE B CE  1 
ATOM   872  N  N   . ARG B 1 26 ? 4.696   -5.108  -0.971  1.00 10.92 ? 50  ARG B N   1 
ATOM   873  C  CA  . ARG B 1 26 ? 3.706   -4.586  -0.031  1.00 13.25 ? 50  ARG B CA  1 
ATOM   874  C  C   . ARG B 1 26 ? 2.924   -3.429  -0.660  1.00 12.71 ? 50  ARG B C   1 
ATOM   875  O  O   . ARG B 1 26 ? 1.728   -3.271  -0.433  1.00 15.20 ? 50  ARG B O   1 
ATOM   876  C  CB  . ARG B 1 26 ? 4.388   -4.097  1.266   1.00 13.62 ? 50  ARG B CB  1 
ATOM   877  C  CG  . ARG B 1 26 ? 3.422   -3.512  2.342   1.00 18.09 ? 50  ARG B CG  1 
ATOM   878  C  CD  . ARG B 1 26 ? 3.776   -2.108  2.659   1.00 20.84 ? 50  ARG B CD  1 
ATOM   879  N  NE  . ARG B 1 26 ? 3.123   -1.548  3.847   1.00 14.28 ? 50  ARG B NE  1 
ATOM   880  C  CZ  . ARG B 1 26 ? 3.783   -1.157  4.941   1.00 17.17 ? 50  ARG B CZ  1 
ATOM   881  N  NH1 . ARG B 1 26 ? 5.123   -1.218  4.990   1.00 26.51 ? 50  ARG B NH1 1 
ATOM   882  N  NH2 . ARG B 1 26 ? 3.120   -0.626  5.966   1.00 15.80 ? 50  ARG B NH2 1 
ATOM   883  N  N   . LYS B 1 27 ? 3.613   -2.627  -1.463  1.00 12.40 ? 51  LYS B N   1 
ATOM   884  C  CA  . LYS B 1 27 ? 3.030   -1.387  -1.977  1.00 12.49 ? 51  LYS B CA  1 
ATOM   885  C  C   . LYS B 1 27 ? 2.429   -1.507  -3.380  1.00 14.85 ? 51  LYS B C   1 
ATOM   886  O  O   . LYS B 1 27 ? 1.626   -0.664  -3.775  1.00 14.00 ? 51  LYS B O   1 
ATOM   887  C  CB  . LYS B 1 27 ? 4.082   -0.272  -2.009  1.00 16.12 ? 51  LYS B CB  1 
ATOM   888  C  CG  . LYS B 1 27 ? 4.643   0.141   -0.665  1.00 18.53 ? 51  LYS B CG  1 
ATOM   889  C  CD  . LYS B 1 27 ? 3.540   0.659   0.241   1.00 18.62 ? 51  LYS B CD  1 
ATOM   890  C  CE  . LYS B 1 27 ? 4.136   1.280   1.498   1.00 25.34 ? 51  LYS B CE  1 
ATOM   891  N  NZ  . LYS B 1 27 ? 3.111   1.929   2.361   1.00 22.75 ? 51  LYS B NZ  1 
ATOM   892  N  N   . GLU B 1 28 ? 2.862   -2.509  -4.144  1.00 12.99 ? 52  GLU B N   1 
ATOM   893  C  CA  . GLU B 1 28 ? 2.508   -2.628  -5.563  1.00 14.61 ? 52  GLU B CA  1 
ATOM   894  C  C   . GLU B 1 28 ? 1.912   -3.987  -5.826  1.00 13.47 ? 52  GLU B C   1 
ATOM   895  O  O   . GLU B 1 28 ? 2.647   -4.966  -5.906  1.00 13.90 ? 52  GLU B O   1 
ATOM   896  C  CB  . GLU B 1 28 ? 3.736   -2.435  -6.461  1.00 14.93 ? 52  GLU B CB  1 
ATOM   897  C  CG  . GLU B 1 28 ? 4.495   -1.162  -6.195  1.00 20.48 ? 52  GLU B CG  1 
ATOM   898  C  CD  . GLU B 1 28 ? 5.704   -0.986  -7.105  1.00 25.17 ? 52  GLU B CD  1 
ATOM   899  O  OE1 . GLU B 1 28 ? 6.719   -0.449  -6.633  1.00 31.88 ? 52  GLU B OE1 1 
ATOM   900  O  OE2 . GLU B 1 28 ? 5.641   -1.386  -8.284  1.00 30.46 ? 52  GLU B OE2 1 
ATOM   901  N  N   . PRO B 1 29 ? 0.588   -4.068  -5.922  1.00 14.90 ? 53  PRO B N   1 
ATOM   902  C  CA  . PRO B 1 29 ? -0.076  -5.361  -6.133  1.00 15.46 ? 53  PRO B CA  1 
ATOM   903  C  C   . PRO B 1 29 ? 0.407   -6.134  -7.369  1.00 14.75 ? 53  PRO B C   1 
ATOM   904  O  O   . PRO B 1 29 ? 0.491   -7.373  -7.306  1.00 13.55 ? 53  PRO B O   1 
ATOM   905  C  CB  . PRO B 1 29 ? -1.544  -4.967  -6.279  1.00 16.37 ? 53  PRO B CB  1 
ATOM   906  C  CG  . PRO B 1 29 ? -1.668  -3.775  -5.373  1.00 17.84 ? 53  PRO B CG  1 
ATOM   907  C  CD  . PRO B 1 29 ? -0.370  -3.013  -5.540  1.00 17.05 ? 53  PRO B CD  1 
ATOM   908  N  N   . TRP B 1 30 ? 0.723   -5.454  -8.465  1.00 12.84 ? 54  TRP B N   1 
ATOM   909  C  CA  . TRP B 1 30 ? 1.194   -6.191  -9.637  1.00 16.95 ? 54  TRP B CA  1 
ATOM   910  C  C   . TRP B 1 30 ? 2.526   -6.885  -9.328  1.00 15.70 ? 54  TRP B C   1 
ATOM   911  O  O   . TRP B 1 30 ? 2.803   -7.982  -9.829  1.00 14.69 ? 54  TRP B O   1 
ATOM   912  C  CB  . TRP B 1 30 ? 1.349   -5.272  -10.849 1.00 17.96 ? 54  TRP B CB  1 
ATOM   913  C  CG  . TRP B 1 30 ? 2.602   -4.508  -10.798 1.00 19.49 ? 54  TRP B CG  1 
ATOM   914  C  CD1 . TRP B 1 30 ? 2.802   -3.300  -10.191 1.00 20.74 ? 54  TRP B CD1 1 
ATOM   915  C  CD2 . TRP B 1 30 ? 3.858   -4.891  -11.356 1.00 20.10 ? 54  TRP B CD2 1 
ATOM   916  N  NE1 . TRP B 1 30 ? 4.108   -2.910  -10.340 1.00 23.89 ? 54  TRP B NE1 1 
ATOM   917  C  CE2 . TRP B 1 30 ? 4.776   -3.872  -11.051 1.00 23.74 ? 54  TRP B CE2 1 
ATOM   918  C  CE3 . TRP B 1 30 ? 4.297   -5.997  -12.080 1.00 22.21 ? 54  TRP B CE3 1 
ATOM   919  C  CZ2 . TRP B 1 30 ? 6.109   -3.930  -11.443 1.00 30.50 ? 54  TRP B CZ2 1 
ATOM   920  C  CZ3 . TRP B 1 30 ? 5.614   -6.056  -12.467 1.00 27.95 ? 54  TRP B CZ3 1 
ATOM   921  C  CH2 . TRP B 1 30 ? 6.508   -5.026  -12.152 1.00 29.90 ? 54  TRP B CH2 1 
ATOM   922  N  N   . TYR B 1 31 ? 3.348   -6.276  -8.478  1.00 15.08 ? 55  TYR B N   1 
ATOM   923  C  CA  . TYR B 1 31 ? 4.637   -6.870  -8.149  1.00 14.84 ? 55  TYR B CA  1 
ATOM   924  C  C   . TYR B 1 31 ? 4.468   -8.038  -7.175  1.00 14.79 ? 55  TYR B C   1 
ATOM   925  O  O   . TYR B 1 31 ? 5.154   -9.056  -7.299  1.00 14.50 ? 55  TYR B O   1 
ATOM   926  C  CB  . TYR B 1 31 ? 5.597   -5.827  -7.575  1.00 14.22 ? 55  TYR B CB  1 
ATOM   927  C  CG  . TYR B 1 31 ? 7.037   -6.315  -7.494  1.00 19.22 ? 55  TYR B CG  1 
ATOM   928  C  CD1 . TYR B 1 31 ? 7.792   -6.516  -8.648  1.00 20.81 ? 55  TYR B CD1 1 
ATOM   929  C  CD2 . TYR B 1 31 ? 7.645   -6.559  -6.270  1.00 15.61 ? 55  TYR B CD2 1 
ATOM   930  C  CE1 . TYR B 1 31 ? 9.102   -6.955  -8.580  1.00 20.07 ? 55  TYR B CE1 1 
ATOM   931  C  CE2 . TYR B 1 31 ? 8.966   -6.983  -6.200  1.00 14.11 ? 55  TYR B CE2 1 
ATOM   932  C  CZ  . TYR B 1 31 ? 9.685   -7.183  -7.342  1.00 18.21 ? 55  TYR B CZ  1 
ATOM   933  O  OH  . TYR B 1 31 ? 10.983  -7.618  -7.246  1.00 20.67 ? 55  TYR B OH  1 
ATOM   934  N  N   . LEU B 1 32 ? 3.544   -7.900  -6.226  1.00 14.43 ? 56  LEU B N   1 
ATOM   935  C  CA  . LEU B 1 32 ? 3.217   -9.011  -5.336  1.00 15.20 ? 56  LEU B CA  1 
ATOM   936  C  C   . LEU B 1 32 ? 2.794   -10.219 -6.186  1.00 17.33 ? 56  LEU B C   1 
ATOM   937  O  O   . LEU B 1 32 ? 3.205   -11.369 -5.944  1.00 13.27 ? 56  LEU B O   1 
ATOM   938  C  CB  . LEU B 1 32 ? 2.099   -8.615  -4.359  1.00 12.74 ? 56  LEU B CB  1 
ATOM   939  C  CG  . LEU B 1 32 ? 1.699   -9.631  -3.280  1.00 18.43 ? 56  LEU B CG  1 
ATOM   940  C  CD1 . LEU B 1 32 ? 2.795   -9.710  -2.225  1.00 18.51 ? 56  LEU B CD1 1 
ATOM   941  C  CD2 . LEU B 1 32 ? 0.378   -9.253  -2.606  1.00 20.23 ? 56  LEU B CD2 1 
ATOM   942  N  N   . ARG B 1 33 ? 1.988   -9.943  -7.201  1.00 14.28 ? 57  ARG B N   1 
ATOM   943  C  CA  . ARG B 1 33 ? 1.472   -11.003 -8.050  1.00 15.76 ? 57  ARG B CA  1 
ATOM   944  C  C   . ARG B 1 33 ? 2.580   -11.612 -8.893  1.00 15.18 ? 57  ARG B C   1 
ATOM   945  O  O   . ARG B 1 33 ? 2.678   -12.830 -9.005  1.00 16.83 ? 57  ARG B O   1 
ATOM   946  C  CB  . ARG B 1 33 ? 0.339   -10.474 -8.929  1.00 17.79 ? 57  ARG B CB  1 
ATOM   947  C  CG  . ARG B 1 33 ? -0.948  -10.277 -8.141  1.00 17.13 ? 57  ARG B CG  1 
ATOM   948  C  CD  . ARG B 1 33 ? -2.131  -9.988  -9.050  1.00 19.74 ? 57  ARG B CD  1 
ATOM   949  N  NE  . ARG B 1 33 ? -1.921  -8.827  -9.911  1.00 21.29 ? 57  ARG B NE  1 
ATOM   950  C  CZ  . ARG B 1 33 ? -2.405  -7.609  -9.670  1.00 18.01 ? 57  ARG B CZ  1 
ATOM   951  N  NH1 . ARG B 1 33 ? -3.109  -7.368  -8.577  1.00 20.19 ? 57  ARG B NH1 1 
ATOM   952  N  NH2 . ARG B 1 33 ? -2.166  -6.622  -10.525 1.00 20.79 ? 57  ARG B NH2 1 
ATOM   953  N  N   . ARG B 1 34 ? 3.434   -10.767 -9.453  1.00 16.44 ? 58  ARG B N   1 
ATOM   954  C  CA  . ARG B 1 34 ? 4.549   -11.243 -10.264 1.00 19.52 ? 58  ARG B CA  1 
ATOM   955  C  C   . ARG B 1 34 ? 5.431   -12.204 -9.470  1.00 17.53 ? 58  ARG B C   1 
ATOM   956  O  O   . ARG B 1 34 ? 5.776   -13.288 -9.948  1.00 13.93 ? 58  ARG B O   1 
ATOM   957  C  CB  . ARG B 1 34 ? 5.387   -10.064 -10.782 1.00 21.22 ? 58  ARG B CB  1 
ATOM   958  C  CG  . ARG B 1 34 ? 6.641   -10.473 -11.583 1.00 26.43 ? 58  ARG B CG  1 
ATOM   959  C  CD  . ARG B 1 34 ? 7.527   -9.263  -11.928 1.00 32.68 ? 58  ARG B CD  1 
ATOM   960  N  NE  . ARG B 1 34 ? 8.707   -9.609  -12.733 1.00 36.54 ? 58  ARG B NE  1 
ATOM   961  C  CZ  . ARG B 1 34 ? 9.933   -9.813  -12.249 1.00 35.80 ? 58  ARG B CZ  1 
ATOM   962  N  NH1 . ARG B 1 34 ? 10.173  -9.708  -10.952 1.00 29.79 ? 58  ARG B NH1 1 
ATOM   963  N  NH2 . ARG B 1 34 ? 10.933  -10.130 -13.067 1.00 36.22 ? 58  ARG B NH2 1 
ATOM   964  N  N   . ILE B 1 35 ? 5.794   -11.804 -8.252  1.00 16.04 ? 59  ILE B N   1 
ATOM   965  C  CA  . ILE B 1 35 ? 6.677   -12.621 -7.425  1.00 16.45 ? 59  ILE B CA  1 
ATOM   966  C  C   . ILE B 1 35 ? 5.986   -13.908 -6.976  1.00 13.98 ? 59  ILE B C   1 
ATOM   967  O  O   . ILE B 1 35 ? 6.561   -14.999 -7.067  1.00 16.04 ? 59  ILE B O   1 
ATOM   968  C  CB  . ILE B 1 35 ? 7.173   -11.846 -6.190  1.00 14.48 ? 59  ILE B CB  1 
ATOM   969  C  CG1 . ILE B 1 35 ? 8.012   -10.631 -6.610  1.00 14.99 ? 59  ILE B CG1 1 
ATOM   970  C  CG2 . ILE B 1 35 ? 7.990   -12.754 -5.289  1.00 12.52 ? 59  ILE B CG2 1 
ATOM   971  C  CD1 . ILE B 1 35 ? 9.245   -10.946 -7.510  1.00 13.19 ? 59  ILE B CD1 1 
ATOM   972  N  N   . PHE B 1 36 ? 4.746   -13.799 -6.511  1.00 14.63 ? 60  PHE B N   1 
ATOM   973  C  CA  . PHE B 1 36 ? 3.997   -15.004 -6.123  1.00 15.49 ? 60  PHE B CA  1 
ATOM   974  C  C   . PHE B 1 36 ? 3.809   -16.002 -7.261  1.00 17.02 ? 60  PHE B C   1 
ATOM   975  O  O   . PHE B 1 36 ? 3.847   -17.219 -7.050  1.00 16.04 ? 60  PHE B O   1 
ATOM   976  C  CB  . PHE B 1 36 ? 2.626   -14.626 -5.566  1.00 15.82 ? 60  PHE B CB  1 
ATOM   977  C  CG  . PHE B 1 36 ? 2.670   -14.102 -4.167  1.00 16.13 ? 60  PHE B CG  1 
ATOM   978  C  CD1 . PHE B 1 36 ? 3.874   -13.979 -3.498  1.00 17.25 ? 60  PHE B CD1 1 
ATOM   979  C  CD2 . PHE B 1 36 ? 1.503   -13.734 -3.517  1.00 17.31 ? 60  PHE B CD2 1 
ATOM   980  C  CE1 . PHE B 1 36 ? 3.909   -13.488 -2.190  1.00 16.82 ? 60  PHE B CE1 1 
ATOM   981  C  CE2 . PHE B 1 36 ? 1.526   -13.260 -2.222  1.00 16.98 ? 60  PHE B CE2 1 
ATOM   982  C  CZ  . PHE B 1 36 ? 2.732   -13.143 -1.554  1.00 16.59 ? 60  PHE B CZ  1 
ATOM   983  N  N   . ARG B 1 37 ? 3.583   -15.506 -8.468  1.00 15.93 ? 61  ARG B N   1 
ATOM   984  C  CA  . ARG B 1 37 ? 3.401   -16.430 -9.588  1.00 16.44 ? 61  ARG B CA  1 
ATOM   985  C  C   . ARG B 1 37 ? 4.730   -17.117 -9.934  1.00 17.27 ? 61  ARG B C   1 
ATOM   986  O  O   . ARG B 1 37 ? 4.745   -18.286 -10.285 1.00 18.02 ? 61  ARG B O   1 
ATOM   987  C  CB  . ARG B 1 37 ? 2.830   -15.705 -10.796 1.00 23.35 ? 61  ARG B CB  1 
ATOM   988  C  CG  . ARG B 1 37 ? 3.146   -16.329 -12.149 1.00 23.59 ? 61  ARG B CG  1 
ATOM   989  C  CD  . ARG B 1 37 ? 2.489   -15.502 -13.236 1.00 26.97 ? 61  ARG B CD  1 
ATOM   990  N  NE  . ARG B 1 37 ? 2.350   -14.131 -12.758 1.00 39.49 ? 61  ARG B NE  1 
ATOM   991  C  CZ  . ARG B 1 37 ? 1.564   -13.203 -13.294 1.00 43.54 ? 61  ARG B CZ  1 
ATOM   992  N  NH1 . ARG B 1 37 ? 0.829   -13.475 -14.372 1.00 41.13 ? 61  ARG B NH1 1 
ATOM   993  N  NH2 . ARG B 1 37 ? 1.523   -11.992 -12.742 1.00 31.57 ? 61  ARG B NH2 1 
ATOM   994  N  N   . SER B 1 38 ? 5.846   -16.404 -9.791  1.00 16.73 ? 62  SER B N   1 
ATOM   995  C  CA  . SER B 1 38 ? 7.154   -16.995 -10.045 1.00 17.04 ? 62  SER B CA  1 
ATOM   996  C  C   . SER B 1 38 ? 7.503   -17.999 -8.957  1.00 20.62 ? 62  SER B C   1 
ATOM   997  O  O   . SER B 1 38 ? 8.039   -19.075 -9.229  1.00 17.69 ? 62  SER B O   1 
ATOM   998  C  CB  . SER B 1 38 ? 8.245   -15.928 -10.115 1.00 19.82 ? 62  SER B CB  1 
ATOM   999  O  OG  . SER B 1 38 ? 8.036   -15.026 -11.183 1.00 29.13 ? 62  SER B OG  1 
ATOM   1000 N  N   . TRP B 1 39 ? 7.215   -17.624 -7.714  1.00 18.13 ? 63  TRP B N   1 
ATOM   1001 C  CA  . TRP B 1 39 ? 7.408   -18.521 -6.587  1.00 21.00 ? 63  TRP B CA  1 
ATOM   1002 C  C   . TRP B 1 39 ? 6.593   -19.797 -6.757  1.00 18.48 ? 63  TRP B C   1 
ATOM   1003 O  O   . TRP B 1 39 ? 7.111   -20.901 -6.576  1.00 23.65 ? 63  TRP B O   1 
ATOM   1004 C  CB  . TRP B 1 39 ? 7.013   -17.843 -5.279  1.00 17.90 ? 63  TRP B CB  1 
ATOM   1005 C  CG  . TRP B 1 39 ? 7.263   -18.716 -4.096  1.00 20.16 ? 63  TRP B CG  1 
ATOM   1006 C  CD1 . TRP B 1 39 ? 6.330   -19.328 -3.310  1.00 19.75 ? 63  TRP B CD1 1 
ATOM   1007 C  CD2 . TRP B 1 39 ? 8.540   -19.100 -3.587  1.00 19.22 ? 63  TRP B CD2 1 
ATOM   1008 N  NE1 . TRP B 1 39 ? 6.952   -20.045 -2.320  1.00 23.47 ? 63  TRP B NE1 1 
ATOM   1009 C  CE2 . TRP B 1 39 ? 8.309   -19.931 -2.473  1.00 19.25 ? 63  TRP B CE2 1 
ATOM   1010 C  CE3 . TRP B 1 39 ? 9.860   -18.815 -3.959  1.00 16.82 ? 63  TRP B CE3 1 
ATOM   1011 C  CZ2 . TRP B 1 39 ? 9.344   -20.477 -1.727  1.00 19.14 ? 63  TRP B CZ2 1 
ATOM   1012 C  CZ3 . TRP B 1 39 ? 10.885  -19.357 -3.224  1.00 21.68 ? 63  TRP B CZ3 1 
ATOM   1013 C  CH2 . TRP B 1 39 ? 10.623  -20.181 -2.113  1.00 19.40 ? 63  TRP B CH2 1 
ATOM   1014 N  N   . ARG B 1 40 ? 5.314   -19.644 -7.089  1.00 20.49 ? 64  ARG B N   1 
ATOM   1015 C  CA  . ARG B 1 40 ? 4.437   -20.805 -7.301  1.00 19.67 ? 64  ARG B CA  1 
ATOM   1016 C  C   . ARG B 1 40 ? 4.965   -21.727 -8.400  1.00 26.34 ? 64  ARG B C   1 
ATOM   1017 O  O   . ARG B 1 40 ? 4.921   -22.955 -8.253  1.00 27.50 ? 64  ARG B O   1 
ATOM   1018 C  CB  . ARG B 1 40 ? 3.017   -20.359 -7.649  1.00 21.64 ? 64  ARG B CB  1 
ATOM   1019 C  CG  . ARG B 1 40 ? 2.042   -21.511 -7.893  1.00 26.10 ? 64  ARG B CG  1 
ATOM   1020 C  CD  . ARG B 1 40 ? 0.623   -21.007 -8.199  1.00 31.15 ? 64  ARG B CD  1 
ATOM   1021 N  NE  . ARG B 1 40 ? 0.637   -20.021 -9.280  1.00 39.48 ? 64  ARG B NE  1 
ATOM   1022 C  CZ  . ARG B 1 40 ? -0.392  -19.246 -9.614  1.00 35.38 ? 64  ARG B CZ  1 
ATOM   1023 N  NH1 . ARG B 1 40 ? -1.545  -19.349 -8.968  1.00 39.38 ? 64  ARG B NH1 1 
ATOM   1024 N  NH2 . ARG B 1 40 ? -0.269  -18.373 -10.603 1.00 34.52 ? 64  ARG B NH2 1 
ATOM   1025 N  N   . SER B 1 41 ? 5.455   -21.137 -9.489  1.00 24.33 ? 65  SER B N   1 
ATOM   1026 C  CA  . SER B 1 41 ? 6.005   -21.907 -10.615 1.00 22.78 ? 65  SER B CA  1 
ATOM   1027 C  C   . SER B 1 41 ? 7.241   -22.699 -10.231 1.00 26.42 ? 65  SER B C   1 
ATOM   1028 O  O   . SER B 1 41 ? 7.445   -23.810 -10.712 1.00 31.09 ? 65  SER B O   1 
ATOM   1029 C  CB  . SER B 1 41 ? 6.359   -20.987 -11.787 1.00 28.01 ? 65  SER B CB  1 
ATOM   1030 O  OG  . SER B 1 41 ? 5.188   -20.495 -12.405 1.00 34.18 ? 65  SER B OG  1 
ATOM   1031 N  N   . GLY B 1 42 ? 8.069   -22.119 -9.369  1.00 24.05 ? 66  GLY B N   1 
ATOM   1032 C  CA  . GLY B 1 42 ? 9.349   -22.703 -9.037  1.00 19.87 ? 66  GLY B CA  1 
ATOM   1033 C  C   . GLY B 1 42 ? 9.274   -23.761 -7.962  1.00 23.90 ? 66  GLY B C   1 
ATOM   1034 O  O   . GLY B 1 42 ? 10.286  -24.366 -7.624  1.00 25.09 ? 66  GLY B O   1 
HETATM 1035 N  N   . MSE B 1 43 ? 8.076   -23.975 -7.430  1.00 23.17 ? 67  MSE B N   1 
HETATM 1036 C  CA  . MSE B 1 43 ? 7.830   -25.011 -6.426  1.00 26.94 ? 67  MSE B CA  1 
HETATM 1037 C  C   . MSE B 1 43 ? 8.743   -24.884 -5.208  1.00 28.64 ? 67  MSE B C   1 
HETATM 1038 O  O   . MSE B 1 43 ? 9.128   -25.887 -4.598  1.00 25.64 ? 67  MSE B O   1 
HETATM 1039 C  CB  . MSE B 1 43 ? 7.985   -26.403 -7.046  1.00 28.76 ? 67  MSE B CB  1 
HETATM 1040 C  CG  . MSE B 1 43 ? 6.976   -26.675 -8.145  1.00 29.71 ? 67  MSE B CG  1 
HETATM 1041 SE SE  . MSE B 1 43 ? 5.110   -26.485 -7.588  1.00 58.54 ? 67  MSE B SE  1 
HETATM 1042 C  CE  . MSE B 1 43 ? 4.924   -27.993 -6.476  1.00 37.39 ? 67  MSE B CE  1 
ATOM   1043 N  N   . GLY B 1 44 ? 9.092   -23.648 -4.862  1.00 27.31 ? 68  GLY B N   1 
ATOM   1044 C  CA  . GLY B 1 44 ? 9.898   -23.396 -3.679  1.00 28.13 ? 68  GLY B CA  1 
ATOM   1045 C  C   . GLY B 1 44 ? 9.115   -23.785 -2.444  1.00 24.06 ? 68  GLY B C   1 
ATOM   1046 O  O   . GLY B 1 44 ? 7.885   -23.733 -2.460  1.00 21.59 ? 68  GLY B O   1 
ATOM   1047 N  N   . THR B 1 45 ? 9.809   -24.175 -1.376  1.00 20.20 ? 69  THR B N   1 
ATOM   1048 C  CA  . THR B 1 45 ? 9.110   -24.597 -0.162  1.00 20.48 ? 69  THR B CA  1 
ATOM   1049 C  C   . THR B 1 45 ? 8.932   -23.489 0.868   1.00 21.68 ? 69  THR B C   1 
ATOM   1050 O  O   . THR B 1 45 ? 9.638   -22.486 0.878   1.00 18.28 ? 69  THR B O   1 
ATOM   1051 C  CB  . THR B 1 45 ? 9.825   -25.743 0.553   1.00 19.57 ? 69  THR B CB  1 
ATOM   1052 O  OG1 . THR B 1 45 ? 11.000  -25.237 1.195   1.00 18.26 ? 69  THR B OG1 1 
ATOM   1053 C  CG2 . THR B 1 45 ? 10.188  -26.864 -0.415  1.00 21.73 ? 69  THR B CG2 1 
ATOM   1054 N  N   . SER B 1 46 ? 7.982   -23.702 1.760   1.00 16.77 ? 70  SER B N   1 
ATOM   1055 C  CA  . SER B 1 46 ? 7.708   -22.742 2.798   1.00 13.70 ? 70  SER B CA  1 
ATOM   1056 C  C   . SER B 1 46 ? 8.913   -22.507 3.711   1.00 15.46 ? 70  SER B C   1 
ATOM   1057 O  O   . SER B 1 46 ? 9.174   -21.380 4.102   1.00 13.78 ? 70  SER B O   1 
ATOM   1058 C  CB  . SER B 1 46 ? 6.505   -23.204 3.606   1.00 17.02 ? 70  SER B CB  1 
ATOM   1059 O  OG  . SER B 1 46 ? 6.191   -22.269 4.617   1.00 22.96 ? 70  SER B OG  1 
ATOM   1060 N  N   . ASP B 1 47 ? 9.631   -23.566 4.077   1.00 13.44 ? 71  ASP B N   1 
ATOM   1061 C  CA  . ASP B 1 47 ? 10.779  -23.403 4.960   1.00 11.88 ? 71  ASP B CA  1 
ATOM   1062 C  C   . ASP B 1 47 ? 11.911  -22.664 4.253   1.00 11.81 ? 71  ASP B C   1 
ATOM   1063 O  O   . ASP B 1 47 ? 12.687  -21.959 4.881   1.00 10.88 ? 71  ASP B O   1 
ATOM   1064 C  CB  . ASP B 1 47 ? 11.279  -24.756 5.471   1.00 14.54 ? 71  ASP B CB  1 
ATOM   1065 C  CG  . ASP B 1 47 ? 10.376  -25.351 6.543   1.00 16.58 ? 71  ASP B CG  1 
ATOM   1066 O  OD1 . ASP B 1 47 ? 9.671   -24.592 7.248   1.00 16.10 ? 71  ASP B OD1 1 
ATOM   1067 O  OD2 . ASP B 1 47 ? 10.388  -26.587 6.688   1.00 13.81 ? 71  ASP B OD2 1 
ATOM   1068 N  N   . GLU B 1 48 ? 12.008  -22.834 2.943   1.00 12.31 ? 72  GLU B N   1 
ATOM   1069 C  CA  . GLU B 1 48 ? 13.025  -22.117 2.178   1.00 15.74 ? 72  GLU B CA  1 
ATOM   1070 C  C   . GLU B 1 48 ? 12.682  -20.626 2.131   1.00 12.65 ? 72  GLU B C   1 
ATOM   1071 O  O   . GLU B 1 48 ? 13.561  -19.770 2.298   1.00 11.48 ? 72  GLU B O   1 
ATOM   1072 C  CB  . GLU B 1 48 ? 13.150  -22.678 0.764   1.00 19.63 ? 72  GLU B CB  1 
ATOM   1073 C  CG  . GLU B 1 48 ? 13.801  -24.051 0.729   1.00 20.10 ? 72  GLU B CG  1 
ATOM   1074 C  CD  . GLU B 1 48 ? 13.869  -24.660 -0.662  1.00 23.98 ? 72  GLU B CD  1 
ATOM   1075 O  OE1 . GLU B 1 48 ? 13.085  -24.260 -1.546  1.00 22.99 ? 72  GLU B OE1 1 
ATOM   1076 O  OE2 . GLU B 1 48 ? 14.700  -25.569 -0.860  1.00 31.31 ? 72  GLU B OE2 1 
ATOM   1077 N  N   . ALA B 1 49 ? 11.412  -20.318 1.904   1.00 14.70 ? 73  ALA B N   1 
ATOM   1078 C  CA  . ALA B 1 49 ? 10.980  -18.917 1.915   1.00 13.55 ? 73  ALA B CA  1 
ATOM   1079 C  C   . ALA B 1 49 ? 11.231  -18.254 3.282   1.00 12.37 ? 73  ALA B C   1 
ATOM   1080 O  O   . ALA B 1 49 ? 11.702  -17.111 3.357   1.00 10.67 ? 73  ALA B O   1 
ATOM   1081 C  CB  . ALA B 1 49 ? 9.505   -18.824 1.544   1.00 15.43 ? 73  ALA B CB  1 
ATOM   1082 N  N   . VAL B 1 50 ? 10.933  -18.985 4.359   1.00 10.96 ? 74  VAL B N   1 
ATOM   1083 C  CA  . VAL B 1 50 ? 11.079  -18.434 5.692   1.00 12.67 ? 74  VAL B CA  1 
ATOM   1084 C  C   . VAL B 1 50 ? 12.558  -18.222 6.013   1.00 11.39 ? 74  VAL B C   1 
ATOM   1085 O  O   . VAL B 1 50 ? 12.938  -17.191 6.577   1.00 10.24 ? 74  VAL B O   1 
ATOM   1086 C  CB  . VAL B 1 50 ? 10.411  -19.333 6.754   1.00 10.61 ? 74  VAL B CB  1 
ATOM   1087 C  CG1 . VAL B 1 50 ? 10.761  -18.868 8.166   1.00 12.24 ? 74  VAL B CG1 1 
ATOM   1088 C  CG2 . VAL B 1 50 ? 8.905   -19.333 6.543   1.00 14.37 ? 74  VAL B CG2 1 
ATOM   1089 N  N   . ALA B 1 51 ? 13.383  -19.201 5.644   1.00 12.44 ? 75  ALA B N   1 
ATOM   1090 C  CA  . ALA B 1 51 ? 14.822  -19.094 5.845   1.00 12.99 ? 75  ALA B CA  1 
ATOM   1091 C  C   . ALA B 1 51 ? 15.368  -17.865 5.129   1.00 12.26 ? 75  ALA B C   1 
ATOM   1092 O  O   . ALA B 1 51 ? 16.193  -17.131 5.672   1.00 11.66 ? 75  ALA B O   1 
ATOM   1093 C  CB  . ALA B 1 51 ? 15.536  -20.363 5.352   1.00 14.53 ? 75  ALA B CB  1 
ATOM   1094 N  N   . TYR B 1 52 ? 14.893  -17.628 3.914   1.00 11.43 ? 76  TYR B N   1 
ATOM   1095 C  CA  . TYR B 1 52 ? 15.339  -16.462 3.170   1.00 13.77 ? 76  TYR B CA  1 
ATOM   1096 C  C   . TYR B 1 52 ? 14.873  -15.163 3.821   1.00 12.97 ? 76  TYR B C   1 
ATOM   1097 O  O   . TYR B 1 52 ? 15.654  -14.229 4.004   1.00 10.62 ? 76  TYR B O   1 
ATOM   1098 C  CB  . TYR B 1 52 ? 14.842  -16.512 1.730   1.00 11.43 ? 76  TYR B CB  1 
ATOM   1099 C  CG  . TYR B 1 52 ? 15.175  -15.258 0.958   1.00 9.71  ? 76  TYR B CG  1 
ATOM   1100 C  CD1 . TYR B 1 52 ? 16.483  -14.991 0.527   1.00 13.89 ? 76  TYR B CD1 1 
ATOM   1101 C  CD2 . TYR B 1 52 ? 14.195  -14.328 0.674   1.00 12.01 ? 76  TYR B CD2 1 
ATOM   1102 C  CE1 . TYR B 1 52 ? 16.784  -13.827 -0.161  1.00 15.12 ? 76  TYR B CE1 1 
ATOM   1103 C  CE2 . TYR B 1 52 ? 14.486  -13.175 -0.019  1.00 11.98 ? 76  TYR B CE2 1 
ATOM   1104 C  CZ  . TYR B 1 52 ? 15.773  -12.929 -0.435  1.00 16.38 ? 76  TYR B CZ  1 
ATOM   1105 O  OH  . TYR B 1 52 ? 16.024  -11.763 -1.129  1.00 15.41 ? 76  TYR B OH  1 
HETATM 1106 N  N   . MSE B 1 53 ? 13.592  -15.101 4.181   1.00 12.55 ? 77  MSE B N   1 
HETATM 1107 C  CA  . MSE B 1 53 ? 13.074  -13.875 4.799   1.00 11.21 ? 77  MSE B CA  1 
HETATM 1108 C  C   . MSE B 1 53 ? 13.789  -13.547 6.112   1.00 10.93 ? 77  MSE B C   1 
HETATM 1109 O  O   . MSE B 1 53 ? 14.046  -12.386 6.408   1.00 12.04 ? 77  MSE B O   1 
HETATM 1110 C  CB  . MSE B 1 53 ? 11.561  -13.985 5.011   1.00 9.00  ? 77  MSE B CB  1 
HETATM 1111 C  CG  . MSE B 1 53 ? 10.807  -13.846 3.695   1.00 11.75 ? 77  MSE B CG  1 
HETATM 1112 SE SE  . MSE B 1 53 ? 8.844   -13.835 3.865   1.00 21.45 ? 77  MSE B SE  1 
HETATM 1113 C  CE  . MSE B 1 53 ? 8.621   -15.764 4.134   1.00 16.54 ? 77  MSE B CE  1 
ATOM   1114 N  N   . ARG B 1 54 ? 14.115  -14.582 6.886   1.00 12.61 ? 78  ARG B N   1 
ATOM   1115 C  CA  . ARG B 1 54 ? 14.869  -14.399 8.116   1.00 10.41 ? 78  ARG B CA  1 
ATOM   1116 C  C   . ARG B 1 54 ? 16.255  -13.827 7.828   1.00 13.81 ? 78  ARG B C   1 
ATOM   1117 O  O   . ARG B 1 54 ? 16.719  -12.929 8.526   1.00 16.89 ? 78  ARG B O   1 
ATOM   1118 C  CB  . ARG B 1 54 ? 14.983  -15.728 8.874   1.00 11.54 ? 78  ARG B CB  1 
ATOM   1119 C  CG  . ARG B 1 54 ? 13.667  -16.152 9.520   1.00 12.77 ? 78  ARG B CG  1 
ATOM   1120 C  CD  . ARG B 1 54 ? 13.808  -17.303 10.531  1.00 14.50 ? 78  ARG B CD  1 
ATOM   1121 N  NE  . ARG B 1 54 ? 12.506  -17.512 11.161  1.00 17.22 ? 78  ARG B NE  1 
ATOM   1122 C  CZ  . ARG B 1 54 ? 11.955  -18.689 11.415  1.00 16.02 ? 78  ARG B CZ  1 
ATOM   1123 N  NH1 . ARG B 1 54 ? 12.604  -19.831 11.131  1.00 14.97 ? 78  ARG B NH1 1 
ATOM   1124 N  NH2 . ARG B 1 54 ? 10.754  -18.713 11.985  1.00 16.97 ? 78  ARG B NH2 1 
ATOM   1125 N  N   . SER B 1 55 ? 16.892  -14.325 6.780   1.00 13.18 ? 79  SER B N   1 
ATOM   1126 C  CA  . SER B 1 55 ? 18.234  -13.888 6.439   1.00 17.86 ? 79  SER B CA  1 
ATOM   1127 C  C   . SER B 1 55 ? 18.193  -12.446 5.951   1.00 16.70 ? 79  SER B C   1 
ATOM   1128 O  O   . SER B 1 55 ? 19.199  -11.747 5.981   1.00 18.36 ? 79  SER B O   1 
ATOM   1129 C  CB  . SER B 1 55 ? 18.848  -14.798 5.381   1.00 15.70 ? 79  SER B CB  1 
ATOM   1130 O  OG  . SER B 1 55 ? 18.259  -14.563 4.104   1.00 20.07 ? 79  SER B OG  1 
ATOM   1131 N  N   . GLN B 1 56 ? 17.013  -12.005 5.523   1.00 15.69 ? 80  GLN B N   1 
ATOM   1132 C  CA  . GLN B 1 56 ? 16.853  -10.654 4.999   1.00 15.24 ? 80  GLN B CA  1 
ATOM   1133 C  C   . GLN B 1 56 ? 16.456  -9.704  6.108   1.00 13.88 ? 80  GLN B C   1 
ATOM   1134 O  O   . GLN B 1 56 ? 16.292  -8.512  5.881   1.00 16.51 ? 80  GLN B O   1 
ATOM   1135 C  CB  . GLN B 1 56 ? 15.812  -10.634 3.875   1.00 12.52 ? 80  GLN B CB  1 
ATOM   1136 C  CG  . GLN B 1 56 ? 16.305  -11.223 2.576   1.00 13.35 ? 80  GLN B CG  1 
ATOM   1137 C  CD  . GLN B 1 56 ? 17.220  -10.275 1.836   1.00 20.63 ? 80  GLN B CD  1 
ATOM   1138 O  OE1 . GLN B 1 56 ? 16.837  -9.141  1.515   1.00 20.23 ? 80  GLN B OE1 1 
ATOM   1139 N  NE2 . GLN B 1 56 ? 18.434  -10.733 1.552   1.00 17.25 ? 80  GLN B NE2 1 
ATOM   1140 N  N   . GLY B 1 57 ? 16.306  -10.245 7.311   1.00 14.95 ? 81  GLY B N   1 
ATOM   1141 C  CA  . GLY B 1 57 ? 16.016  -9.432  8.480   1.00 14.91 ? 81  GLY B CA  1 
ATOM   1142 C  C   . GLY B 1 57 ? 14.546  -9.095  8.690   1.00 16.61 ? 81  GLY B C   1 
ATOM   1143 O  O   . GLY B 1 57 ? 14.214  -8.143  9.407   1.00 16.49 ? 81  GLY B O   1 
ATOM   1144 N  N   . LEU B 1 58 ? 13.655  -9.848  8.060   1.00 12.33 ? 82  LEU B N   1 
ATOM   1145 C  CA  . LEU B 1 58 ? 12.225  -9.635  8.277   1.00 11.31 ? 82  LEU B CA  1 
ATOM   1146 C  C   . LEU B 1 58 ? 11.832  -10.084 9.665   1.00 12.15 ? 82  LEU B C   1 
ATOM   1147 O  O   . LEU B 1 58 ? 12.315  -11.091 10.153  1.00 12.38 ? 82  LEU B O   1 
ATOM   1148 C  CB  . LEU B 1 58 ? 11.378  -10.381 7.247   1.00 11.11 ? 82  LEU B CB  1 
ATOM   1149 C  CG  . LEU B 1 58 ? 11.117  -9.607  5.957   1.00 13.82 ? 82  LEU B CG  1 
ATOM   1150 C  CD1 . LEU B 1 58 ? 12.373  -9.413  5.104   1.00 12.79 ? 82  LEU B CD1 1 
ATOM   1151 C  CD2 . LEU B 1 58 ? 10.031  -10.339 5.150   1.00 14.62 ? 82  LEU B CD2 1 
ATOM   1152 N  N   . SER B 1 59 ? 10.939  -9.335  10.283  1.00 11.11 ? 83  SER B N   1 
ATOM   1153 C  CA  . SER B 1 59 ? 10.352  -9.755  11.552  1.00 13.95 ? 83  SER B CA  1 
ATOM   1154 C  C   . SER B 1 59 ? 9.451   -10.971 11.360  1.00 12.26 ? 83  SER B C   1 
ATOM   1155 O  O   . SER B 1 59 ? 8.983   -11.241 10.255  1.00 13.36 ? 83  SER B O   1 
ATOM   1156 C  CB  . SER B 1 59 ? 9.545   -8.614  12.145  1.00 13.42 ? 83  SER B CB  1 
ATOM   1157 O  OG  . SER B 1 59 ? 8.368   -8.443  11.380  1.00 11.83 ? 83  SER B OG  1 
ATOM   1158 N  N   . GLN B 1 60 ? 9.182   -11.698 12.444  1.00 13.79 ? 84  GLN B N   1 
ATOM   1159 C  CA  . GLN B 1 60 ? 8.259   -12.823 12.339  1.00 12.91 ? 84  GLN B CA  1 
ATOM   1160 C  C   . GLN B 1 60 ? 6.872   -12.355 11.911  1.00 12.17 ? 84  GLN B C   1 
ATOM   1161 O  O   . GLN B 1 60 ? 6.172   -13.051 11.161  1.00 13.73 ? 84  GLN B O   1 
ATOM   1162 C  CB  . GLN B 1 60 ? 8.184   -13.591 13.663  1.00 14.57 ? 84  GLN B CB  1 
ATOM   1163 C  CG  . GLN B 1 60 ? 7.380   -14.885 13.544  1.00 15.12 ? 84  GLN B CG  1 
ATOM   1164 C  CD  . GLN B 1 60 ? 8.006   -15.882 12.576  1.00 15.41 ? 84  GLN B CD  1 
ATOM   1165 O  OE1 . GLN B 1 60 ? 9.208   -16.145 12.635  1.00 17.92 ? 84  GLN B OE1 1 
ATOM   1166 N  NE2 . GLN B 1 60 ? 7.199   -16.413 11.655  1.00 17.01 ? 84  GLN B NE2 1 
ATOM   1167 N  N   . LYS B 1 61 ? 6.480   -11.157 12.361  1.00 12.00 ? 85  LYS B N   1 
ATOM   1168 C  CA  . LYS B 1 61 ? 5.211   -10.574 11.935  1.00 12.88 ? 85  LYS B CA  1 
ATOM   1169 C  C   . LYS B 1 61 ? 5.187   -10.401 10.411  1.00 13.99 ? 85  LYS B C   1 
ATOM   1170 O  O   . LYS B 1 61 ? 4.212   -10.754 9.747   1.00 11.80 ? 85  LYS B O   1 
ATOM   1171 C  CB  . LYS B 1 61 ? 4.964   -9.230  12.619  1.00 12.90 ? 85  LYS B CB  1 
ATOM   1172 C  CG  . LYS B 1 61 ? 3.885   -8.417  11.938  1.00 15.54 ? 85  LYS B CG  1 
ATOM   1173 C  CD  . LYS B 1 61 ? 3.006   -7.622  12.889  1.00 26.49 ? 85  LYS B CD  1 
ATOM   1174 C  CE  . LYS B 1 61 ? 3.765   -6.558  13.615  1.00 27.55 ? 85  LYS B CE  1 
ATOM   1175 N  NZ  . LYS B 1 61 ? 2.849   -5.453  14.080  1.00 18.22 ? 85  LYS B NZ  1 
ATOM   1176 N  N   . ALA B 1 62 ? 6.258   -9.864  9.851   1.00 10.55 ? 86  ALA B N   1 
ATOM   1177 C  CA  . ALA B 1 62 ? 6.313   -9.724  8.389   1.00 11.92 ? 86  ALA B CA  1 
ATOM   1178 C  C   . ALA B 1 62 ? 6.254   -11.078 7.685   1.00 11.22 ? 86  ALA B C   1 
ATOM   1179 O  O   . ALA B 1 62 ? 5.532   -11.272 6.701   1.00 9.37  ? 86  ALA B O   1 
ATOM   1180 C  CB  . ALA B 1 62 ? 7.577   -8.978  7.967   1.00 11.66 ? 86  ALA B CB  1 
ATOM   1181 N  N   . ILE B 1 63 ? 7.041   -12.021 8.184   1.00 10.58 ? 87  ILE B N   1 
ATOM   1182 C  CA  . ILE B 1 63 ? 7.071   -13.356 7.591   1.00 10.22 ? 87  ILE B CA  1 
ATOM   1183 C  C   . ILE B 1 63 ? 5.666   -13.969 7.599   1.00 12.53 ? 87  ILE B C   1 
ATOM   1184 O  O   . ILE B 1 63 ? 5.204   -14.485 6.583   1.00 11.77 ? 87  ILE B O   1 
ATOM   1185 C  CB  . ILE B 1 63 ? 8.061   -14.263 8.337   1.00 11.88 ? 87  ILE B CB  1 
ATOM   1186 C  CG1 . ILE B 1 63 ? 9.499   -13.773 8.118   1.00 11.99 ? 87  ILE B CG1 1 
ATOM   1187 C  CG2 . ILE B 1 63 ? 7.920   -15.717 7.899   1.00 11.35 ? 87  ILE B CG2 1 
ATOM   1188 C  CD1 . ILE B 1 63 ? 10.513  -14.366 9.111   1.00 12.97 ? 87  ILE B CD1 1 
ATOM   1189 N  N   . ASP B 1 64 ? 4.975   -13.849 8.727   1.00 11.92 ? 88  ASP B N   1 
ATOM   1190 C  CA  . ASP B 1 64 ? 3.613   -14.367 8.827   1.00 13.37 ? 88  ASP B CA  1 
ATOM   1191 C  C   . ASP B 1 64 ? 2.695   -13.709 7.805   1.00 12.16 ? 88  ASP B C   1 
ATOM   1192 O  O   . ASP B 1 64 ? 1.858   -14.372 7.191   1.00 14.97 ? 88  ASP B O   1 
ATOM   1193 C  CB  . ASP B 1 64 ? 3.042   -14.158 10.233  1.00 13.33 ? 88  ASP B CB  1 
ATOM   1194 C  CG  . ASP B 1 64 ? 3.716   -15.026 11.292  1.00 18.60 ? 88  ASP B CG  1 
ATOM   1195 O  OD1 . ASP B 1 64 ? 4.377   -16.030 10.941  1.00 18.87 ? 88  ASP B OD1 1 
ATOM   1196 O  OD2 . ASP B 1 64 ? 3.568   -14.691 12.487  1.00 24.59 ? 88  ASP B OD2 1 
ATOM   1197 N  N   . GLN B 1 65 ? 2.842   -12.407 7.586   1.00 12.87 ? 89  GLN B N   1 
ATOM   1198 C  CA  . GLN B 1 65 ? 1.891   -11.757 6.686   1.00 13.10 ? 89  GLN B CA  1 
ATOM   1199 C  C   . GLN B 1 65 ? 2.166   -12.084 5.223   1.00 13.11 ? 89  GLN B C   1 
ATOM   1200 O  O   . GLN B 1 65 ? 1.223   -12.240 4.433   1.00 13.98 ? 89  GLN B O   1 
ATOM   1201 C  CB  . GLN B 1 65 ? 1.873   -10.255 6.900   1.00 13.35 ? 89  GLN B CB  1 
ATOM   1202 C  CG  . GLN B 1 65 ? 1.270   -9.896  8.242   1.00 13.71 ? 89  GLN B CG  1 
ATOM   1203 C  CD  . GLN B 1 65 ? 1.056   -8.414  8.414   1.00 15.88 ? 89  GLN B CD  1 
ATOM   1204 O  OE1 . GLN B 1 65 ? 0.957   -7.668  7.435   1.00 12.35 ? 89  GLN B OE1 1 
ATOM   1205 N  NE2 . GLN B 1 65 ? 0.959   -7.979  9.669   1.00 14.20 ? 89  GLN B NE2 1 
ATOM   1206 N  N   . PHE B 1 66 ? 3.432   -12.241 4.863   1.00 10.99 ? 90  PHE B N   1 
ATOM   1207 C  CA  . PHE B 1 66 ? 3.742   -12.666 3.494   1.00 11.90 ? 90  PHE B CA  1 
ATOM   1208 C  C   . PHE B 1 66 ? 3.333   -14.109 3.249   1.00 12.24 ? 90  PHE B C   1 
ATOM   1209 O  O   . PHE B 1 66 ? 2.802   -14.409 2.177   1.00 11.45 ? 90  PHE B O   1 
ATOM   1210 C  CB  . PHE B 1 66 ? 5.226   -12.449 3.162   1.00 12.50 ? 90  PHE B CB  1 
ATOM   1211 C  CG  . PHE B 1 66 ? 5.533   -11.020 2.798   1.00 12.49 ? 90  PHE B CG  1 
ATOM   1212 C  CD1 . PHE B 1 66 ? 5.221   -10.529 1.533   1.00 12.31 ? 90  PHE B CD1 1 
ATOM   1213 C  CD2 . PHE B 1 66 ? 6.080   -10.158 3.729   1.00 13.68 ? 90  PHE B CD2 1 
ATOM   1214 C  CE1 . PHE B 1 66 ? 5.432   -9.202  1.222   1.00 14.22 ? 90  PHE B CE1 1 
ATOM   1215 C  CE2 . PHE B 1 66 ? 6.313   -8.825  3.413   1.00 12.06 ? 90  PHE B CE2 1 
ATOM   1216 C  CZ  . PHE B 1 66 ? 5.993   -8.356  2.145   1.00 10.99 ? 90  PHE B CZ  1 
ATOM   1217 N  N   . GLU B 1 67 ? 3.535   -14.993 4.230   1.00 13.01 ? 91  GLU B N   1 
ATOM   1218 C  CA  . GLU B 1 67 ? 3.041   -16.358 4.077   1.00 14.36 ? 91  GLU B CA  1 
ATOM   1219 C  C   . GLU B 1 67 ? 1.522   -16.367 3.896   1.00 15.06 ? 91  GLU B C   1 
ATOM   1220 O  O   . GLU B 1 67 ? 0.996   -17.007 2.980   1.00 15.75 ? 91  GLU B O   1 
ATOM   1221 C  CB  . GLU B 1 67 ? 3.437   -17.240 5.277   1.00 17.67 ? 91  GLU B CB  1 
ATOM   1222 C  CG  . GLU B 1 67 ? 2.804   -18.624 5.184   1.00 24.22 ? 91  GLU B CG  1 
ATOM   1223 C  CD  . GLU B 1 67 ? 3.109   -19.518 6.369   1.00 31.70 ? 91  GLU B CD  1 
ATOM   1224 O  OE1 . GLU B 1 67 ? 2.954   -19.059 7.523   1.00 35.82 ? 91  GLU B OE1 1 
ATOM   1225 O  OE2 . GLU B 1 67 ? 3.490   -20.688 6.139   1.00 34.67 ? 91  GLU B OE2 1 
ATOM   1226 N  N   . ASP B 1 68 ? 0.818   -15.628 4.760   1.00 15.07 ? 92  ASP B N   1 
ATOM   1227 C  CA  . ASP B 1 68 ? -0.625  -15.461 4.645   1.00 13.34 ? 92  ASP B CA  1 
ATOM   1228 C  C   . ASP B 1 68 ? -1.038  -14.929 3.269   1.00 14.73 ? 92  ASP B C   1 
ATOM   1229 O  O   . ASP B 1 68 ? -1.993  -15.421 2.676   1.00 14.31 ? 92  ASP B O   1 
ATOM   1230 C  CB  . ASP B 1 68 ? -1.147  -14.525 5.738   1.00 14.87 ? 92  ASP B CB  1 
ATOM   1231 C  CG  . ASP B 1 68 ? -2.672  -14.567 5.872   1.00 15.07 ? 92  ASP B CG  1 
ATOM   1232 O  OD1 . ASP B 1 68 ? -3.214  -15.675 6.027   1.00 18.76 ? 92  ASP B OD1 1 
ATOM   1233 O  OD2 . ASP B 1 68 ? -3.325  -13.501 5.864   1.00 18.31 ? 92  ASP B OD2 1 
ATOM   1234 N  N   . ALA B 1 69 ? -0.328  -13.917 2.766   1.00 12.66 ? 93  ALA B N   1 
ATOM   1235 C  CA  . ALA B 1 69 ? -0.660  -13.342 1.468   1.00 13.09 ? 93  ALA B CA  1 
ATOM   1236 C  C   . ALA B 1 69 ? -0.522  -14.406 0.391   1.00 15.44 ? 93  ALA B C   1 
ATOM   1237 O  O   . ALA B 1 69 ? -1.359  -14.506 -0.517  1.00 16.64 ? 93  ALA B O   1 
ATOM   1238 C  CB  . ALA B 1 69 ? 0.236   -12.134 1.162   1.00 14.02 ? 93  ALA B CB  1 
ATOM   1239 N  N   . TYR B 1 70 ? 0.520   -15.231 0.500   1.00 12.61 ? 94  TYR B N   1 
ATOM   1240 C  CA  . TYR B 1 70 ? 0.731   -16.273 -0.504  1.00 15.94 ? 94  TYR B CA  1 
ATOM   1241 C  C   . TYR B 1 70 ? -0.367  -17.342 -0.464  1.00 18.03 ? 94  TYR B C   1 
ATOM   1242 O  O   . TYR B 1 70 ? -0.847  -17.800 -1.509  1.00 19.79 ? 94  TYR B O   1 
ATOM   1243 C  CB  . TYR B 1 70 ? 2.099   -16.930 -0.327  1.00 17.65 ? 94  TYR B CB  1 
ATOM   1244 C  CG  . TYR B 1 70 ? 2.368   -17.961 -1.397  1.00 19.44 ? 94  TYR B CG  1 
ATOM   1245 C  CD1 . TYR B 1 70 ? 2.599   -17.574 -2.707  1.00 17.41 ? 94  TYR B CD1 1 
ATOM   1246 C  CD2 . TYR B 1 70 ? 2.378   -19.314 -1.097  1.00 24.51 ? 94  TYR B CD2 1 
ATOM   1247 C  CE1 . TYR B 1 70 ? 2.841   -18.514 -3.705  1.00 21.17 ? 94  TYR B CE1 1 
ATOM   1248 C  CE2 . TYR B 1 70 ? 2.625   -20.261 -2.086  1.00 23.66 ? 94  TYR B CE2 1 
ATOM   1249 C  CZ  . TYR B 1 70 ? 2.849   -19.857 -3.379  1.00 25.33 ? 94  TYR B CZ  1 
ATOM   1250 O  OH  . TYR B 1 70 ? 3.092   -20.803 -4.355  1.00 23.90 ? 94  TYR B OH  1 
ATOM   1251 N  N   . ILE B 1 71 ? -0.760  -17.748 0.739   1.00 18.72 ? 95  ILE B N   1 
ATOM   1252 C  CA  . ILE B 1 71 ? -1.848  -18.710 0.881   1.00 20.11 ? 95  ILE B CA  1 
ATOM   1253 C  C   . ILE B 1 71 ? -3.125  -18.167 0.241   1.00 19.56 ? 95  ILE B C   1 
ATOM   1254 O  O   . ILE B 1 71 ? -3.763  -18.842 -0.557  1.00 21.82 ? 95  ILE B O   1 
ATOM   1255 C  CB  . ILE B 1 71 ? -2.097  -19.063 2.365   1.00 21.69 ? 95  ILE B CB  1 
ATOM   1256 C  CG1 . ILE B 1 71 ? -0.923  -19.874 2.907   1.00 23.88 ? 95  ILE B CG1 1 
ATOM   1257 C  CG2 . ILE B 1 71 ? -3.392  -19.861 2.529   1.00 24.26 ? 95  ILE B CG2 1 
ATOM   1258 C  CD1 . ILE B 1 71 ? -0.923  -20.008 4.415   1.00 23.01 ? 95  ILE B CD1 1 
ATOM   1259 N  N   . LYS B 1 72 ? -3.473  -16.926 0.549   1.00 19.86 ? 96  LYS B N   1 
ATOM   1260 C  CA  . LYS B 1 72 ? -4.658  -16.327 -0.047  1.00 20.22 ? 96  LYS B CA  1 
ATOM   1261 C  C   . LYS B 1 72 ? -4.514  -16.148 -1.550  1.00 21.19 ? 96  LYS B C   1 
ATOM   1262 O  O   . LYS B 1 72 ? -5.489  -16.322 -2.292  1.00 22.06 ? 96  LYS B O   1 
ATOM   1263 C  CB  . LYS B 1 72 ? -4.978  -14.992 0.628   1.00 18.77 ? 96  LYS B CB  1 
ATOM   1264 C  CG  . LYS B 1 72 ? -5.502  -15.178 2.033   1.00 20.77 ? 96  LYS B CG  1 
ATOM   1265 C  CD  . LYS B 1 72 ? -5.965  -13.871 2.634   1.00 23.92 ? 96  LYS B CD  1 
ATOM   1266 C  CE  . LYS B 1 72 ? -6.828  -14.109 3.874   1.00 24.40 ? 96  LYS B CE  1 
ATOM   1267 N  NZ  . LYS B 1 72 ? -6.243  -15.108 4.810   1.00 33.23 ? 96  LYS B NZ  1 
ATOM   1268 N  N   . TYR B 1 73 ? -3.307  -15.821 -2.005  1.00 18.00 ? 97  TYR B N   1 
ATOM   1269 C  CA  . TYR B 1 73 ? -3.031  -15.748 -3.433  1.00 20.34 ? 97  TYR B CA  1 
ATOM   1270 C  C   . TYR B 1 73 ? -3.270  -17.081 -4.148  1.00 22.31 ? 97  TYR B C   1 
ATOM   1271 O  O   . TYR B 1 73 ? -3.833  -17.103 -5.233  1.00 20.82 ? 97  TYR B O   1 
ATOM   1272 C  CB  . TYR B 1 73 ? -1.594  -15.311 -3.683  1.00 18.61 ? 97  TYR B CB  1 
ATOM   1273 C  CG  . TYR B 1 73 ? -1.169  -15.452 -5.127  1.00 18.16 ? 97  TYR B CG  1 
ATOM   1274 C  CD1 . TYR B 1 73 ? -1.486  -14.474 -6.055  1.00 16.68 ? 97  TYR B CD1 1 
ATOM   1275 C  CD2 . TYR B 1 73 ? -0.450  -16.563 -5.560  1.00 20.03 ? 97  TYR B CD2 1 
ATOM   1276 C  CE1 . TYR B 1 73 ? -1.090  -14.590 -7.369  1.00 22.28 ? 97  TYR B CE1 1 
ATOM   1277 C  CE2 . TYR B 1 73 ? -0.069  -16.690 -6.878  1.00 20.87 ? 97  TYR B CE2 1 
ATOM   1278 C  CZ  . TYR B 1 73 ? -0.389  -15.703 -7.771  1.00 21.21 ? 97  TYR B CZ  1 
ATOM   1279 O  OH  . TYR B 1 73 ? 0.005   -15.823 -9.083  1.00 24.23 ? 97  TYR B OH  1 
ATOM   1280 N  N   . ARG B 1 74 ? -2.801  -18.175 -3.549  1.00 26.36 ? 98  ARG B N   1 
ATOM   1281 C  CA  . ARG B 1 74 ? -2.938  -19.492 -4.160  1.00 28.02 ? 98  ARG B CA  1 
ATOM   1282 C  C   . ARG B 1 74 ? -4.409  -19.838 -4.324  1.00 29.52 ? 98  ARG B C   1 
ATOM   1283 O  O   . ARG B 1 74 ? -4.803  -20.385 -5.345  1.00 31.34 ? 98  ARG B O   1 
ATOM   1284 C  CB  . ARG B 1 74 ? -2.223  -20.567 -3.335  1.00 29.00 ? 98  ARG B CB  1 
ATOM   1285 C  CG  . ARG B 1 74 ? -0.899  -21.011 -3.937  1.00 31.12 ? 98  ARG B CG  1 
ATOM   1286 C  CD  . ARG B 1 74 ? -0.400  -22.310 -3.299  1.00 40.13 ? 98  ARG B CD  1 
ATOM   1287 N  NE  . ARG B 1 74 ? -0.351  -22.228 -1.840  1.00 45.08 ? 98  ARG B NE  1 
ATOM   1288 C  CZ  . ARG B 1 74 ? 0.158   -23.171 -1.051  1.00 44.04 ? 98  ARG B CZ  1 
ATOM   1289 N  NH1 . ARG B 1 74 ? 0.683   -24.268 -1.577  1.00 49.32 ? 98  ARG B NH1 1 
ATOM   1290 N  NH2 . ARG B 1 74 ? 0.156   -23.010 0.262   1.00 41.21 ? 98  ARG B NH2 1 
ATOM   1291 N  N   . ALA B 1 75 ? -5.223  -19.498 -3.328  1.00 29.56 ? 99  ALA B N   1 
ATOM   1292 C  CA  . ALA B 1 75 ? -6.658  -19.771 -3.398  1.00 29.27 ? 99  ALA B CA  1 
ATOM   1293 C  C   . ALA B 1 75 ? -7.323  -18.909 -4.466  1.00 30.48 ? 99  ALA B C   1 
ATOM   1294 O  O   . ALA B 1 75 ? -8.220  -19.362 -5.171  1.00 38.25 ? 99  ALA B O   1 
ATOM   1295 C  CB  . ALA B 1 75 ? -7.317  -19.540 -2.049  1.00 28.17 ? 99  ALA B CB  1 
ATOM   1296 N  N   . HIS B 1 76 ? -6.872  -17.667 -4.589  1.00 28.62 ? 100 HIS B N   1 
ATOM   1297 C  CA  . HIS B 1 76 ? -7.421  -16.736 -5.567  1.00 30.27 ? 100 HIS B CA  1 
ATOM   1298 C  C   . HIS B 1 76 ? -6.850  -17.021 -6.958  1.00 34.45 ? 100 HIS B C   1 
ATOM   1299 O  O   . HIS B 1 76 ? -7.379  -17.839 -7.703  1.00 36.89 ? 100 HIS B O   1 
ATOM   1300 C  CB  . HIS B 1 76 ? -7.118  -15.299 -5.146  1.00 29.14 ? 100 HIS B CB  1 
ATOM   1301 C  CG  . HIS B 1 76 ? -7.643  -14.257 -6.087  1.00 29.66 ? 100 HIS B CG  1 
ATOM   1302 N  ND1 . HIS B 1 76 ? -7.098  -14.027 -7.329  1.00 32.81 ? 100 HIS B ND1 1 
ATOM   1303 C  CD2 . HIS B 1 76 ? -8.639  -13.347 -5.938  1.00 31.09 ? 100 HIS B CD2 1 
ATOM   1304 C  CE1 . HIS B 1 76 ? -7.750  -13.040 -7.922  1.00 31.03 ? 100 HIS B CE1 1 
ATOM   1305 N  NE2 . HIS B 1 76 ? -8.686  -12.612 -7.097  1.00 30.76 ? 100 HIS B NE2 1 
HETATM 1306 O  O   . HOH C 2 .  ? -4.503  22.419  7.629   1.00 26.68 ? 201 HOH A O   1 
HETATM 1307 O  O   . HOH C 2 .  ? 0.256   25.915  -0.115  1.00 27.11 ? 202 HOH A O   1 
HETATM 1308 O  O   . HOH C 2 .  ? 6.083   20.547  8.351   1.00 37.79 ? 203 HOH A O   1 
HETATM 1309 O  O   . HOH C 2 .  ? 1.156   3.376   -2.215  1.00 29.57 ? 204 HOH A O   1 
HETATM 1310 O  O   . HOH C 2 .  ? -1.075  8.964   10.892  1.00 28.42 ? 205 HOH A O   1 
HETATM 1311 O  O   . HOH C 2 .  ? 0.292   26.875  1.857   1.00 34.09 ? 206 HOH A O   1 
HETATM 1312 O  O   . HOH C 2 .  ? 0.689   4.427   -9.653  1.00 33.36 ? 207 HOH A O   1 
HETATM 1313 O  O   . HOH C 2 .  ? -12.590 5.828   -7.860  1.00 20.38 ? 208 HOH A O   1 
HETATM 1314 O  O   . HOH C 2 .  ? -16.345 6.416   4.611   1.00 14.63 ? 209 HOH A O   1 
HETATM 1315 O  O   . HOH C 2 .  ? -9.272  8.131   -10.397 1.00 15.14 ? 210 HOH A O   1 
HETATM 1316 O  O   . HOH C 2 .  ? 0.751   0.490   2.724   1.00 21.90 ? 211 HOH A O   1 
HETATM 1317 O  O   . HOH C 2 .  ? -14.129 12.447  -12.164 1.00 19.94 ? 212 HOH A O   1 
HETATM 1318 O  O   . HOH C 2 .  ? 0.093   4.751   15.043  1.00 25.85 ? 213 HOH A O   1 
HETATM 1319 O  O   . HOH C 2 .  ? -7.475  -0.529  -5.950  1.00 23.44 ? 214 HOH A O   1 
HETATM 1320 O  O   . HOH C 2 .  ? -9.888  15.953  -17.063 1.00 26.23 ? 215 HOH A O   1 
HETATM 1321 O  O   . HOH C 2 .  ? -8.130  19.079  -11.205 1.00 20.92 ? 216 HOH A O   1 
HETATM 1322 O  O   . HOH C 2 .  ? -14.861 4.505   -6.050  1.00 24.86 ? 217 HOH A O   1 
HETATM 1323 O  O   . HOH C 2 .  ? -5.972  19.822  -3.551  1.00 19.72 ? 218 HOH A O   1 
HETATM 1324 O  O   . HOH C 2 .  ? -3.388  20.696  -3.024  1.00 21.92 ? 219 HOH A O   1 
HETATM 1325 O  O   . HOH C 2 .  ? -15.264 1.942   2.843   1.00 22.41 ? 220 HOH A O   1 
HETATM 1326 O  O   . HOH C 2 .  ? -11.326 24.335  -5.107  1.00 22.23 ? 221 HOH A O   1 
HETATM 1327 O  O   . HOH C 2 .  ? -5.196  -1.539  -5.178  1.00 18.23 ? 222 HOH A O   1 
HETATM 1328 O  O   . HOH C 2 .  ? -0.724  -2.962  2.559   1.00 18.29 ? 223 HOH A O   1 
HETATM 1329 O  O   . HOH C 2 .  ? -7.177  6.583   -11.252 1.00 18.44 ? 224 HOH A O   1 
HETATM 1330 O  O   . HOH C 2 .  ? 6.758   18.767  0.100   1.00 26.79 ? 225 HOH A O   1 
HETATM 1331 O  O   . HOH C 2 .  ? -11.590 16.910  -13.167 1.00 32.63 ? 226 HOH A O   1 
HETATM 1332 O  O   . HOH C 2 .  ? -15.696 2.539   -15.163 1.00 33.55 ? 227 HOH A O   1 
HETATM 1333 O  O   . HOH C 2 .  ? -5.409  5.115   -15.342 1.00 27.58 ? 228 HOH A O   1 
HETATM 1334 O  O   . HOH C 2 .  ? -5.246  6.476   -17.723 1.00 22.33 ? 229 HOH A O   1 
HETATM 1335 O  O   . HOH C 2 .  ? -14.619 20.188  -4.880  1.00 34.10 ? 230 HOH A O   1 
HETATM 1336 O  O   . HOH C 2 .  ? 3.241   19.164  -3.538  1.00 22.36 ? 231 HOH A O   1 
HETATM 1337 O  O   . HOH C 2 .  ? 0.854   13.038  -8.854  1.00 22.97 ? 232 HOH A O   1 
HETATM 1338 O  O   . HOH C 2 .  ? -16.272 6.772   -12.989 1.00 22.72 ? 233 HOH A O   1 
HETATM 1339 O  O   . HOH C 2 .  ? -7.448  15.477  -14.762 1.00 15.84 ? 234 HOH A O   1 
HETATM 1340 O  O   . HOH C 2 .  ? 1.172   9.540   9.775   1.00 35.42 ? 235 HOH A O   1 
HETATM 1341 O  O   . HOH C 2 .  ? -9.995  10.981  -11.216 1.00 15.75 ? 236 HOH A O   1 
HETATM 1342 O  O   . HOH C 2 .  ? -15.699 12.617  -8.506  1.00 25.82 ? 237 HOH A O   1 
HETATM 1343 O  O   . HOH C 2 .  ? -7.212  23.764  5.912   1.00 20.00 ? 238 HOH A O   1 
HETATM 1344 O  O   . HOH C 2 .  ? -12.507 11.895  -10.092 1.00 13.09 ? 239 HOH A O   1 
HETATM 1345 O  O   . HOH C 2 .  ? 3.158   6.868   -3.424  1.00 21.49 ? 240 HOH A O   1 
HETATM 1346 O  O   . HOH C 2 .  ? -6.010  -0.200  -9.796  1.00 21.20 ? 241 HOH A O   1 
HETATM 1347 O  O   . HOH C 2 .  ? 5.425   8.359   -3.060  1.00 25.24 ? 242 HOH A O   1 
HETATM 1348 O  O   . HOH C 2 .  ? -8.610  22.644  -8.209  1.00 17.93 ? 243 HOH A O   1 
HETATM 1349 O  O   . HOH C 2 .  ? -5.323  18.495  14.063  1.00 34.90 ? 244 HOH A O   1 
HETATM 1350 O  O   . HOH C 2 .  ? -19.087 9.503   -3.675  1.00 29.06 ? 245 HOH A O   1 
HETATM 1351 O  O   . HOH C 2 .  ? 8.320   20.797  8.261   1.00 38.04 ? 246 HOH A O   1 
HETATM 1352 O  O   . HOH C 2 .  ? -9.661  -3.204  1.671   1.00 22.88 ? 247 HOH A O   1 
HETATM 1353 O  O   . HOH C 2 .  ? -5.287  25.317  5.565   1.00 32.42 ? 248 HOH A O   1 
HETATM 1354 O  O   . HOH C 2 .  ? -2.239  22.046  7.606   1.00 23.94 ? 249 HOH A O   1 
HETATM 1355 O  O   . HOH C 2 .  ? 0.093   24.696  4.477   1.00 32.65 ? 250 HOH A O   1 
HETATM 1356 O  O   . HOH C 2 .  ? 2.424   18.761  -6.717  1.00 30.16 ? 251 HOH A O   1 
HETATM 1357 O  O   . HOH C 2 .  ? -4.201  1.933   -11.159 1.00 16.99 ? 252 HOH A O   1 
HETATM 1358 O  O   . HOH C 2 .  ? -9.762  6.015   -8.343  1.00 16.37 ? 253 HOH A O   1 
HETATM 1359 O  O   . HOH C 2 .  ? 3.059   23.226  -1.881  1.00 31.54 ? 254 HOH A O   1 
HETATM 1360 O  O   . HOH C 2 .  ? -7.311  20.264  -8.763  1.00 20.84 ? 255 HOH A O   1 
HETATM 1361 O  O   . HOH C 2 .  ? -7.524  2.605   -15.393 1.00 38.13 ? 256 HOH A O   1 
HETATM 1362 O  O   . HOH C 2 .  ? -12.783 15.059  -12.285 1.00 32.73 ? 257 HOH A O   1 
HETATM 1363 O  O   . HOH C 2 .  ? -15.255 18.174  -8.643  1.00 32.12 ? 258 HOH A O   1 
HETATM 1364 O  O   . HOH C 2 .  ? -0.963  13.960  17.938  1.00 34.61 ? 259 HOH A O   1 
HETATM 1365 O  O   . HOH C 2 .  ? -16.419 16.510  -4.575  1.00 28.56 ? 260 HOH A O   1 
HETATM 1366 O  O   . HOH C 2 .  ? -5.705  11.972  -20.846 1.00 17.72 ? 261 HOH A O   1 
HETATM 1367 O  O   . HOH C 2 .  ? -10.959 15.835  13.053  1.00 33.36 ? 262 HOH A O   1 
HETATM 1368 O  O   . HOH C 2 .  ? -5.003  7.765   -20.426 1.00 25.39 ? 263 HOH A O   1 
HETATM 1369 O  O   . HOH C 2 .  ? -16.972 6.173   -6.794  1.00 32.61 ? 264 HOH A O   1 
HETATM 1370 O  O   . HOH C 2 .  ? 2.379   27.522  1.216   1.00 33.53 ? 265 HOH A O   1 
HETATM 1371 O  O   . HOH C 2 .  ? -1.518  25.361  5.897   1.00 36.52 ? 266 HOH A O   1 
HETATM 1372 O  O   . HOH C 2 .  ? 4.899   20.321  -2.307  1.00 33.35 ? 267 HOH A O   1 
HETATM 1373 O  O   . HOH C 2 .  ? -10.967 25.554  -2.400  1.00 25.33 ? 268 HOH A O   1 
HETATM 1374 O  O   . HOH C 2 .  ? -17.496 13.897  -7.044  1.00 30.72 ? 269 HOH A O   1 
HETATM 1375 O  O   . HOH C 2 .  ? -15.598 18.268  -5.785  1.00 31.61 ? 270 HOH A O   1 
HETATM 1376 O  O   . HOH C 2 .  ? -16.542 12.875  -10.761 1.00 26.73 ? 271 HOH A O   1 
HETATM 1377 O  O   . HOH C 2 .  ? -0.180  3.672   -12.079 1.00 33.40 ? 272 HOH A O   1 
HETATM 1378 O  O   . HOH C 2 .  ? -5.193  9.018   3.493   1.00 27.59 ? 273 HOH A O   1 
HETATM 1379 O  O   . HOH C 2 .  ? -6.958  8.739   4.491   1.00 30.67 ? 274 HOH A O   1 
HETATM 1380 O  O   . HOH D 2 .  ? 2.515   -12.607 13.345  1.00 30.20 ? 201 HOH B O   1 
HETATM 1381 O  O   . HOH D 2 .  ? 8.130   -4.585  8.936   1.00 13.66 ? 202 HOH B O   1 
HETATM 1382 O  O   . HOH D 2 .  ? 6.509   -22.812 -4.433  1.00 30.33 ? 203 HOH B O   1 
HETATM 1383 O  O   . HOH D 2 .  ? 11.628  -15.221 12.765  1.00 16.48 ? 204 HOH B O   1 
HETATM 1384 O  O   . HOH D 2 .  ? 12.049  -8.409  -9.704  1.00 27.70 ? 205 HOH B O   1 
HETATM 1385 O  O   . HOH D 2 .  ? 7.264   -6.091  11.255  1.00 17.83 ? 206 HOH B O   1 
HETATM 1386 O  O   . HOH D 2 .  ? 4.915   -18.281 9.061   1.00 28.08 ? 207 HOH B O   1 
HETATM 1387 O  O   . HOH D 2 .  ? 8.970   -28.496 -4.339  1.00 26.26 ? 208 HOH B O   1 
HETATM 1388 O  O   . HOH D 2 .  ? 11.568  -3.894  16.494  1.00 29.27 ? 209 HOH B O   1 
HETATM 1389 O  O   . HOH D 2 .  ? 19.599  -13.014 2.412   1.00 21.07 ? 210 HOH B O   1 
HETATM 1390 O  O   . HOH D 2 .  ? 7.720   -10.412 -15.072 1.00 39.78 ? 211 HOH B O   1 
HETATM 1391 O  O   . HOH D 2 .  ? 18.406  -11.464 -2.285  1.00 13.06 ? 212 HOH B O   1 
HETATM 1392 O  O   . HOH D 2 .  ? 4.327   -23.029 -3.555  1.00 31.53 ? 213 HOH B O   1 
HETATM 1393 O  O   . HOH D 2 .  ? 4.355   2.781   4.564   1.00 30.54 ? 214 HOH B O   1 
HETATM 1394 O  O   . HOH D 2 .  ? -7.879  -15.472 -1.460  1.00 26.37 ? 215 HOH B O   1 
HETATM 1395 O  O   . HOH D 2 .  ? 3.774   -3.006  16.188  1.00 21.18 ? 216 HOH B O   1 
HETATM 1396 O  O   . HOH D 2 .  ? 11.222  -0.114  3.146   1.00 25.36 ? 217 HOH B O   1 
HETATM 1397 O  O   . HOH D 2 .  ? 0.599   -5.273  -2.703  1.00 19.75 ? 218 HOH B O   1 
HETATM 1398 O  O   . HOH D 2 .  ? 12.619  -12.924 12.081  1.00 22.42 ? 219 HOH B O   1 
HETATM 1399 O  O   . HOH D 2 .  ? 13.773  -26.041 -3.426  1.00 34.96 ? 220 HOH B O   1 
HETATM 1400 O  O   . HOH D 2 .  ? 12.497  -26.979 2.604   1.00 23.07 ? 221 HOH B O   1 
HETATM 1401 O  O   . HOH D 2 .  ? -1.752  -6.724  -3.052  1.00 21.73 ? 222 HOH B O   1 
HETATM 1402 O  O   . HOH D 2 .  ? 9.095   1.436   6.090   1.00 18.93 ? 223 HOH B O   1 
HETATM 1403 O  O   . HOH D 2 .  ? -1.730  -1.245  9.914   1.00 24.36 ? 224 HOH B O   1 
HETATM 1404 O  O   . HOH D 2 .  ? 15.377  -11.895 10.672  1.00 27.11 ? 225 HOH B O   1 
HETATM 1405 O  O   . HOH D 2 .  ? -2.159  -9.069  7.274   1.00 22.06 ? 226 HOH B O   1 
HETATM 1406 O  O   . HOH D 2 .  ? 1.826   0.905   -6.035  1.00 21.51 ? 227 HOH B O   1 
HETATM 1407 O  O   . HOH D 2 .  ? 5.455   -4.963  15.517  1.00 30.44 ? 228 HOH B O   1 
HETATM 1408 O  O   . HOH D 2 .  ? 15.603  -6.105  7.065   1.00 26.90 ? 229 HOH B O   1 
HETATM 1409 O  O   . HOH D 2 .  ? 15.201  -0.653  14.523  1.00 29.86 ? 230 HOH B O   1 
HETATM 1410 O  O   . HOH D 2 .  ? 2.459   3.956   8.643   1.00 28.53 ? 231 HOH B O   1 
HETATM 1411 O  O   . HOH D 2 .  ? 17.815  -17.792 7.833   1.00 21.99 ? 232 HOH B O   1 
HETATM 1412 O  O   . HOH D 2 .  ? -6.141  -10.819 0.114   1.00 28.25 ? 233 HOH B O   1 
HETATM 1413 O  O   . HOH D 2 .  ? 1.424   0.683   7.747   1.00 17.23 ? 234 HOH B O   1 
HETATM 1414 O  O   . HOH D 2 .  ? 18.115  -7.371  4.105   1.00 30.28 ? 235 HOH B O   1 
HETATM 1415 O  O   . HOH D 2 .  ? 12.488  -5.820  7.885   1.00 17.99 ? 236 HOH B O   1 
HETATM 1416 O  O   . HOH D 2 .  ? -5.515  -12.804 7.458   1.00 33.07 ? 237 HOH B O   1 
HETATM 1417 O  O   . HOH D 2 .  ? -3.741  -21.655 -0.466  1.00 35.89 ? 238 HOH B O   1 
HETATM 1418 O  O   . HOH D 2 .  ? 13.738  0.235   10.071  1.00 22.88 ? 239 HOH B O   1 
HETATM 1419 O  O   . HOH D 2 .  ? 10.970  -23.394 9.457   1.00 19.87 ? 240 HOH B O   1 
HETATM 1420 O  O   . HOH D 2 .  ? 8.582   -1.168  5.551   1.00 13.09 ? 241 HOH B O   1 
HETATM 1421 O  O   . HOH D 2 .  ? -0.265  0.497   -1.973  1.00 16.08 ? 242 HOH B O   1 
HETATM 1422 O  O   . HOH D 2 .  ? 6.816   -2.404  7.591   1.00 18.27 ? 243 HOH B O   1 
HETATM 1423 O  O   . HOH D 2 .  ? -0.912  -13.837 -11.000 1.00 26.15 ? 244 HOH B O   1 
HETATM 1424 O  O   . HOH D 2 .  ? 10.463  -11.090 14.986  1.00 22.57 ? 245 HOH B O   1 
HETATM 1425 O  O   . HOH D 2 .  ? 0.967   -17.000 8.093   1.00 19.80 ? 246 HOH B O   1 
HETATM 1426 O  O   . HOH D 2 .  ? 1.593   -8.997  -12.293 1.00 26.98 ? 247 HOH B O   1 
HETATM 1427 O  O   . HOH D 2 .  ? 7.307   -10.079 14.977  1.00 20.17 ? 248 HOH B O   1 
HETATM 1428 O  O   . HOH D 2 .  ? 9.084   -4.864  16.836  1.00 32.36 ? 249 HOH B O   1 
HETATM 1429 O  O   . HOH D 2 .  ? -1.524  -17.584 7.520   1.00 25.25 ? 250 HOH B O   1 
HETATM 1430 O  O   . HOH D 2 .  ? 17.428  -0.644  -6.360  1.00 38.48 ? 251 HOH B O   1 
HETATM 1431 O  O   . HOH D 2 .  ? 10.146  -6.816  8.891   1.00 14.79 ? 252 HOH B O   1 
HETATM 1432 O  O   . HOH D 2 .  ? -4.654  -3.342  7.464   1.00 29.27 ? 253 HOH B O   1 
HETATM 1433 O  O   . HOH D 2 .  ? 0.120   -0.832  0.272   1.00 22.20 ? 254 HOH B O   1 
HETATM 1434 O  O   . HOH D 2 .  ? 16.831  -3.180  0.736   1.00 33.22 ? 255 HOH B O   1 
HETATM 1435 O  O   . HOH D 2 .  ? -0.316  -2.614  -8.968  1.00 19.52 ? 256 HOH B O   1 
HETATM 1436 O  O   . HOH D 2 .  ? 6.124   1.744   5.049   1.00 30.67 ? 257 HOH B O   1 
HETATM 1437 O  O   . HOH D 2 .  ? 10.411  -0.395  -2.425  1.00 28.41 ? 258 HOH B O   1 
HETATM 1438 O  O   . HOH D 2 .  ? 0.721   2.272   14.791  1.00 19.29 ? 259 HOH B O   1 
HETATM 1439 O  O   . HOH D 2 .  ? 15.675  -4.138  5.772   1.00 30.83 ? 260 HOH B O   1 
HETATM 1440 O  O   . HOH D 2 .  ? 2.493   -0.631  17.582  1.00 22.48 ? 261 HOH B O   1 
HETATM 1441 O  O   . HOH D 2 .  ? 18.584  -16.306 9.550   1.00 29.83 ? 262 HOH B O   1 
HETATM 1442 O  O   . HOH D 2 .  ? 5.638   -11.807 16.103  1.00 34.07 ? 263 HOH B O   1 
HETATM 1443 O  O   . HOH D 2 .  ? 1.516   -0.503  -8.624  1.00 26.47 ? 264 HOH B O   1 
HETATM 1444 O  O   . HOH D 2 .  ? 8.414   0.794   -2.400  1.00 30.12 ? 265 HOH B O   1 
HETATM 1445 O  O   . HOH D 2 .  ? 16.810  -5.009  8.838   1.00 35.90 ? 266 HOH B O   1 
HETATM 1446 O  O   . HOH D 2 .  ? -8.123  -12.251 -1.347  1.00 35.73 ? 267 HOH B O   1 
HETATM 1447 O  O   . HOH D 2 .  ? 10.824  2.128   4.394   1.00 30.10 ? 268 HOH B O   1 
HETATM 1448 O  O   . HOH D 2 .  ? 11.885  -16.254 -1.101  1.00 29.69 ? 269 HOH B O   1 
HETATM 1449 O  O   . HOH D 2 .  ? 10.025  -15.486 -0.834  1.00 34.13 ? 270 HOH B O   1 
# 
